data_1X5L
#
_entry.id   1X5L
#
_entity_poly.entity_id   1
_entity_poly.type   'polypeptide(L)'
_entity_poly.pdbx_seq_one_letter_code
;GSSGSSGQAAPSQVVVIRQERAGQTSVSLLWQEPEQPNGIILEYEIKYYEKDKEMQSYSTLKAVTTRATVSGLKPGTRYV
FQVRARTSAGCGRFSQAMEVETGKPSGPSSG
;
_entity_poly.pdbx_strand_id   A
#
# COMPACT_ATOMS: atom_id res chain seq x y z
N GLY A 1 -24.18 20.82 -3.91
CA GLY A 1 -25.36 20.43 -4.65
C GLY A 1 -25.05 19.64 -5.90
N SER A 2 -24.35 20.27 -6.84
CA SER A 2 -23.98 19.62 -8.09
C SER A 2 -22.64 20.15 -8.61
N SER A 3 -21.60 19.33 -8.47
CA SER A 3 -20.26 19.71 -8.91
C SER A 3 -20.07 19.38 -10.39
N GLY A 4 -19.70 20.40 -11.17
CA GLY A 4 -19.49 20.20 -12.59
C GLY A 4 -18.08 19.74 -12.92
N SER A 5 -17.96 18.76 -13.80
CA SER A 5 -16.65 18.24 -14.18
C SER A 5 -16.75 17.37 -15.44
N SER A 6 -15.61 17.02 -16.00
CA SER A 6 -15.57 16.20 -17.21
C SER A 6 -14.32 15.33 -17.23
N GLY A 7 -14.46 14.12 -17.78
CA GLY A 7 -13.33 13.21 -17.86
C GLY A 7 -13.77 11.75 -17.88
N GLN A 8 -12.90 10.87 -17.40
CA GLN A 8 -13.20 9.44 -17.36
C GLN A 8 -13.51 8.98 -15.94
N ALA A 9 -14.04 7.77 -15.82
CA ALA A 9 -14.38 7.21 -14.52
C ALA A 9 -13.12 6.80 -13.76
N ALA A 10 -13.22 6.78 -12.43
CA ALA A 10 -12.09 6.40 -11.59
C ALA A 10 -11.87 4.89 -11.60
N PRO A 11 -10.62 4.47 -11.37
CA PRO A 11 -10.25 3.05 -11.35
C PRO A 11 -10.82 2.32 -10.14
N SER A 12 -10.83 0.99 -10.21
CA SER A 12 -11.36 0.18 -9.12
C SER A 12 -10.42 0.23 -7.91
N GLN A 13 -10.84 -0.42 -6.83
CA GLN A 13 -10.04 -0.44 -5.60
C GLN A 13 -9.55 -1.85 -5.30
N VAL A 14 -8.23 -2.03 -5.33
CA VAL A 14 -7.64 -3.33 -5.06
C VAL A 14 -8.06 -3.87 -3.69
N VAL A 15 -8.60 -5.08 -3.67
CA VAL A 15 -9.05 -5.70 -2.42
C VAL A 15 -8.27 -6.97 -2.14
N VAL A 16 -7.19 -7.19 -2.89
CA VAL A 16 -6.36 -8.37 -2.72
C VAL A 16 -4.91 -7.99 -2.42
N ILE A 17 -4.45 -8.32 -1.22
CA ILE A 17 -3.09 -8.01 -0.82
C ILE A 17 -2.49 -9.14 0.03
N ARG A 18 -1.25 -9.49 -0.26
CA ARG A 18 -0.56 -10.56 0.47
C ARG A 18 0.88 -10.16 0.78
N GLN A 19 1.41 -10.70 1.87
CA GLN A 19 2.78 -10.40 2.28
C GLN A 19 3.74 -11.45 1.74
N GLU A 20 4.72 -11.00 0.95
CA GLU A 20 5.70 -11.90 0.37
C GLU A 20 6.83 -12.20 1.36
N ARG A 21 7.35 -11.14 1.97
CA ARG A 21 8.43 -11.27 2.94
C ARG A 21 8.43 -10.12 3.93
N ALA A 22 8.21 -10.44 5.21
CA ALA A 22 8.17 -9.42 6.26
C ALA A 22 9.51 -9.33 6.97
N GLY A 23 10.29 -8.31 6.63
CA GLY A 23 11.59 -8.13 7.26
C GLY A 23 11.50 -7.44 8.60
N GLN A 24 12.64 -7.26 9.25
CA GLN A 24 12.69 -6.61 10.55
C GLN A 24 12.36 -5.13 10.44
N THR A 25 12.96 -4.47 9.44
CA THR A 25 12.74 -3.04 9.23
C THR A 25 12.08 -2.80 7.87
N SER A 26 12.06 -3.83 7.03
CA SER A 26 11.46 -3.72 5.71
C SER A 26 10.40 -4.78 5.50
N VAL A 27 9.34 -4.42 4.77
CA VAL A 27 8.24 -5.34 4.51
C VAL A 27 7.85 -5.31 3.04
N SER A 28 7.48 -6.47 2.50
CA SER A 28 7.08 -6.57 1.10
C SER A 28 5.57 -6.77 0.98
N LEU A 29 5.04 -6.49 -0.21
CA LEU A 29 3.61 -6.62 -0.46
C LEU A 29 3.35 -7.29 -1.81
N LEU A 30 2.14 -7.79 -1.99
CA LEU A 30 1.76 -8.45 -3.23
C LEU A 30 0.25 -8.37 -3.47
N TRP A 31 -0.13 -7.59 -4.46
CA TRP A 31 -1.55 -7.42 -4.79
C TRP A 31 -1.81 -7.75 -6.25
N GLN A 32 -3.09 -7.76 -6.64
CA GLN A 32 -3.47 -8.06 -8.01
C GLN A 32 -4.05 -6.83 -8.69
N GLU A 33 -4.25 -6.92 -10.00
CA GLU A 33 -4.80 -5.82 -10.77
C GLU A 33 -6.27 -5.57 -10.40
N PRO A 34 -6.68 -4.29 -10.43
CA PRO A 34 -8.05 -3.89 -10.10
C PRO A 34 -9.05 -4.36 -11.14
N GLU A 35 -10.18 -4.91 -10.68
CA GLU A 35 -11.22 -5.39 -11.59
C GLU A 35 -11.32 -4.50 -12.82
N GLN A 36 -11.70 -3.25 -12.60
CA GLN A 36 -11.84 -2.29 -13.70
C GLN A 36 -10.95 -1.08 -13.49
N PRO A 37 -9.81 -1.05 -14.20
CA PRO A 37 -8.84 0.04 -14.12
C PRO A 37 -9.38 1.33 -14.73
N ASN A 38 -10.22 1.20 -15.73
CA ASN A 38 -10.80 2.36 -16.41
C ASN A 38 -9.71 3.24 -17.02
N GLY A 39 -8.74 2.59 -17.67
CA GLY A 39 -7.66 3.32 -18.29
C GLY A 39 -6.30 2.74 -17.95
N ILE A 40 -5.25 3.52 -18.18
CA ILE A 40 -3.89 3.07 -17.91
C ILE A 40 -3.42 3.54 -16.53
N ILE A 41 -2.94 2.60 -15.72
CA ILE A 41 -2.46 2.92 -14.39
C ILE A 41 -0.97 3.26 -14.40
N LEU A 42 -0.64 4.46 -13.94
CA LEU A 42 0.75 4.90 -13.90
C LEU A 42 1.54 4.10 -12.87
N GLU A 43 1.06 4.10 -11.63
CA GLU A 43 1.73 3.37 -10.55
C GLU A 43 0.82 3.25 -9.34
N TYR A 44 1.11 2.25 -8.50
CA TYR A 44 0.31 2.02 -7.29
C TYR A 44 0.95 2.67 -6.08
N GLU A 45 0.14 3.42 -5.32
CA GLU A 45 0.63 4.10 -4.13
C GLU A 45 0.24 3.34 -2.87
N ILE A 46 1.22 2.97 -2.07
CA ILE A 46 0.97 2.25 -0.83
C ILE A 46 1.12 3.17 0.38
N LYS A 47 0.22 3.00 1.36
CA LYS A 47 0.26 3.81 2.57
C LYS A 47 0.58 2.95 3.79
N TYR A 48 1.69 3.26 4.45
CA TYR A 48 2.11 2.51 5.63
C TYR A 48 2.41 3.45 6.78
N TYR A 49 1.80 3.18 7.93
CA TYR A 49 2.00 4.00 9.12
C TYR A 49 1.93 3.16 10.39
N GLU A 50 2.56 3.65 11.45
CA GLU A 50 2.57 2.94 12.73
C GLU A 50 1.15 2.58 13.17
N LYS A 51 0.84 1.29 13.14
CA LYS A 51 -0.48 0.82 13.54
C LYS A 51 -0.88 1.40 14.89
N ASP A 52 -0.02 1.23 15.88
CA ASP A 52 -0.29 1.74 17.22
C ASP A 52 -0.22 3.26 17.25
N LYS A 53 0.79 3.81 16.57
CA LYS A 53 0.98 5.26 16.51
C LYS A 53 0.49 5.81 15.18
N GLU A 54 -0.66 6.49 15.22
CA GLU A 54 -1.24 7.08 14.02
C GLU A 54 -0.70 8.49 13.79
N MET A 55 0.24 8.61 12.86
CA MET A 55 0.83 9.90 12.54
C MET A 55 0.02 10.63 11.47
N GLN A 56 -0.28 11.90 11.71
CA GLN A 56 -1.05 12.71 10.77
C GLN A 56 -0.47 12.59 9.36
N SER A 57 0.86 12.67 9.27
CA SER A 57 1.54 12.58 7.98
C SER A 57 1.96 11.15 7.68
N TYR A 58 1.20 10.48 6.84
CA TYR A 58 1.50 9.09 6.47
C TYR A 58 2.51 9.03 5.33
N SER A 59 3.25 7.93 5.27
CA SER A 59 4.26 7.75 4.23
C SER A 59 3.71 6.94 3.07
N THR A 60 3.91 7.45 1.86
CA THR A 60 3.43 6.78 0.65
C THR A 60 4.57 6.11 -0.09
N LEU A 61 4.25 5.06 -0.86
CA LEU A 61 5.25 4.33 -1.63
C LEU A 61 4.81 4.15 -3.07
N LYS A 62 5.66 4.56 -4.01
CA LYS A 62 5.35 4.44 -5.43
C LYS A 62 5.83 3.10 -5.97
N ALA A 63 4.90 2.33 -6.53
CA ALA A 63 5.22 1.02 -7.09
C ALA A 63 4.74 0.92 -8.53
N VAL A 64 5.64 0.48 -9.42
CA VAL A 64 5.31 0.33 -10.83
C VAL A 64 4.73 -1.04 -11.12
N THR A 65 5.09 -2.02 -10.28
CA THR A 65 4.60 -3.38 -10.45
C THR A 65 3.71 -3.79 -9.29
N THR A 66 3.13 -4.98 -9.38
CA THR A 66 2.25 -5.49 -8.34
C THR A 66 3.05 -5.86 -7.09
N ARG A 67 4.36 -5.64 -7.13
CA ARG A 67 5.23 -5.95 -6.01
C ARG A 67 5.91 -4.68 -5.49
N ALA A 68 6.03 -4.60 -4.17
CA ALA A 68 6.65 -3.44 -3.53
C ALA A 68 7.26 -3.80 -2.19
N THR A 69 8.18 -2.99 -1.71
CA THR A 69 8.83 -3.22 -0.43
C THR A 69 9.07 -1.92 0.33
N VAL A 70 8.38 -1.76 1.45
CA VAL A 70 8.51 -0.56 2.27
C VAL A 70 9.69 -0.67 3.23
N SER A 71 10.67 0.22 3.07
CA SER A 71 11.86 0.22 3.92
C SER A 71 11.92 1.49 4.75
N GLY A 72 12.60 1.41 5.89
CA GLY A 72 12.74 2.56 6.76
C GLY A 72 11.71 2.56 7.89
N LEU A 73 11.43 1.37 8.41
CA LEU A 73 10.46 1.24 9.49
C LEU A 73 11.15 0.76 10.77
N LYS A 74 10.37 0.67 11.86
CA LYS A 74 10.90 0.23 13.14
C LYS A 74 10.51 -1.21 13.42
N PRO A 75 11.43 -1.96 14.05
CA PRO A 75 11.20 -3.37 14.40
C PRO A 75 10.16 -3.54 15.50
N GLY A 76 9.60 -4.73 15.61
CA GLY A 76 8.60 -5.00 16.63
C GLY A 76 7.54 -3.92 16.69
N THR A 77 7.08 -3.48 15.53
CA THR A 77 6.06 -2.45 15.45
C THR A 77 5.08 -2.71 14.31
N ARG A 78 3.80 -2.84 14.66
CA ARG A 78 2.76 -3.11 13.67
C ARG A 78 2.64 -1.94 12.69
N TYR A 79 2.34 -2.25 11.44
CA TYR A 79 2.19 -1.23 10.41
C TYR A 79 0.98 -1.52 9.53
N VAL A 80 0.15 -0.51 9.31
CA VAL A 80 -1.04 -0.64 8.48
C VAL A 80 -0.76 -0.24 7.04
N PHE A 81 -0.66 -1.25 6.16
CA PHE A 81 -0.40 -0.99 4.75
C PHE A 81 -1.70 -0.81 3.97
N GLN A 82 -1.63 -0.05 2.89
CA GLN A 82 -2.80 0.21 2.06
C GLN A 82 -2.39 0.54 0.62
N VAL A 83 -2.64 -0.39 -0.29
CA VAL A 83 -2.30 -0.21 -1.68
C VAL A 83 -3.48 0.35 -2.47
N ARG A 84 -3.20 1.31 -3.35
CA ARG A 84 -4.24 1.94 -4.16
C ARG A 84 -3.72 2.25 -5.55
N ALA A 85 -4.64 2.29 -6.52
CA ALA A 85 -4.28 2.58 -7.91
C ALA A 85 -4.53 4.04 -8.25
N ARG A 86 -3.60 4.67 -8.94
CA ARG A 86 -3.73 6.06 -9.34
C ARG A 86 -3.68 6.22 -10.84
N THR A 87 -4.61 7.00 -11.39
CA THR A 87 -4.68 7.22 -12.83
C THR A 87 -4.78 8.71 -13.15
N SER A 88 -4.16 9.11 -14.26
CA SER A 88 -4.18 10.50 -14.67
C SER A 88 -5.57 11.12 -14.46
N ALA A 89 -6.59 10.38 -14.86
CA ALA A 89 -7.96 10.86 -14.72
C ALA A 89 -8.23 11.37 -13.31
N GLY A 90 -7.98 10.51 -12.33
CA GLY A 90 -8.20 10.88 -10.93
C GLY A 90 -7.50 9.96 -9.97
N CYS A 91 -8.16 9.64 -8.87
CA CYS A 91 -7.58 8.76 -7.85
C CYS A 91 -8.66 7.85 -7.26
N GLY A 92 -8.27 6.63 -6.92
CA GLY A 92 -9.21 5.68 -6.34
C GLY A 92 -9.09 5.61 -4.82
N ARG A 93 -9.84 4.68 -4.23
CA ARG A 93 -9.81 4.51 -2.78
C ARG A 93 -8.68 3.58 -2.36
N PHE A 94 -8.43 3.52 -1.06
CA PHE A 94 -7.37 2.67 -0.53
C PHE A 94 -7.90 1.28 -0.19
N SER A 95 -7.06 0.27 -0.38
CA SER A 95 -7.45 -1.11 -0.11
C SER A 95 -7.82 -1.29 1.36
N GLN A 96 -8.23 -2.50 1.72
CA GLN A 96 -8.61 -2.79 3.09
C GLN A 96 -7.43 -2.60 4.04
N ALA A 97 -7.73 -2.25 5.28
CA ALA A 97 -6.70 -2.04 6.29
C ALA A 97 -5.93 -3.33 6.56
N MET A 98 -4.72 -3.42 6.01
CA MET A 98 -3.89 -4.60 6.20
C MET A 98 -2.99 -4.44 7.42
N GLU A 99 -3.02 -5.42 8.31
CA GLU A 99 -2.21 -5.38 9.52
C GLU A 99 -1.01 -6.31 9.40
N VAL A 100 0.18 -5.76 9.58
CA VAL A 100 1.42 -6.53 9.50
C VAL A 100 2.41 -6.11 10.57
N GLU A 101 3.07 -7.09 11.17
CA GLU A 101 4.05 -6.83 12.22
C GLU A 101 5.45 -7.26 11.79
N THR A 102 6.41 -6.35 11.92
CA THR A 102 7.79 -6.65 11.55
C THR A 102 8.44 -7.59 12.55
N GLY A 103 9.64 -8.07 12.21
CA GLY A 103 10.35 -8.99 13.08
C GLY A 103 10.90 -8.29 14.31
N LYS A 104 10.54 -8.79 15.49
CA LYS A 104 10.99 -8.22 16.74
C LYS A 104 12.52 -8.29 16.85
N PRO A 105 13.11 -7.30 17.55
CA PRO A 105 14.56 -7.25 17.74
C PRO A 105 15.07 -8.35 18.68
N SER A 106 14.24 -8.71 19.65
CA SER A 106 14.62 -9.75 20.60
C SER A 106 15.46 -10.83 19.93
N GLY A 107 15.02 -11.27 18.76
CA GLY A 107 15.74 -12.30 18.03
C GLY A 107 15.23 -12.48 16.62
N PRO A 108 15.68 -13.56 15.96
CA PRO A 108 15.27 -13.87 14.59
C PRO A 108 13.82 -14.31 14.49
N SER A 109 13.35 -14.54 13.27
CA SER A 109 11.97 -14.95 13.05
C SER A 109 11.76 -16.41 13.46
N SER A 110 12.64 -17.28 12.97
CA SER A 110 12.56 -18.70 13.28
C SER A 110 13.71 -19.14 14.19
N GLY A 111 13.49 -20.23 14.92
CA GLY A 111 14.53 -20.72 15.82
C GLY A 111 14.19 -22.08 16.38
N GLY A 1 -14.21 24.60 -20.68
CA GLY A 1 -14.17 23.27 -20.11
C GLY A 1 -14.05 22.18 -21.17
N SER A 2 -14.79 21.09 -21.00
CA SER A 2 -14.76 20.00 -21.95
C SER A 2 -16.12 19.80 -22.60
N SER A 3 -16.17 18.97 -23.65
CA SER A 3 -17.40 18.70 -24.36
C SER A 3 -17.71 17.21 -24.39
N GLY A 4 -18.92 16.86 -24.80
CA GLY A 4 -19.31 15.46 -24.86
C GLY A 4 -18.73 14.64 -23.72
N SER A 5 -17.96 13.62 -24.07
CA SER A 5 -17.34 12.75 -23.08
C SER A 5 -16.19 13.47 -22.36
N SER A 6 -16.46 13.92 -21.15
CA SER A 6 -15.45 14.63 -20.37
C SER A 6 -14.11 13.90 -20.41
N GLY A 7 -14.16 12.58 -20.19
CA GLY A 7 -12.95 11.78 -20.21
C GLY A 7 -13.17 10.39 -19.65
N GLN A 8 -12.30 9.98 -18.74
CA GLN A 8 -12.40 8.65 -18.13
C GLN A 8 -12.83 8.74 -16.67
N ALA A 9 -13.06 7.60 -16.05
CA ALA A 9 -13.47 7.56 -14.65
C ALA A 9 -12.30 7.17 -13.74
N ALA A 10 -12.50 7.30 -12.44
CA ALA A 10 -11.46 6.96 -11.47
C ALA A 10 -11.22 5.45 -11.42
N PRO A 11 -9.96 5.06 -11.18
CA PRO A 11 -9.58 3.64 -11.11
C PRO A 11 -10.14 2.96 -9.87
N SER A 12 -10.58 1.70 -10.04
CA SER A 12 -11.14 0.94 -8.94
C SER A 12 -10.14 0.85 -7.77
N GLN A 13 -10.63 0.39 -6.62
CA GLN A 13 -9.79 0.26 -5.44
C GLN A 13 -9.33 -1.19 -5.25
N VAL A 14 -8.04 -1.36 -5.04
CA VAL A 14 -7.47 -2.70 -4.85
C VAL A 14 -7.99 -3.33 -3.56
N VAL A 15 -8.56 -4.52 -3.68
CA VAL A 15 -9.09 -5.24 -2.53
C VAL A 15 -8.34 -6.55 -2.30
N VAL A 16 -7.17 -6.66 -2.90
CA VAL A 16 -6.36 -7.86 -2.77
C VAL A 16 -4.90 -7.52 -2.49
N ILE A 17 -4.44 -7.84 -1.28
CA ILE A 17 -3.07 -7.56 -0.90
C ILE A 17 -2.49 -8.69 -0.04
N ARG A 18 -1.25 -9.07 -0.32
CA ARG A 18 -0.60 -10.14 0.42
C ARG A 18 0.83 -9.74 0.80
N GLN A 19 1.46 -10.57 1.63
CA GLN A 19 2.83 -10.30 2.07
C GLN A 19 3.77 -11.40 1.61
N GLU A 20 4.74 -11.03 0.77
CA GLU A 20 5.71 -11.99 0.25
C GLU A 20 6.73 -12.35 1.31
N ARG A 21 7.38 -11.34 1.87
CA ARG A 21 8.39 -11.56 2.91
C ARG A 21 8.37 -10.43 3.94
N ALA A 22 8.35 -10.78 5.21
CA ALA A 22 8.34 -9.79 6.28
C ALA A 22 9.70 -9.72 6.98
N GLY A 23 10.39 -8.60 6.79
CA GLY A 23 11.69 -8.42 7.40
C GLY A 23 11.62 -7.67 8.72
N GLN A 24 12.78 -7.31 9.25
CA GLN A 24 12.83 -6.58 10.53
C GLN A 24 12.40 -5.13 10.34
N THR A 25 13.04 -4.43 9.40
CA THR A 25 12.72 -3.05 9.13
C THR A 25 12.20 -2.87 7.71
N SER A 26 11.79 -3.97 7.10
CA SER A 26 11.26 -3.94 5.73
C SER A 26 10.20 -5.02 5.53
N VAL A 27 9.18 -4.69 4.74
CA VAL A 27 8.10 -5.63 4.47
C VAL A 27 7.68 -5.57 3.00
N SER A 28 7.62 -6.72 2.36
CA SER A 28 7.23 -6.80 0.95
C SER A 28 5.73 -7.05 0.82
N LEU A 29 5.14 -6.49 -0.23
CA LEU A 29 3.71 -6.65 -0.47
C LEU A 29 3.46 -7.22 -1.87
N LEU A 30 2.34 -7.92 -2.02
CA LEU A 30 1.98 -8.51 -3.30
C LEU A 30 0.48 -8.37 -3.57
N TRP A 31 0.15 -7.55 -4.56
CA TRP A 31 -1.26 -7.33 -4.91
C TRP A 31 -1.47 -7.52 -6.41
N GLN A 32 -2.62 -8.08 -6.76
CA GLN A 32 -2.95 -8.31 -8.17
C GLN A 32 -3.82 -7.19 -8.72
N GLU A 33 -3.90 -7.11 -10.04
CA GLU A 33 -4.68 -6.08 -10.71
C GLU A 33 -6.11 -6.06 -10.17
N PRO A 34 -6.65 -4.85 -9.96
CA PRO A 34 -8.01 -4.67 -9.45
C PRO A 34 -9.07 -5.08 -10.48
N GLU A 35 -10.31 -5.25 -10.01
CA GLU A 35 -11.41 -5.64 -10.87
C GLU A 35 -11.40 -4.80 -12.16
N GLN A 36 -11.69 -3.52 -12.02
CA GLN A 36 -11.73 -2.62 -13.17
C GLN A 36 -10.89 -1.37 -12.90
N PRO A 37 -9.69 -1.34 -13.49
CA PRO A 37 -8.76 -0.22 -13.33
C PRO A 37 -9.24 1.04 -14.05
N ASN A 38 -10.19 0.85 -14.98
CA ASN A 38 -10.73 1.97 -15.74
C ASN A 38 -9.62 2.74 -16.45
N GLY A 39 -8.65 2.01 -16.99
CA GLY A 39 -7.55 2.64 -17.69
C GLY A 39 -6.20 2.16 -17.20
N ILE A 40 -5.14 2.68 -17.81
CA ILE A 40 -3.79 2.30 -17.42
C ILE A 40 -3.36 3.02 -16.14
N ILE A 41 -2.94 2.23 -15.15
CA ILE A 41 -2.50 2.79 -13.87
C ILE A 41 -1.02 3.18 -13.92
N LEU A 42 -0.76 4.47 -13.72
CA LEU A 42 0.61 4.99 -13.75
C LEU A 42 1.45 4.31 -12.68
N GLU A 43 1.00 4.39 -11.43
CA GLU A 43 1.72 3.78 -10.32
C GLU A 43 0.79 3.52 -9.14
N TYR A 44 1.18 2.60 -8.27
CA TYR A 44 0.38 2.26 -7.10
C TYR A 44 0.91 2.94 -5.84
N GLU A 45 0.03 3.64 -5.13
CA GLU A 45 0.42 4.34 -3.91
C GLU A 45 0.22 3.45 -2.69
N ILE A 46 1.31 3.23 -1.94
CA ILE A 46 1.26 2.39 -0.75
C ILE A 46 1.37 3.24 0.51
N LYS A 47 0.28 3.32 1.26
CA LYS A 47 0.26 4.08 2.50
C LYS A 47 0.42 3.17 3.71
N TYR A 48 1.47 3.41 4.50
CA TYR A 48 1.74 2.61 5.68
C TYR A 48 2.15 3.49 6.85
N TYR A 49 1.44 3.36 7.96
CA TYR A 49 1.73 4.15 9.16
C TYR A 49 1.74 3.27 10.40
N GLU A 50 2.30 3.80 11.49
CA GLU A 50 2.37 3.05 12.74
C GLU A 50 0.99 2.60 13.19
N LYS A 51 0.74 1.30 13.06
CA LYS A 51 -0.55 0.73 13.46
C LYS A 51 -1.00 1.27 14.81
N ASP A 52 -0.12 1.20 15.79
CA ASP A 52 -0.42 1.69 17.13
C ASP A 52 -0.44 3.21 17.17
N LYS A 53 0.53 3.83 16.48
CA LYS A 53 0.62 5.28 16.44
C LYS A 53 0.03 5.82 15.14
N GLU A 54 -1.19 6.35 15.22
CA GLU A 54 -1.87 6.90 14.06
C GLU A 54 -1.81 8.42 14.06
N MET A 55 -0.93 8.98 13.23
CA MET A 55 -0.78 10.43 13.15
C MET A 55 -1.09 10.92 11.73
N GLN A 56 -1.19 12.24 11.57
CA GLN A 56 -1.48 12.83 10.27
C GLN A 56 -0.39 12.50 9.27
N SER A 57 0.87 12.62 9.70
CA SER A 57 2.00 12.34 8.84
C SER A 57 2.03 10.86 8.44
N TYR A 58 1.76 10.60 7.17
CA TYR A 58 1.74 9.23 6.66
C TYR A 58 2.76 9.06 5.53
N SER A 59 3.24 7.83 5.36
CA SER A 59 4.22 7.53 4.32
C SER A 59 3.53 6.98 3.07
N THR A 60 4.14 7.23 1.91
CA THR A 60 3.59 6.75 0.65
C THR A 60 4.69 6.23 -0.26
N LEU A 61 4.50 5.02 -0.78
CA LEU A 61 5.47 4.40 -1.68
C LEU A 61 4.88 4.19 -3.07
N LYS A 62 5.61 4.66 -4.08
CA LYS A 62 5.16 4.52 -5.46
C LYS A 62 5.78 3.29 -6.12
N ALA A 63 4.98 2.57 -6.89
CA ALA A 63 5.45 1.38 -7.58
C ALA A 63 4.75 1.20 -8.92
N VAL A 64 5.52 0.97 -9.97
CA VAL A 64 4.98 0.78 -11.31
C VAL A 64 4.48 -0.65 -11.50
N THR A 65 5.16 -1.60 -10.86
CA THR A 65 4.79 -3.01 -10.96
C THR A 65 3.90 -3.42 -9.80
N THR A 66 3.31 -4.62 -9.91
CA THR A 66 2.44 -5.13 -8.86
C THR A 66 3.25 -5.71 -7.70
N ARG A 67 4.54 -5.41 -7.68
CA ARG A 67 5.41 -5.90 -6.62
C ARG A 67 6.30 -4.78 -6.09
N ALA A 68 6.17 -4.48 -4.80
CA ALA A 68 6.97 -3.43 -4.18
C ALA A 68 7.40 -3.84 -2.77
N THR A 69 8.50 -3.26 -2.30
CA THR A 69 9.02 -3.57 -0.98
C THR A 69 9.14 -2.30 -0.13
N VAL A 70 8.56 -2.33 1.06
CA VAL A 70 8.61 -1.19 1.96
C VAL A 70 9.84 -1.25 2.86
N SER A 71 10.63 -0.18 2.83
CA SER A 71 11.85 -0.11 3.62
C SER A 71 11.84 1.13 4.50
N GLY A 72 12.63 1.09 5.58
CA GLY A 72 12.70 2.22 6.49
C GLY A 72 11.65 2.15 7.58
N LEU A 73 11.44 0.96 8.11
CA LEU A 73 10.45 0.77 9.18
C LEU A 73 11.14 0.43 10.49
N LYS A 74 10.34 0.27 11.54
CA LYS A 74 10.86 -0.05 12.87
C LYS A 74 10.50 -1.48 13.26
N PRO A 75 11.42 -2.15 13.96
CA PRO A 75 11.23 -3.53 14.42
C PRO A 75 10.17 -3.64 15.51
N GLY A 76 9.57 -4.81 15.63
CA GLY A 76 8.54 -5.03 16.64
C GLY A 76 7.53 -3.90 16.67
N THR A 77 7.01 -3.53 15.51
CA THR A 77 6.02 -2.45 15.43
C THR A 77 5.02 -2.72 14.30
N ARG A 78 3.76 -2.87 14.67
CA ARG A 78 2.70 -3.13 13.71
C ARG A 78 2.53 -1.94 12.76
N TYR A 79 2.25 -2.23 11.49
CA TYR A 79 2.07 -1.19 10.49
C TYR A 79 0.86 -1.49 9.61
N VAL A 80 0.01 -0.48 9.42
CA VAL A 80 -1.19 -0.64 8.60
C VAL A 80 -0.92 -0.24 7.15
N PHE A 81 -0.80 -1.24 6.28
CA PHE A 81 -0.54 -0.99 4.87
C PHE A 81 -1.83 -0.70 4.12
N GLN A 82 -1.72 0.03 3.02
CA GLN A 82 -2.88 0.37 2.21
C GLN A 82 -2.47 0.71 0.78
N VAL A 83 -2.69 -0.23 -0.13
CA VAL A 83 -2.34 -0.03 -1.53
C VAL A 83 -3.53 0.51 -2.33
N ARG A 84 -3.25 1.41 -3.26
CA ARG A 84 -4.30 2.01 -4.08
C ARG A 84 -3.79 2.29 -5.49
N ALA A 85 -4.71 2.36 -6.45
CA ALA A 85 -4.36 2.62 -7.83
C ALA A 85 -4.70 4.05 -8.24
N ARG A 86 -3.85 4.65 -9.04
CA ARG A 86 -4.06 6.03 -9.50
C ARG A 86 -3.80 6.15 -11.00
N THR A 87 -4.65 6.93 -11.66
CA THR A 87 -4.53 7.12 -13.11
C THR A 87 -4.51 8.60 -13.46
N SER A 88 -4.23 8.91 -14.72
CA SER A 88 -4.19 10.29 -15.18
C SER A 88 -5.56 10.95 -15.08
N ALA A 89 -6.61 10.17 -15.32
CA ALA A 89 -7.97 10.68 -15.24
C ALA A 89 -8.34 11.05 -13.81
N GLY A 90 -8.33 10.07 -12.92
CA GLY A 90 -8.67 10.33 -11.52
C GLY A 90 -7.89 9.44 -10.58
N CYS A 91 -8.42 9.28 -9.37
CA CYS A 91 -7.77 8.45 -8.35
C CYS A 91 -8.77 7.49 -7.71
N GLY A 92 -8.26 6.45 -7.06
CA GLY A 92 -9.12 5.48 -6.42
C GLY A 92 -9.05 5.54 -4.91
N ARG A 93 -9.58 4.53 -4.24
CA ARG A 93 -9.57 4.49 -2.78
C ARG A 93 -8.42 3.63 -2.28
N PHE A 94 -8.29 3.55 -0.96
CA PHE A 94 -7.22 2.77 -0.33
C PHE A 94 -7.73 1.38 0.06
N SER A 95 -6.91 0.36 -0.20
CA SER A 95 -7.28 -1.01 0.13
C SER A 95 -7.63 -1.14 1.60
N GLN A 96 -8.33 -2.22 1.95
CA GLN A 96 -8.73 -2.47 3.33
C GLN A 96 -7.53 -2.39 4.26
N ALA A 97 -7.77 -1.96 5.50
CA ALA A 97 -6.70 -1.84 6.49
C ALA A 97 -5.96 -3.16 6.67
N MET A 98 -4.75 -3.24 6.12
CA MET A 98 -3.95 -4.46 6.22
C MET A 98 -3.05 -4.40 7.45
N GLU A 99 -3.16 -5.42 8.30
CA GLU A 99 -2.35 -5.50 9.51
C GLU A 99 -1.16 -6.43 9.31
N VAL A 100 0.04 -5.91 9.57
CA VAL A 100 1.26 -6.70 9.43
C VAL A 100 2.32 -6.26 10.43
N GLU A 101 2.92 -7.23 11.12
CA GLU A 101 3.95 -6.94 12.10
C GLU A 101 5.34 -7.23 11.55
N THR A 102 6.33 -6.48 12.01
CA THR A 102 7.69 -6.65 11.55
C THR A 102 8.49 -7.55 12.50
N GLY A 103 9.73 -7.85 12.13
CA GLY A 103 10.56 -8.71 12.97
C GLY A 103 11.03 -8.00 14.22
N LYS A 104 10.66 -8.53 15.37
CA LYS A 104 11.04 -7.95 16.65
C LYS A 104 12.56 -7.96 16.81
N PRO A 105 13.08 -7.03 17.64
CA PRO A 105 14.51 -6.92 17.90
C PRO A 105 15.05 -8.09 18.73
N SER A 106 14.15 -8.98 19.13
CA SER A 106 14.53 -10.14 19.92
C SER A 106 14.21 -11.43 19.19
N GLY A 107 15.23 -12.27 19.00
CA GLY A 107 15.03 -13.53 18.30
C GLY A 107 16.22 -13.90 17.44
N PRO A 108 16.14 -15.08 16.79
CA PRO A 108 17.21 -15.57 15.91
C PRO A 108 17.33 -14.76 14.63
N SER A 109 18.51 -14.20 14.40
CA SER A 109 18.76 -13.39 13.21
C SER A 109 20.14 -13.67 12.63
N SER A 110 20.19 -14.12 11.39
CA SER A 110 21.46 -14.43 10.73
C SER A 110 22.46 -13.29 10.91
N GLY A 111 21.93 -12.07 11.07
CA GLY A 111 22.79 -10.92 11.25
C GLY A 111 22.53 -10.21 12.57
N GLY A 1 -18.84 18.57 -7.03
CA GLY A 1 -19.13 19.66 -6.11
C GLY A 1 -18.94 21.02 -6.76
N SER A 2 -17.69 21.39 -7.00
CA SER A 2 -17.38 22.67 -7.61
C SER A 2 -17.87 22.73 -9.05
N SER A 3 -17.52 21.72 -9.84
CA SER A 3 -17.92 21.65 -11.24
C SER A 3 -17.97 20.21 -11.72
N GLY A 4 -18.95 19.91 -12.56
CA GLY A 4 -19.08 18.56 -13.10
C GLY A 4 -17.75 17.93 -13.44
N SER A 5 -17.71 16.60 -13.44
CA SER A 5 -16.49 15.88 -13.76
C SER A 5 -16.57 15.25 -15.15
N SER A 6 -15.59 15.57 -15.99
CA SER A 6 -15.55 15.05 -17.35
C SER A 6 -14.39 14.07 -17.51
N GLY A 7 -14.30 13.47 -18.70
CA GLY A 7 -13.23 12.51 -18.97
C GLY A 7 -13.69 11.08 -18.80
N GLN A 8 -12.96 10.33 -17.98
CA GLN A 8 -13.29 8.93 -17.74
C GLN A 8 -13.45 8.67 -16.23
N ALA A 9 -13.92 7.47 -15.90
CA ALA A 9 -14.12 7.09 -14.51
C ALA A 9 -12.81 6.67 -13.86
N ALA A 10 -12.79 6.63 -12.53
CA ALA A 10 -11.60 6.24 -11.78
C ALA A 10 -11.51 4.73 -11.64
N PRO A 11 -10.30 4.23 -11.37
CA PRO A 11 -10.04 2.80 -11.20
C PRO A 11 -10.65 2.26 -9.91
N SER A 12 -11.12 1.01 -9.97
CA SER A 12 -11.73 0.38 -8.80
C SER A 12 -10.75 0.32 -7.63
N GLN A 13 -11.25 -0.07 -6.46
CA GLN A 13 -10.43 -0.16 -5.27
C GLN A 13 -9.88 -1.58 -5.10
N VAL A 14 -8.56 -1.70 -5.11
CA VAL A 14 -7.91 -3.00 -4.95
C VAL A 14 -8.21 -3.60 -3.58
N VAL A 15 -8.73 -4.83 -3.58
CA VAL A 15 -9.06 -5.51 -2.35
C VAL A 15 -8.24 -6.79 -2.19
N VAL A 16 -7.18 -6.91 -2.98
CA VAL A 16 -6.31 -8.08 -2.93
C VAL A 16 -4.89 -7.69 -2.53
N ILE A 17 -4.50 -8.04 -1.31
CA ILE A 17 -3.16 -7.72 -0.82
C ILE A 17 -2.62 -8.86 0.04
N ARG A 18 -1.36 -9.20 -0.17
CA ARG A 18 -0.71 -10.27 0.58
C ARG A 18 0.69 -9.86 1.02
N GLN A 19 1.32 -10.71 1.83
CA GLN A 19 2.67 -10.43 2.32
C GLN A 19 3.66 -11.46 1.79
N GLU A 20 4.45 -11.06 0.80
CA GLU A 20 5.45 -11.95 0.21
C GLU A 20 6.53 -12.29 1.22
N ARG A 21 7.11 -11.26 1.83
CA ARG A 21 8.18 -11.45 2.81
C ARG A 21 8.13 -10.36 3.88
N ALA A 22 8.44 -10.74 5.11
CA ALA A 22 8.44 -9.79 6.22
C ALA A 22 9.78 -9.81 6.96
N GLY A 23 10.49 -8.68 6.90
CA GLY A 23 11.78 -8.59 7.56
C GLY A 23 11.70 -7.82 8.87
N GLN A 24 12.85 -7.37 9.36
CA GLN A 24 12.90 -6.62 10.61
C GLN A 24 12.52 -5.17 10.39
N THR A 25 13.19 -4.52 9.44
CA THR A 25 12.91 -3.12 9.14
C THR A 25 12.40 -2.96 7.71
N SER A 26 11.94 -4.06 7.13
CA SER A 26 11.43 -4.04 5.75
C SER A 26 10.25 -4.99 5.61
N VAL A 27 9.41 -4.75 4.61
CA VAL A 27 8.24 -5.58 4.36
C VAL A 27 7.82 -5.51 2.90
N SER A 28 7.36 -6.63 2.36
CA SER A 28 6.93 -6.69 0.97
C SER A 28 5.43 -6.95 0.89
N LEU A 29 4.81 -6.45 -0.18
CA LEU A 29 3.37 -6.62 -0.38
C LEU A 29 3.08 -7.17 -1.77
N LEU A 30 1.94 -7.83 -1.92
CA LEU A 30 1.55 -8.40 -3.20
C LEU A 30 0.05 -8.19 -3.45
N TRP A 31 -0.26 -7.40 -4.48
CA TRP A 31 -1.65 -7.11 -4.81
C TRP A 31 -1.88 -7.27 -6.32
N GLN A 32 -3.04 -7.78 -6.69
CA GLN A 32 -3.38 -7.98 -8.09
C GLN A 32 -4.10 -6.76 -8.65
N GLU A 33 -4.09 -6.61 -9.98
CA GLU A 33 -4.74 -5.49 -10.63
C GLU A 33 -6.21 -5.41 -10.24
N PRO A 34 -6.76 -4.18 -10.23
CA PRO A 34 -8.16 -3.94 -9.87
C PRO A 34 -9.13 -4.47 -10.93
N GLU A 35 -10.25 -5.04 -10.48
CA GLU A 35 -11.24 -5.58 -11.39
C GLU A 35 -11.38 -4.69 -12.62
N GLN A 36 -11.64 -3.41 -12.40
CA GLN A 36 -11.80 -2.46 -13.50
C GLN A 36 -10.90 -1.24 -13.30
N PRO A 37 -9.78 -1.20 -14.02
CA PRO A 37 -8.82 -0.10 -13.94
C PRO A 37 -9.37 1.19 -14.54
N ASN A 38 -10.29 1.05 -15.49
CA ASN A 38 -10.89 2.21 -16.15
C ASN A 38 -9.82 3.10 -16.74
N GLY A 39 -8.84 2.50 -17.38
CA GLY A 39 -7.76 3.26 -18.00
C GLY A 39 -6.39 2.67 -17.71
N ILE A 40 -5.34 3.41 -18.07
CA ILE A 40 -3.98 2.95 -17.84
C ILE A 40 -3.49 3.35 -16.46
N ILE A 41 -2.97 2.37 -15.72
CA ILE A 41 -2.47 2.62 -14.38
C ILE A 41 -1.01 3.04 -14.41
N LEU A 42 -0.73 4.26 -13.94
CA LEU A 42 0.63 4.77 -13.91
C LEU A 42 1.45 4.12 -12.81
N GLU A 43 0.98 4.25 -11.57
CA GLU A 43 1.67 3.66 -10.43
C GLU A 43 0.69 3.39 -9.28
N TYR A 44 1.18 2.71 -8.25
CA TYR A 44 0.35 2.38 -7.09
C TYR A 44 0.93 2.98 -5.82
N GLU A 45 0.19 3.92 -5.22
CA GLU A 45 0.64 4.57 -4.00
C GLU A 45 0.30 3.72 -2.78
N ILE A 46 1.31 3.47 -1.95
CA ILE A 46 1.13 2.67 -0.75
C ILE A 46 1.36 3.50 0.51
N LYS A 47 0.38 3.49 1.42
CA LYS A 47 0.48 4.25 2.66
C LYS A 47 0.75 3.31 3.83
N TYR A 48 1.82 3.60 4.57
CA TYR A 48 2.19 2.79 5.73
C TYR A 48 2.49 3.66 6.94
N TYR A 49 1.87 3.34 8.07
CA TYR A 49 2.07 4.10 9.29
C TYR A 49 2.05 3.18 10.51
N GLU A 50 2.53 3.69 11.64
CA GLU A 50 2.56 2.91 12.87
C GLU A 50 1.16 2.46 13.28
N LYS A 51 0.89 1.18 13.14
CA LYS A 51 -0.41 0.63 13.50
C LYS A 51 -0.86 1.12 14.87
N ASP A 52 -0.02 0.92 15.87
CA ASP A 52 -0.32 1.35 17.22
C ASP A 52 -0.32 2.87 17.33
N LYS A 53 0.66 3.50 16.70
CA LYS A 53 0.79 4.95 16.71
C LYS A 53 0.28 5.56 15.41
N GLU A 54 -0.93 6.12 15.44
CA GLU A 54 -1.52 6.73 14.26
C GLU A 54 -1.43 8.25 14.33
N MET A 55 -0.61 8.83 13.46
CA MET A 55 -0.43 10.27 13.42
C MET A 55 -0.87 10.83 12.08
N GLN A 56 -1.02 12.16 12.02
CA GLN A 56 -1.45 12.83 10.79
C GLN A 56 -0.41 12.65 9.69
N SER A 57 0.87 12.74 10.06
CA SER A 57 1.96 12.59 9.10
C SER A 57 2.18 11.12 8.77
N TYR A 58 1.84 10.75 7.54
CA TYR A 58 2.00 9.37 7.08
C TYR A 58 2.96 9.29 5.91
N SER A 59 3.60 8.13 5.75
CA SER A 59 4.55 7.93 4.66
C SER A 59 3.88 7.23 3.48
N THR A 60 4.39 7.50 2.28
CA THR A 60 3.84 6.90 1.07
C THR A 60 4.94 6.30 0.20
N LEU A 61 4.61 5.24 -0.53
CA LEU A 61 5.57 4.57 -1.39
C LEU A 61 5.00 4.36 -2.79
N LYS A 62 5.73 4.81 -3.80
CA LYS A 62 5.29 4.67 -5.19
C LYS A 62 5.81 3.37 -5.80
N ALA A 63 4.95 2.67 -6.51
CA ALA A 63 5.34 1.41 -7.15
C ALA A 63 4.79 1.33 -8.57
N VAL A 64 5.66 1.01 -9.52
CA VAL A 64 5.26 0.89 -10.92
C VAL A 64 4.69 -0.49 -11.22
N THR A 65 5.12 -1.48 -10.44
CA THR A 65 4.66 -2.85 -10.62
C THR A 65 3.70 -3.26 -9.51
N THR A 66 3.08 -4.43 -9.66
CA THR A 66 2.14 -4.93 -8.67
C THR A 66 2.86 -5.43 -7.43
N ARG A 67 4.17 -5.24 -7.40
CA ARG A 67 4.99 -5.68 -6.27
C ARG A 67 5.85 -4.54 -5.74
N ALA A 68 5.91 -4.41 -4.42
CA ALA A 68 6.70 -3.36 -3.80
C ALA A 68 7.19 -3.78 -2.42
N THR A 69 8.19 -3.07 -1.91
CA THR A 69 8.75 -3.38 -0.59
C THR A 69 8.99 -2.12 0.21
N VAL A 70 8.31 -2.01 1.36
CA VAL A 70 8.45 -0.85 2.22
C VAL A 70 9.62 -1.01 3.17
N SER A 71 10.70 -0.27 2.92
CA SER A 71 11.89 -0.34 3.76
C SER A 71 12.03 0.92 4.61
N GLY A 72 12.76 0.81 5.71
CA GLY A 72 12.96 1.94 6.59
C GLY A 72 11.91 2.03 7.68
N LEU A 73 11.57 0.88 8.26
CA LEU A 73 10.56 0.83 9.32
C LEU A 73 11.19 0.42 10.65
N LYS A 74 10.40 0.49 11.72
CA LYS A 74 10.88 0.13 13.04
C LYS A 74 10.51 -1.31 13.39
N PRO A 75 11.43 -2.02 14.05
CA PRO A 75 11.21 -3.42 14.46
C PRO A 75 10.17 -3.55 15.56
N GLY A 76 9.62 -4.75 15.72
CA GLY A 76 8.62 -4.98 16.74
C GLY A 76 7.58 -3.89 16.79
N THR A 77 7.00 -3.56 15.63
CA THR A 77 5.99 -2.52 15.55
C THR A 77 5.03 -2.78 14.40
N ARG A 78 3.75 -2.97 14.73
CA ARG A 78 2.74 -3.23 13.72
C ARG A 78 2.55 -2.02 12.80
N TYR A 79 2.38 -2.28 11.51
CA TYR A 79 2.19 -1.22 10.53
C TYR A 79 0.98 -1.49 9.66
N VAL A 80 0.23 -0.44 9.34
CA VAL A 80 -0.96 -0.56 8.50
C VAL A 80 -0.66 -0.16 7.07
N PHE A 81 -0.68 -1.14 6.16
CA PHE A 81 -0.41 -0.88 4.76
C PHE A 81 -1.71 -0.70 3.98
N GLN A 82 -1.66 0.08 2.91
CA GLN A 82 -2.83 0.33 2.08
C GLN A 82 -2.42 0.63 0.65
N VAL A 83 -2.78 -0.28 -0.26
CA VAL A 83 -2.45 -0.11 -1.67
C VAL A 83 -3.58 0.59 -2.42
N ARG A 84 -3.21 1.49 -3.33
CA ARG A 84 -4.20 2.23 -4.11
C ARG A 84 -3.73 2.39 -5.55
N ALA A 85 -4.69 2.54 -6.46
CA ALA A 85 -4.38 2.70 -7.87
C ALA A 85 -4.65 4.13 -8.34
N ARG A 86 -3.80 4.63 -9.23
CA ARG A 86 -3.95 5.99 -9.75
C ARG A 86 -3.80 6.01 -11.27
N THR A 87 -4.74 6.66 -11.94
CA THR A 87 -4.72 6.75 -13.39
C THR A 87 -4.70 8.20 -13.85
N SER A 88 -4.48 8.40 -15.15
CA SER A 88 -4.44 9.75 -15.71
C SER A 88 -5.76 10.48 -15.49
N ALA A 89 -6.86 9.78 -15.74
CA ALA A 89 -8.19 10.37 -15.56
C ALA A 89 -8.42 10.79 -14.11
N GLY A 90 -8.32 9.82 -13.20
CA GLY A 90 -8.52 10.12 -11.79
C GLY A 90 -7.73 9.19 -10.90
N CYS A 91 -8.31 8.83 -9.76
CA CYS A 91 -7.64 7.95 -8.81
C CYS A 91 -8.67 7.23 -7.92
N GLY A 92 -8.39 5.97 -7.61
CA GLY A 92 -9.30 5.20 -6.79
C GLY A 92 -9.13 5.50 -5.31
N ARG A 93 -9.10 4.46 -4.49
CA ARG A 93 -8.95 4.61 -3.05
C ARG A 93 -8.05 3.53 -2.47
N PHE A 94 -7.61 3.74 -1.23
CA PHE A 94 -6.74 2.77 -0.56
C PHE A 94 -7.47 1.45 -0.34
N SER A 95 -6.71 0.36 -0.33
CA SER A 95 -7.28 -0.97 -0.13
C SER A 95 -7.63 -1.19 1.33
N GLN A 96 -8.23 -2.35 1.62
CA GLN A 96 -8.63 -2.68 2.98
C GLN A 96 -7.46 -2.51 3.95
N ALA A 97 -7.77 -2.04 5.16
CA ALA A 97 -6.75 -1.83 6.17
C ALA A 97 -5.93 -3.10 6.40
N MET A 98 -4.72 -3.13 5.85
CA MET A 98 -3.84 -4.29 5.99
C MET A 98 -3.03 -4.20 7.29
N GLU A 99 -2.79 -5.35 7.91
CA GLU A 99 -2.03 -5.40 9.15
C GLU A 99 -0.81 -6.31 9.02
N VAL A 100 0.37 -5.77 9.30
CA VAL A 100 1.60 -6.53 9.21
C VAL A 100 2.57 -6.16 10.34
N GLU A 101 3.18 -7.18 10.94
CA GLU A 101 4.12 -6.96 12.04
C GLU A 101 5.53 -7.33 11.61
N THR A 102 6.50 -6.51 12.01
CA THR A 102 7.90 -6.74 11.68
C THR A 102 8.59 -7.58 12.74
N GLY A 103 9.79 -8.06 12.43
CA GLY A 103 10.53 -8.87 13.38
C GLY A 103 11.09 -8.06 14.52
N LYS A 104 10.73 -8.43 15.74
CA LYS A 104 11.21 -7.73 16.93
C LYS A 104 12.73 -7.72 16.99
N PRO A 105 13.30 -6.74 17.70
CA PRO A 105 14.75 -6.59 17.85
C PRO A 105 15.35 -7.70 18.72
N SER A 106 15.86 -8.74 18.06
CA SER A 106 16.46 -9.86 18.77
C SER A 106 17.85 -9.49 19.31
N GLY A 107 18.01 -9.57 20.62
CA GLY A 107 19.29 -9.24 21.23
C GLY A 107 19.67 -10.20 22.33
N PRO A 108 20.83 -9.96 22.96
CA PRO A 108 21.33 -10.81 24.06
C PRO A 108 20.50 -10.67 25.32
N SER A 109 19.47 -11.51 25.45
CA SER A 109 18.61 -11.48 26.62
C SER A 109 19.12 -12.41 27.70
N SER A 110 18.43 -12.43 28.84
CA SER A 110 18.82 -13.27 29.96
C SER A 110 17.91 -14.50 30.07
N GLY A 111 18.40 -15.53 30.75
CA GLY A 111 17.62 -16.74 30.91
C GLY A 111 17.75 -17.33 32.30
N GLY A 1 -28.16 21.65 -9.61
CA GLY A 1 -26.81 21.12 -9.56
C GLY A 1 -25.81 21.99 -10.29
N SER A 2 -24.58 22.01 -9.80
CA SER A 2 -23.53 22.82 -10.41
C SER A 2 -23.09 22.22 -11.75
N SER A 3 -22.30 22.99 -12.50
CA SER A 3 -21.81 22.54 -13.80
C SER A 3 -20.40 21.99 -13.70
N GLY A 4 -20.06 21.08 -14.60
CA GLY A 4 -18.74 20.48 -14.60
C GLY A 4 -18.78 18.98 -14.46
N SER A 5 -18.44 18.27 -15.54
CA SER A 5 -18.45 16.82 -15.53
C SER A 5 -17.19 16.27 -14.87
N SER A 6 -17.38 15.47 -13.82
CA SER A 6 -16.26 14.89 -13.09
C SER A 6 -15.14 14.50 -14.05
N GLY A 7 -15.50 13.83 -15.14
CA GLY A 7 -14.52 13.41 -16.12
C GLY A 7 -14.67 11.94 -16.48
N GLN A 8 -13.78 11.11 -15.94
CA GLN A 8 -13.81 9.67 -16.21
C GLN A 8 -14.05 8.88 -14.93
N ALA A 9 -14.28 7.58 -15.08
CA ALA A 9 -14.54 6.71 -13.94
C ALA A 9 -13.22 6.31 -13.26
N ALA A 10 -13.15 6.56 -11.95
CA ALA A 10 -11.96 6.23 -11.18
C ALA A 10 -11.72 4.73 -11.16
N PRO A 11 -10.46 4.34 -10.89
CA PRO A 11 -10.08 2.91 -10.83
C PRO A 11 -10.66 2.21 -9.61
N SER A 12 -10.83 0.90 -9.72
CA SER A 12 -11.38 0.10 -8.63
C SER A 12 -10.37 -0.03 -7.50
N GLN A 13 -10.88 -0.11 -6.27
CA GLN A 13 -10.02 -0.23 -5.10
C GLN A 13 -9.43 -1.64 -5.02
N VAL A 14 -8.10 -1.71 -4.93
CA VAL A 14 -7.41 -2.99 -4.84
C VAL A 14 -7.80 -3.75 -3.57
N VAL A 15 -8.66 -4.75 -3.73
CA VAL A 15 -9.12 -5.54 -2.60
C VAL A 15 -8.30 -6.83 -2.46
N VAL A 16 -7.26 -6.95 -3.29
CA VAL A 16 -6.40 -8.12 -3.26
C VAL A 16 -4.97 -7.74 -2.89
N ILE A 17 -4.56 -8.10 -1.68
CA ILE A 17 -3.21 -7.81 -1.21
C ILE A 17 -2.66 -8.95 -0.37
N ARG A 18 -1.35 -9.19 -0.50
CA ARG A 18 -0.70 -10.27 0.24
C ARG A 18 0.69 -9.83 0.70
N GLN A 19 1.33 -10.68 1.51
CA GLN A 19 2.67 -10.38 2.01
C GLN A 19 3.64 -11.48 1.65
N GLU A 20 4.58 -11.17 0.75
CA GLU A 20 5.57 -12.14 0.31
C GLU A 20 6.56 -12.46 1.43
N ARG A 21 7.20 -11.42 1.96
CA ARG A 21 8.16 -11.59 3.04
C ARG A 21 8.17 -10.38 3.95
N ALA A 22 8.35 -10.62 5.26
CA ALA A 22 8.37 -9.54 6.23
C ALA A 22 9.67 -9.56 7.03
N GLY A 23 10.20 -8.37 7.32
CA GLY A 23 11.43 -8.27 8.08
C GLY A 23 11.37 -7.22 9.17
N GLN A 24 12.53 -6.84 9.69
CA GLN A 24 12.59 -5.84 10.76
C GLN A 24 12.15 -4.47 10.24
N THR A 25 12.89 -3.95 9.26
CA THR A 25 12.59 -2.65 8.68
C THR A 25 12.24 -2.78 7.20
N SER A 26 11.90 -3.99 6.78
CA SER A 26 11.55 -4.24 5.39
C SER A 26 10.32 -5.15 5.30
N VAL A 27 9.48 -4.91 4.30
CA VAL A 27 8.28 -5.71 4.09
C VAL A 27 7.83 -5.69 2.63
N SER A 28 7.46 -6.86 2.12
CA SER A 28 7.02 -6.97 0.74
C SER A 28 5.51 -7.19 0.66
N LEU A 29 4.90 -6.66 -0.40
CA LEU A 29 3.45 -6.80 -0.59
C LEU A 29 3.13 -7.23 -2.02
N LEU A 30 2.22 -8.18 -2.15
CA LEU A 30 1.81 -8.68 -3.46
C LEU A 30 0.35 -8.37 -3.74
N TRP A 31 0.09 -7.73 -4.87
CA TRP A 31 -1.28 -7.38 -5.24
C TRP A 31 -1.46 -7.45 -6.76
N GLN A 32 -2.51 -8.14 -7.19
CA GLN A 32 -2.80 -8.30 -8.61
C GLN A 32 -3.73 -7.18 -9.10
N GLU A 33 -3.89 -7.10 -10.42
CA GLU A 33 -4.74 -6.08 -11.01
C GLU A 33 -6.14 -6.09 -10.37
N PRO A 34 -6.64 -4.90 -10.06
CA PRO A 34 -7.96 -4.73 -9.44
C PRO A 34 -9.10 -5.08 -10.39
N GLU A 35 -10.30 -5.26 -9.84
CA GLU A 35 -11.46 -5.59 -10.64
C GLU A 35 -11.48 -4.79 -11.94
N GLN A 36 -11.69 -3.49 -11.81
CA GLN A 36 -11.74 -2.60 -12.98
C GLN A 36 -10.89 -1.35 -12.74
N PRO A 37 -9.69 -1.34 -13.34
CA PRO A 37 -8.76 -0.21 -13.20
C PRO A 37 -9.25 1.03 -13.94
N ASN A 38 -10.21 0.84 -14.85
CA ASN A 38 -10.77 1.94 -15.63
C ASN A 38 -9.67 2.68 -16.39
N GLY A 39 -8.80 1.92 -17.06
CA GLY A 39 -7.73 2.52 -17.81
C GLY A 39 -6.36 2.05 -17.34
N ILE A 40 -5.31 2.75 -17.79
CA ILE A 40 -3.95 2.40 -17.41
C ILE A 40 -3.55 3.09 -16.11
N ILE A 41 -3.12 2.28 -15.13
CA ILE A 41 -2.71 2.82 -13.84
C ILE A 41 -1.24 3.24 -13.86
N LEU A 42 -1.01 4.55 -13.84
CA LEU A 42 0.35 5.09 -13.84
C LEU A 42 1.23 4.34 -12.86
N GLU A 43 0.82 4.32 -11.60
CA GLU A 43 1.58 3.63 -10.55
C GLU A 43 0.69 3.31 -9.36
N TYR A 44 1.18 2.43 -8.49
CA TYR A 44 0.43 2.03 -7.30
C TYR A 44 0.98 2.71 -6.05
N GLU A 45 0.21 3.64 -5.50
CA GLU A 45 0.61 4.37 -4.31
C GLU A 45 0.41 3.51 -3.05
N ILE A 46 1.46 3.39 -2.24
CA ILE A 46 1.39 2.61 -1.02
C ILE A 46 1.56 3.49 0.20
N LYS A 47 0.52 3.57 1.02
CA LYS A 47 0.56 4.38 2.24
C LYS A 47 0.63 3.50 3.48
N TYR A 48 1.73 3.59 4.21
CA TYR A 48 1.92 2.80 5.41
C TYR A 48 2.15 3.70 6.63
N TYR A 49 1.34 3.52 7.66
CA TYR A 49 1.45 4.32 8.88
C TYR A 49 1.46 3.43 10.11
N GLU A 50 1.86 3.99 11.24
CA GLU A 50 1.92 3.25 12.50
C GLU A 50 0.54 2.76 12.90
N LYS A 51 0.37 1.44 12.94
CA LYS A 51 -0.90 0.85 13.31
C LYS A 51 -1.53 1.57 14.50
N ASP A 52 -0.73 1.77 15.55
CA ASP A 52 -1.20 2.45 16.75
C ASP A 52 -1.33 3.95 16.51
N LYS A 53 -0.35 4.52 15.80
CA LYS A 53 -0.36 5.94 15.50
C LYS A 53 -0.75 6.19 14.04
N GLU A 54 -1.97 6.69 13.84
CA GLU A 54 -2.45 6.97 12.49
C GLU A 54 -2.39 8.47 12.20
N MET A 55 -2.66 9.28 13.21
CA MET A 55 -2.64 10.73 13.05
C MET A 55 -1.22 11.22 12.77
N GLN A 56 -0.24 10.61 13.42
CA GLN A 56 1.15 10.98 13.23
C GLN A 56 1.55 10.91 11.76
N SER A 57 2.70 11.48 11.43
CA SER A 57 3.19 11.49 10.06
C SER A 57 3.24 10.07 9.49
N TYR A 58 2.87 9.93 8.22
CA TYR A 58 2.87 8.63 7.57
C TYR A 58 3.84 8.61 6.39
N SER A 59 4.35 7.43 6.06
CA SER A 59 5.28 7.27 4.95
C SER A 59 4.58 6.79 3.70
N THR A 60 4.88 7.41 2.56
CA THR A 60 4.27 7.04 1.30
C THR A 60 5.31 6.45 0.34
N LEU A 61 4.94 5.37 -0.34
CA LEU A 61 5.84 4.73 -1.29
C LEU A 61 5.21 4.67 -2.68
N LYS A 62 6.05 4.71 -3.71
CA LYS A 62 5.58 4.65 -5.09
C LYS A 62 6.10 3.40 -5.79
N ALA A 63 5.19 2.63 -6.37
CA ALA A 63 5.56 1.41 -7.07
C ALA A 63 5.00 1.41 -8.50
N VAL A 64 5.85 1.02 -9.45
CA VAL A 64 5.44 0.98 -10.85
C VAL A 64 4.89 -0.38 -11.22
N THR A 65 5.37 -1.42 -10.55
CA THR A 65 4.92 -2.79 -10.80
C THR A 65 3.97 -3.27 -9.71
N THR A 66 3.42 -4.45 -9.89
CA THR A 66 2.49 -5.03 -8.93
C THR A 66 3.25 -5.66 -7.77
N ARG A 67 4.53 -5.33 -7.64
CA ARG A 67 5.36 -5.87 -6.57
C ARG A 67 6.30 -4.81 -6.03
N ALA A 68 6.16 -4.51 -4.74
CA ALA A 68 7.00 -3.50 -4.09
C ALA A 68 7.39 -3.94 -2.69
N THR A 69 8.48 -3.37 -2.18
CA THR A 69 8.97 -3.70 -0.84
C THR A 69 9.21 -2.44 -0.02
N VAL A 70 8.45 -2.28 1.05
CA VAL A 70 8.59 -1.11 1.92
C VAL A 70 9.76 -1.28 2.88
N SER A 71 10.80 -0.48 2.68
CA SER A 71 11.99 -0.55 3.53
C SER A 71 12.14 0.72 4.37
N GLY A 72 12.91 0.62 5.44
CA GLY A 72 13.10 1.77 6.31
C GLY A 72 11.99 1.94 7.32
N LEU A 73 11.53 0.82 7.87
CA LEU A 73 10.46 0.84 8.86
C LEU A 73 11.00 0.54 10.26
N LYS A 74 10.12 0.57 11.25
CA LYS A 74 10.50 0.29 12.63
C LYS A 74 10.12 -1.13 13.02
N PRO A 75 11.09 -1.84 13.64
CA PRO A 75 10.88 -3.22 14.08
C PRO A 75 9.91 -3.31 15.26
N GLY A 76 9.42 -4.51 15.53
CA GLY A 76 8.49 -4.71 16.63
C GLY A 76 7.44 -3.62 16.71
N THR A 77 6.91 -3.24 15.56
CA THR A 77 5.89 -2.19 15.51
C THR A 77 4.88 -2.48 14.41
N ARG A 78 3.62 -2.71 14.81
CA ARG A 78 2.55 -2.99 13.86
C ARG A 78 2.36 -1.82 12.90
N TYR A 79 2.18 -2.13 11.62
CA TYR A 79 1.98 -1.10 10.60
C TYR A 79 0.74 -1.40 9.77
N VAL A 80 0.18 -0.36 9.16
CA VAL A 80 -1.01 -0.51 8.33
C VAL A 80 -0.72 -0.10 6.88
N PHE A 81 -0.64 -1.09 6.00
CA PHE A 81 -0.37 -0.85 4.59
C PHE A 81 -1.66 -0.65 3.82
N GLN A 82 -1.62 0.20 2.79
CA GLN A 82 -2.79 0.47 1.97
C GLN A 82 -2.38 0.79 0.53
N VAL A 83 -2.67 -0.13 -0.38
CA VAL A 83 -2.35 0.05 -1.78
C VAL A 83 -3.51 0.68 -2.55
N ARG A 84 -3.18 1.61 -3.45
CA ARG A 84 -4.21 2.28 -4.24
C ARG A 84 -3.70 2.55 -5.65
N ALA A 85 -4.58 2.42 -6.63
CA ALA A 85 -4.23 2.65 -8.02
C ALA A 85 -4.67 4.04 -8.48
N ARG A 86 -3.70 4.84 -8.94
CA ARG A 86 -3.99 6.19 -9.40
C ARG A 86 -3.85 6.29 -10.91
N THR A 87 -4.93 6.69 -11.58
CA THR A 87 -4.94 6.82 -13.03
C THR A 87 -4.93 8.29 -13.44
N SER A 88 -4.25 8.59 -14.54
CA SER A 88 -4.16 9.95 -15.06
C SER A 88 -5.46 10.71 -14.80
N ALA A 89 -6.58 10.05 -15.04
CA ALA A 89 -7.89 10.65 -14.84
C ALA A 89 -8.04 11.15 -13.40
N GLY A 90 -8.04 10.22 -12.45
CA GLY A 90 -8.18 10.58 -11.05
C GLY A 90 -7.50 9.59 -10.14
N CYS A 91 -8.11 9.35 -8.98
CA CYS A 91 -7.56 8.43 -8.00
C CYS A 91 -8.66 7.51 -7.44
N GLY A 92 -8.24 6.39 -6.86
CA GLY A 92 -9.20 5.45 -6.29
C GLY A 92 -9.01 5.27 -4.80
N ARG A 93 -10.04 4.74 -4.14
CA ARG A 93 -9.99 4.52 -2.70
C ARG A 93 -8.88 3.55 -2.34
N PHE A 94 -8.29 3.74 -1.17
CA PHE A 94 -7.21 2.88 -0.71
C PHE A 94 -7.73 1.50 -0.34
N SER A 95 -6.86 0.49 -0.42
CA SER A 95 -7.23 -0.87 -0.12
C SER A 95 -7.62 -1.02 1.34
N GLN A 96 -8.21 -2.16 1.70
CA GLN A 96 -8.62 -2.42 3.07
C GLN A 96 -7.45 -2.30 4.02
N ALA A 97 -7.72 -1.79 5.22
CA ALA A 97 -6.68 -1.61 6.23
C ALA A 97 -6.01 -2.94 6.56
N MET A 98 -4.82 -3.15 6.02
CA MET A 98 -4.07 -4.38 6.26
C MET A 98 -3.09 -4.20 7.41
N GLU A 99 -3.14 -5.12 8.38
CA GLU A 99 -2.26 -5.06 9.53
C GLU A 99 -1.09 -6.02 9.36
N VAL A 100 0.13 -5.49 9.52
CA VAL A 100 1.34 -6.30 9.38
C VAL A 100 2.38 -5.92 10.43
N GLU A 101 2.94 -6.92 11.09
CA GLU A 101 3.95 -6.68 12.12
C GLU A 101 5.34 -7.05 11.61
N THR A 102 6.30 -6.17 11.86
CA THR A 102 7.67 -6.38 11.42
C THR A 102 8.43 -7.26 12.42
N GLY A 103 9.58 -7.77 12.00
CA GLY A 103 10.39 -8.61 12.86
C GLY A 103 10.89 -7.87 14.08
N LYS A 104 10.81 -8.52 15.25
CA LYS A 104 11.26 -7.91 16.49
C LYS A 104 12.79 -7.82 16.53
N PRO A 105 13.30 -6.79 17.21
CA PRO A 105 14.75 -6.56 17.34
C PRO A 105 15.41 -7.61 18.23
N SER A 106 14.63 -8.57 18.69
CA SER A 106 15.15 -9.62 19.55
C SER A 106 15.06 -10.99 18.85
N GLY A 107 15.96 -11.89 19.25
CA GLY A 107 15.97 -13.21 18.65
C GLY A 107 17.30 -13.91 18.82
N PRO A 108 17.27 -15.26 18.87
CA PRO A 108 18.48 -16.07 19.03
C PRO A 108 19.35 -16.04 17.78
N SER A 109 20.58 -15.54 17.94
CA SER A 109 21.52 -15.46 16.83
C SER A 109 21.48 -16.73 15.99
N SER A 110 21.61 -17.88 16.64
CA SER A 110 21.59 -19.16 15.96
C SER A 110 20.27 -19.35 15.20
N GLY A 111 19.17 -19.36 15.93
CA GLY A 111 17.87 -19.54 15.32
C GLY A 111 17.27 -20.90 15.61
N GLY A 1 -27.10 16.37 -25.86
CA GLY A 1 -27.49 16.35 -27.27
C GLY A 1 -26.31 16.58 -28.20
N SER A 2 -25.81 17.80 -28.23
CA SER A 2 -24.67 18.15 -29.08
C SER A 2 -23.36 17.70 -28.46
N SER A 3 -23.11 18.15 -27.23
CA SER A 3 -21.88 17.79 -26.52
C SER A 3 -22.04 18.02 -25.03
N GLY A 4 -21.20 17.34 -24.24
CA GLY A 4 -21.26 17.47 -22.80
C GLY A 4 -21.25 16.13 -22.08
N SER A 5 -20.32 15.26 -22.47
CA SER A 5 -20.21 13.95 -21.87
C SER A 5 -18.97 13.86 -20.97
N SER A 6 -18.97 12.89 -20.07
CA SER A 6 -17.85 12.69 -19.16
C SER A 6 -16.65 12.08 -19.89
N GLY A 7 -15.48 12.22 -19.29
CA GLY A 7 -14.27 11.68 -19.89
C GLY A 7 -14.07 10.22 -19.56
N GLN A 8 -13.41 9.95 -18.44
CA GLN A 8 -13.15 8.57 -18.02
C GLN A 8 -13.68 8.33 -16.61
N ALA A 9 -13.53 7.09 -16.14
CA ALA A 9 -13.99 6.73 -14.80
C ALA A 9 -12.83 6.24 -13.94
N ALA A 10 -12.89 6.53 -12.64
CA ALA A 10 -11.85 6.12 -11.71
C ALA A 10 -11.66 4.61 -11.74
N PRO A 11 -10.42 4.16 -11.48
CA PRO A 11 -10.09 2.73 -11.46
C PRO A 11 -10.71 2.01 -10.27
N SER A 12 -10.63 0.68 -10.28
CA SER A 12 -11.19 -0.13 -9.21
C SER A 12 -10.19 -0.25 -8.05
N GLN A 13 -10.60 0.19 -6.87
CA GLN A 13 -9.75 0.13 -5.69
C GLN A 13 -9.24 -1.29 -5.46
N VAL A 14 -7.92 -1.44 -5.40
CA VAL A 14 -7.32 -2.74 -5.19
C VAL A 14 -7.82 -3.38 -3.89
N VAL A 15 -8.39 -4.58 -4.02
CA VAL A 15 -8.92 -5.29 -2.87
C VAL A 15 -8.18 -6.61 -2.66
N VAL A 16 -7.05 -6.77 -3.33
CA VAL A 16 -6.25 -7.98 -3.22
C VAL A 16 -4.80 -7.66 -2.85
N ILE A 17 -4.41 -8.00 -1.64
CA ILE A 17 -3.06 -7.74 -1.16
C ILE A 17 -2.55 -8.90 -0.29
N ARG A 18 -1.26 -9.19 -0.41
CA ARG A 18 -0.65 -10.27 0.36
C ARG A 18 0.74 -9.87 0.85
N GLN A 19 1.31 -10.68 1.73
CA GLN A 19 2.63 -10.42 2.28
C GLN A 19 3.61 -11.53 1.91
N GLU A 20 4.49 -11.25 0.95
CA GLU A 20 5.47 -12.22 0.51
C GLU A 20 6.45 -12.57 1.64
N ARG A 21 7.28 -11.60 2.02
CA ARG A 21 8.25 -11.81 3.08
C ARG A 21 8.22 -10.64 4.07
N ALA A 22 8.26 -10.96 5.35
CA ALA A 22 8.24 -9.94 6.39
C ALA A 22 9.51 -9.99 7.24
N GLY A 23 10.43 -9.06 6.99
CA GLY A 23 11.67 -9.02 7.73
C GLY A 23 11.56 -8.22 9.01
N GLN A 24 12.67 -7.66 9.46
CA GLN A 24 12.69 -6.86 10.68
C GLN A 24 12.38 -5.40 10.39
N THR A 25 13.10 -4.83 9.43
CA THR A 25 12.90 -3.43 9.04
C THR A 25 12.47 -3.32 7.59
N SER A 26 11.98 -4.43 7.03
CA SER A 26 11.53 -4.45 5.65
C SER A 26 10.38 -5.44 5.47
N VAL A 27 9.41 -5.07 4.64
CA VAL A 27 8.25 -5.92 4.38
C VAL A 27 7.81 -5.82 2.93
N SER A 28 7.52 -6.95 2.32
CA SER A 28 7.08 -6.99 0.92
C SER A 28 5.57 -7.12 0.84
N LEU A 29 5.00 -6.67 -0.28
CA LEU A 29 3.56 -6.74 -0.49
C LEU A 29 3.23 -7.20 -1.91
N LEU A 30 2.21 -8.05 -2.03
CA LEU A 30 1.80 -8.55 -3.34
C LEU A 30 0.36 -8.18 -3.64
N TRP A 31 0.14 -7.56 -4.78
CA TRP A 31 -1.20 -7.14 -5.19
C TRP A 31 -1.38 -7.25 -6.69
N GLN A 32 -2.47 -7.87 -7.12
CA GLN A 32 -2.74 -8.04 -8.54
C GLN A 32 -3.63 -6.92 -9.06
N GLU A 33 -3.69 -6.77 -10.38
CA GLU A 33 -4.51 -5.73 -11.00
C GLU A 33 -5.95 -5.83 -10.53
N PRO A 34 -6.61 -4.67 -10.42
CA PRO A 34 -8.01 -4.59 -9.98
C PRO A 34 -8.98 -5.15 -11.02
N GLU A 35 -10.16 -5.55 -10.56
CA GLU A 35 -11.18 -6.10 -11.46
C GLU A 35 -11.35 -5.23 -12.68
N GLN A 36 -11.63 -3.94 -12.46
CA GLN A 36 -11.81 -3.00 -13.55
C GLN A 36 -10.97 -1.76 -13.35
N PRO A 37 -9.86 -1.66 -14.11
CA PRO A 37 -8.94 -0.53 -14.02
C PRO A 37 -9.55 0.76 -14.59
N ASN A 38 -10.46 0.60 -15.54
CA ASN A 38 -11.12 1.74 -16.17
C ASN A 38 -10.10 2.73 -16.70
N GLY A 39 -9.06 2.22 -17.35
CA GLY A 39 -8.03 3.08 -17.89
C GLY A 39 -6.63 2.57 -17.58
N ILE A 40 -5.63 3.37 -17.92
CA ILE A 40 -4.24 3.00 -17.67
C ILE A 40 -3.79 3.45 -16.28
N ILE A 41 -3.31 2.50 -15.49
CA ILE A 41 -2.85 2.81 -14.13
C ILE A 41 -1.41 3.30 -14.15
N LEU A 42 -1.22 4.60 -13.94
CA LEU A 42 0.11 5.19 -13.92
C LEU A 42 1.03 4.45 -12.95
N GLU A 43 0.64 4.44 -11.68
CA GLU A 43 1.43 3.77 -10.65
C GLU A 43 0.58 3.45 -9.44
N TYR A 44 1.02 2.49 -8.64
CA TYR A 44 0.30 2.08 -7.43
C TYR A 44 0.86 2.78 -6.20
N GLU A 45 0.04 3.63 -5.59
CA GLU A 45 0.44 4.36 -4.40
C GLU A 45 0.25 3.52 -3.14
N ILE A 46 1.35 3.23 -2.46
CA ILE A 46 1.29 2.43 -1.24
C ILE A 46 1.43 3.31 0.00
N LYS A 47 0.41 3.27 0.85
CA LYS A 47 0.41 4.06 2.08
C LYS A 47 0.77 3.19 3.29
N TYR A 48 1.91 3.50 3.90
CA TYR A 48 2.38 2.75 5.06
C TYR A 48 2.65 3.67 6.23
N TYR A 49 2.02 3.39 7.37
CA TYR A 49 2.19 4.20 8.57
C TYR A 49 2.19 3.33 9.83
N GLU A 50 2.76 3.86 10.90
CA GLU A 50 2.82 3.13 12.16
C GLU A 50 1.43 2.99 12.79
N LYS A 51 0.99 1.76 12.98
CA LYS A 51 -0.32 1.48 13.56
C LYS A 51 -0.55 2.36 14.79
N ASP A 52 0.43 2.39 15.69
CA ASP A 52 0.33 3.19 16.91
C ASP A 52 0.35 4.67 16.58
N LYS A 53 1.27 5.08 15.71
CA LYS A 53 1.39 6.48 15.32
C LYS A 53 0.50 6.78 14.12
N GLU A 54 -0.46 5.91 13.86
CA GLU A 54 -1.39 6.09 12.74
C GLU A 54 -1.86 7.53 12.65
N MET A 55 -2.05 8.16 13.81
CA MET A 55 -2.49 9.55 13.87
C MET A 55 -1.34 10.51 13.61
N GLN A 56 -0.27 10.37 14.39
CA GLN A 56 0.89 11.22 14.24
C GLN A 56 1.11 11.61 12.78
N SER A 57 1.47 10.63 11.97
CA SER A 57 1.72 10.87 10.55
C SER A 57 1.75 9.55 9.77
N TYR A 58 1.56 9.65 8.46
CA TYR A 58 1.55 8.46 7.61
C TYR A 58 2.57 8.61 6.47
N SER A 59 3.14 7.49 6.06
CA SER A 59 4.12 7.49 4.98
C SER A 59 3.49 7.05 3.67
N THR A 60 4.11 7.46 2.56
CA THR A 60 3.61 7.10 1.23
C THR A 60 4.73 6.56 0.35
N LEU A 61 4.37 5.62 -0.53
CA LEU A 61 5.35 5.02 -1.43
C LEU A 61 4.77 4.86 -2.83
N LYS A 62 5.64 4.89 -3.84
CA LYS A 62 5.21 4.75 -5.22
C LYS A 62 5.79 3.48 -5.84
N ALA A 63 4.95 2.74 -6.55
CA ALA A 63 5.38 1.51 -7.20
C ALA A 63 4.87 1.43 -8.64
N VAL A 64 5.76 1.10 -9.56
CA VAL A 64 5.40 0.98 -10.97
C VAL A 64 4.92 -0.42 -11.31
N THR A 65 5.43 -1.40 -10.57
CA THR A 65 5.06 -2.79 -10.79
C THR A 65 4.08 -3.28 -9.74
N THR A 66 3.55 -4.48 -9.92
CA THR A 66 2.60 -5.05 -8.99
C THR A 66 3.30 -5.66 -7.77
N ARG A 67 4.59 -5.36 -7.64
CA ARG A 67 5.39 -5.87 -6.53
C ARG A 67 6.26 -4.77 -5.94
N ALA A 68 6.17 -4.58 -4.62
CA ALA A 68 6.95 -3.57 -3.94
C ALA A 68 7.39 -4.04 -2.56
N THR A 69 8.34 -3.33 -1.96
CA THR A 69 8.85 -3.68 -0.64
C THR A 69 9.10 -2.44 0.20
N VAL A 70 8.28 -2.25 1.23
CA VAL A 70 8.42 -1.10 2.12
C VAL A 70 9.62 -1.27 3.03
N SER A 71 10.61 -0.39 2.88
CA SER A 71 11.81 -0.43 3.69
C SER A 71 11.94 0.84 4.53
N GLY A 72 12.71 0.74 5.62
CA GLY A 72 12.90 1.88 6.49
C GLY A 72 11.85 1.97 7.58
N LEU A 73 11.49 0.82 8.14
CA LEU A 73 10.49 0.77 9.21
C LEU A 73 11.13 0.41 10.54
N LYS A 74 10.33 0.45 11.60
CA LYS A 74 10.81 0.13 12.94
C LYS A 74 10.38 -1.27 13.35
N PRO A 75 11.29 -2.00 14.02
CA PRO A 75 11.01 -3.37 14.48
C PRO A 75 10.01 -3.40 15.63
N GLY A 76 9.43 -4.58 15.87
CA GLY A 76 8.47 -4.72 16.94
C GLY A 76 7.48 -3.57 16.98
N THR A 77 6.97 -3.18 15.82
CA THR A 77 6.01 -2.08 15.73
C THR A 77 4.97 -2.36 14.65
N ARG A 78 3.70 -2.40 15.06
CA ARG A 78 2.60 -2.66 14.14
C ARG A 78 2.56 -1.60 13.05
N TYR A 79 2.30 -2.03 11.82
CA TYR A 79 2.23 -1.11 10.68
C TYR A 79 0.93 -1.31 9.89
N VAL A 80 0.55 -0.29 9.14
CA VAL A 80 -0.67 -0.35 8.33
C VAL A 80 -0.39 0.04 6.89
N PHE A 81 -0.54 -0.93 5.98
CA PHE A 81 -0.31 -0.68 4.56
C PHE A 81 -1.63 -0.51 3.81
N GLN A 82 -1.60 0.30 2.76
CA GLN A 82 -2.80 0.55 1.96
C GLN A 82 -2.43 0.89 0.52
N VAL A 83 -2.65 -0.05 -0.38
CA VAL A 83 -2.34 0.15 -1.79
C VAL A 83 -3.55 0.69 -2.55
N ARG A 84 -3.30 1.59 -3.50
CA ARG A 84 -4.37 2.18 -4.29
C ARG A 84 -3.90 2.46 -5.71
N ALA A 85 -4.82 2.34 -6.67
CA ALA A 85 -4.50 2.57 -8.06
C ALA A 85 -4.97 3.96 -8.51
N ARG A 86 -4.08 4.69 -9.17
CA ARG A 86 -4.40 6.04 -9.64
C ARG A 86 -4.18 6.15 -11.15
N THR A 87 -5.23 6.55 -11.86
CA THR A 87 -5.15 6.70 -13.31
C THR A 87 -5.21 8.16 -13.72
N SER A 88 -4.60 8.48 -14.86
CA SER A 88 -4.58 9.84 -15.35
C SER A 88 -5.89 10.57 -15.02
N ALA A 89 -7.00 9.87 -15.19
CA ALA A 89 -8.31 10.44 -14.90
C ALA A 89 -8.38 10.95 -13.47
N GLY A 90 -8.19 10.05 -12.51
CA GLY A 90 -8.24 10.44 -11.11
C GLY A 90 -7.65 9.38 -10.20
N CYS A 91 -7.77 9.59 -8.89
CA CYS A 91 -7.25 8.64 -7.91
C CYS A 91 -8.37 7.86 -7.25
N GLY A 92 -8.14 6.58 -6.99
CA GLY A 92 -9.14 5.75 -6.36
C GLY A 92 -8.92 5.62 -4.87
N ARG A 93 -9.96 5.17 -4.16
CA ARG A 93 -9.88 4.99 -2.72
C ARG A 93 -8.71 4.08 -2.34
N PHE A 94 -8.50 3.90 -1.04
CA PHE A 94 -7.41 3.06 -0.56
C PHE A 94 -7.92 1.65 -0.22
N SER A 95 -7.07 0.66 -0.42
CA SER A 95 -7.42 -0.73 -0.15
C SER A 95 -7.81 -0.90 1.32
N GLN A 96 -8.21 -2.12 1.67
CA GLN A 96 -8.60 -2.44 3.04
C GLN A 96 -7.42 -2.24 4.00
N ALA A 97 -7.71 -1.66 5.16
CA ALA A 97 -6.67 -1.41 6.17
C ALA A 97 -5.98 -2.72 6.56
N MET A 98 -4.76 -2.91 6.07
CA MET A 98 -4.00 -4.10 6.38
C MET A 98 -2.95 -3.82 7.44
N GLU A 99 -3.02 -4.54 8.55
CA GLU A 99 -2.06 -4.36 9.64
C GLU A 99 -1.03 -5.48 9.65
N VAL A 100 0.24 -5.11 9.70
CA VAL A 100 1.33 -6.07 9.71
C VAL A 100 2.42 -5.68 10.71
N GLU A 101 2.83 -6.63 11.53
CA GLU A 101 3.86 -6.37 12.53
C GLU A 101 5.21 -6.92 12.07
N THR A 102 6.27 -6.12 12.25
CA THR A 102 7.60 -6.51 11.85
C THR A 102 8.27 -7.37 12.92
N GLY A 103 9.40 -7.96 12.57
CA GLY A 103 10.11 -8.81 13.52
C GLY A 103 10.74 -8.01 14.65
N LYS A 104 10.52 -8.46 15.88
CA LYS A 104 11.07 -7.78 17.05
C LYS A 104 12.59 -7.76 17.00
N PRO A 105 13.19 -6.75 17.67
CA PRO A 105 14.64 -6.60 17.73
C PRO A 105 15.32 -7.69 18.56
N SER A 106 14.51 -8.46 19.28
CA SER A 106 15.03 -9.53 20.12
C SER A 106 15.66 -10.63 19.27
N GLY A 107 15.01 -10.96 18.15
CA GLY A 107 15.53 -11.98 17.28
C GLY A 107 14.42 -12.68 16.49
N PRO A 108 14.82 -13.53 15.53
CA PRO A 108 13.87 -14.27 14.69
C PRO A 108 13.13 -15.34 15.47
N SER A 109 12.02 -14.94 16.10
CA SER A 109 11.21 -15.87 16.89
C SER A 109 9.73 -15.71 16.55
N SER A 110 9.12 -16.80 16.09
CA SER A 110 7.71 -16.78 15.72
C SER A 110 6.83 -16.74 16.96
N GLY A 111 7.05 -17.67 17.88
CA GLY A 111 6.27 -17.71 19.10
C GLY A 111 6.27 -19.09 19.74
N GLY A 1 -28.47 7.91 -12.92
CA GLY A 1 -27.29 8.57 -12.37
C GLY A 1 -26.26 8.87 -13.44
N SER A 2 -25.13 9.44 -13.02
CA SER A 2 -24.06 9.78 -13.95
C SER A 2 -22.72 9.26 -13.44
N SER A 3 -21.93 8.71 -14.36
CA SER A 3 -20.62 8.17 -14.00
C SER A 3 -19.57 9.27 -13.98
N GLY A 4 -19.37 9.92 -15.12
CA GLY A 4 -18.39 10.99 -15.20
C GLY A 4 -18.10 11.40 -16.63
N SER A 5 -19.13 11.90 -17.32
CA SER A 5 -18.98 12.33 -18.71
C SER A 5 -17.62 12.98 -18.94
N SER A 6 -17.33 14.02 -18.15
CA SER A 6 -16.07 14.73 -18.27
C SER A 6 -14.90 13.87 -17.78
N GLY A 7 -14.09 13.40 -18.72
CA GLY A 7 -12.95 12.57 -18.37
C GLY A 7 -13.25 11.09 -18.52
N GLN A 8 -12.79 10.30 -17.57
CA GLN A 8 -13.01 8.86 -17.60
C GLN A 8 -13.29 8.32 -16.20
N ALA A 9 -14.04 7.22 -16.14
CA ALA A 9 -14.39 6.60 -14.86
C ALA A 9 -13.14 6.34 -14.02
N ALA A 10 -13.30 6.36 -12.71
CA ALA A 10 -12.18 6.13 -11.80
C ALA A 10 -11.86 4.63 -11.71
N PRO A 11 -10.59 4.33 -11.43
CA PRO A 11 -10.11 2.94 -11.31
C PRO A 11 -10.66 2.25 -10.08
N SER A 12 -10.95 0.96 -10.21
CA SER A 12 -11.50 0.18 -9.10
C SER A 12 -10.55 0.22 -7.90
N GLN A 13 -11.06 -0.17 -6.74
CA GLN A 13 -10.25 -0.18 -5.52
C GLN A 13 -9.62 -1.56 -5.29
N VAL A 14 -8.31 -1.56 -5.05
CA VAL A 14 -7.58 -2.79 -4.82
C VAL A 14 -7.98 -3.43 -3.49
N VAL A 15 -8.58 -4.61 -3.57
CA VAL A 15 -9.01 -5.33 -2.38
C VAL A 15 -8.27 -6.65 -2.23
N VAL A 16 -7.17 -6.79 -2.96
CA VAL A 16 -6.37 -8.01 -2.90
C VAL A 16 -4.91 -7.69 -2.59
N ILE A 17 -4.48 -8.04 -1.39
CA ILE A 17 -3.10 -7.80 -0.97
C ILE A 17 -2.57 -8.96 -0.13
N ARG A 18 -1.27 -9.22 -0.24
CA ARG A 18 -0.64 -10.29 0.51
C ARG A 18 0.76 -9.90 0.96
N GLN A 19 1.39 -10.75 1.76
CA GLN A 19 2.73 -10.48 2.26
C GLN A 19 3.70 -11.56 1.80
N GLU A 20 4.62 -11.19 0.92
CA GLU A 20 5.61 -12.13 0.41
C GLU A 20 6.66 -12.45 1.46
N ARG A 21 7.36 -11.43 1.92
CA ARG A 21 8.41 -11.60 2.93
C ARG A 21 8.36 -10.47 3.95
N ALA A 22 8.47 -10.83 5.23
CA ALA A 22 8.44 -9.84 6.30
C ALA A 22 9.78 -9.79 7.04
N GLY A 23 10.50 -8.68 6.87
CA GLY A 23 11.79 -8.54 7.53
C GLY A 23 11.71 -7.71 8.79
N GLN A 24 12.86 -7.34 9.33
CA GLN A 24 12.91 -6.54 10.55
C GLN A 24 12.52 -5.09 10.27
N THR A 25 13.23 -4.46 9.32
CA THR A 25 12.95 -3.09 8.96
C THR A 25 12.44 -2.98 7.53
N SER A 26 11.99 -4.10 6.98
CA SER A 26 11.48 -4.15 5.61
C SER A 26 10.32 -5.11 5.49
N VAL A 27 9.41 -4.84 4.57
CA VAL A 27 8.24 -5.68 4.35
C VAL A 27 7.77 -5.61 2.91
N SER A 28 7.42 -6.76 2.34
CA SER A 28 6.95 -6.83 0.96
C SER A 28 5.45 -7.06 0.91
N LEU A 29 4.83 -6.59 -0.17
CA LEU A 29 3.38 -6.74 -0.34
C LEU A 29 3.04 -7.14 -1.77
N LEU A 30 2.10 -8.07 -1.92
CA LEU A 30 1.69 -8.54 -3.23
C LEU A 30 0.22 -8.22 -3.49
N TRP A 31 -0.05 -7.55 -4.61
CA TRP A 31 -1.42 -7.18 -4.97
C TRP A 31 -1.61 -7.24 -6.48
N GLN A 32 -2.70 -7.89 -6.91
CA GLN A 32 -2.99 -8.01 -8.33
C GLN A 32 -3.88 -6.86 -8.81
N GLU A 33 -3.89 -6.63 -10.11
CA GLU A 33 -4.70 -5.57 -10.69
C GLU A 33 -6.15 -5.66 -10.22
N PRO A 34 -6.81 -4.50 -10.11
CA PRO A 34 -8.20 -4.43 -9.67
C PRO A 34 -9.17 -4.98 -10.72
N GLU A 35 -10.34 -5.40 -10.26
CA GLU A 35 -11.35 -5.94 -11.17
C GLU A 35 -11.50 -5.08 -12.41
N GLN A 36 -11.63 -3.78 -12.20
CA GLN A 36 -11.79 -2.84 -13.31
C GLN A 36 -10.93 -1.59 -13.10
N PRO A 37 -9.78 -1.54 -13.80
CA PRO A 37 -8.85 -0.41 -13.70
C PRO A 37 -9.42 0.86 -14.33
N ASN A 38 -10.35 0.70 -15.26
CA ASN A 38 -10.97 1.83 -15.93
C ASN A 38 -9.90 2.75 -16.52
N GLY A 39 -8.87 2.16 -17.11
CA GLY A 39 -7.81 2.95 -17.71
C GLY A 39 -6.43 2.50 -17.27
N ILE A 40 -5.41 2.86 -18.03
CA ILE A 40 -4.04 2.48 -17.71
C ILE A 40 -3.61 3.07 -16.37
N ILE A 41 -3.09 2.22 -15.49
CA ILE A 41 -2.63 2.66 -14.18
C ILE A 41 -1.15 3.03 -14.21
N LEU A 42 -0.88 4.33 -14.14
CA LEU A 42 0.50 4.82 -14.16
C LEU A 42 1.34 4.11 -13.10
N GLU A 43 0.91 4.20 -11.85
CA GLU A 43 1.63 3.57 -10.75
C GLU A 43 0.70 3.32 -9.57
N TYR A 44 1.20 2.60 -8.57
CA TYR A 44 0.42 2.29 -7.38
C TYR A 44 0.98 3.00 -6.15
N GLU A 45 0.14 3.77 -5.48
CA GLU A 45 0.55 4.51 -4.29
C GLU A 45 0.33 3.67 -3.03
N ILE A 46 1.38 3.53 -2.23
CA ILE A 46 1.31 2.76 -1.00
C ILE A 46 1.40 3.67 0.22
N LYS A 47 0.53 3.42 1.21
CA LYS A 47 0.52 4.21 2.43
C LYS A 47 0.66 3.32 3.65
N TYR A 48 1.76 3.50 4.39
CA TYR A 48 2.02 2.71 5.58
C TYR A 48 2.27 3.62 6.79
N TYR A 49 1.73 3.22 7.93
CA TYR A 49 1.89 3.99 9.16
C TYR A 49 1.79 3.10 10.38
N GLU A 50 2.06 3.67 11.55
CA GLU A 50 1.99 2.92 12.80
C GLU A 50 0.54 2.76 13.26
N LYS A 51 0.06 1.52 13.26
CA LYS A 51 -1.31 1.23 13.67
C LYS A 51 -1.48 1.43 15.18
N ASP A 52 -0.38 1.27 15.92
CA ASP A 52 -0.41 1.44 17.37
C ASP A 52 -0.43 2.92 17.75
N LYS A 53 0.36 3.71 17.04
CA LYS A 53 0.44 5.15 17.30
C LYS A 53 -0.54 5.91 16.42
N GLU A 54 -0.50 5.64 15.11
CA GLU A 54 -1.39 6.30 14.16
C GLU A 54 -1.05 7.78 14.05
N MET A 55 0.25 8.08 13.97
CA MET A 55 0.70 9.47 13.86
C MET A 55 0.02 10.17 12.69
N GLN A 56 0.36 11.44 12.49
CA GLN A 56 -0.23 12.23 11.41
C GLN A 56 0.57 12.06 10.12
N SER A 57 1.79 12.60 10.12
CA SER A 57 2.65 12.52 8.95
C SER A 57 2.98 11.07 8.60
N TYR A 58 2.30 10.53 7.59
CA TYR A 58 2.51 9.15 7.18
C TYR A 58 3.46 9.09 5.98
N SER A 59 4.14 7.96 5.83
CA SER A 59 5.08 7.77 4.73
C SER A 59 4.41 7.03 3.57
N THR A 60 4.61 7.55 2.36
CA THR A 60 4.03 6.95 1.17
C THR A 60 5.11 6.38 0.25
N LEU A 61 4.79 5.30 -0.44
CA LEU A 61 5.73 4.65 -1.34
C LEU A 61 5.11 4.47 -2.73
N LYS A 62 5.87 4.84 -3.75
CA LYS A 62 5.41 4.71 -5.13
C LYS A 62 5.98 3.45 -5.79
N ALA A 63 5.10 2.63 -6.35
CA ALA A 63 5.52 1.41 -7.02
C ALA A 63 4.95 1.32 -8.43
N VAL A 64 5.82 1.07 -9.40
CA VAL A 64 5.41 0.97 -10.80
C VAL A 64 4.83 -0.41 -11.10
N THR A 65 5.39 -1.43 -10.44
CA THR A 65 4.92 -2.80 -10.64
C THR A 65 3.97 -3.23 -9.53
N THR A 66 3.39 -4.41 -9.68
CA THR A 66 2.46 -4.93 -8.69
C THR A 66 3.19 -5.51 -7.49
N ARG A 67 4.51 -5.28 -7.44
CA ARG A 67 5.32 -5.77 -6.34
C ARG A 67 6.19 -4.65 -5.77
N ALA A 68 6.00 -4.36 -4.49
CA ALA A 68 6.77 -3.31 -3.82
C ALA A 68 7.16 -3.74 -2.41
N THR A 69 8.26 -3.16 -1.90
CA THR A 69 8.74 -3.49 -0.57
C THR A 69 9.01 -2.22 0.23
N VAL A 70 8.17 -1.96 1.23
CA VAL A 70 8.31 -0.79 2.07
C VAL A 70 9.50 -0.93 3.01
N SER A 71 10.50 -0.08 2.83
CA SER A 71 11.71 -0.11 3.66
C SER A 71 11.79 1.13 4.54
N GLY A 72 12.55 1.03 5.63
CA GLY A 72 12.71 2.14 6.53
C GLY A 72 11.64 2.17 7.61
N LEU A 73 11.29 0.99 8.12
CA LEU A 73 10.28 0.88 9.16
C LEU A 73 10.91 0.54 10.51
N LYS A 74 10.09 0.54 11.56
CA LYS A 74 10.58 0.23 12.90
C LYS A 74 10.23 -1.21 13.28
N PRO A 75 11.18 -1.88 13.94
CA PRO A 75 11.01 -3.28 14.38
C PRO A 75 10.00 -3.40 15.52
N GLY A 76 9.34 -4.55 15.59
CA GLY A 76 8.35 -4.77 16.64
C GLY A 76 7.28 -3.69 16.67
N THR A 77 6.85 -3.26 15.50
CA THR A 77 5.83 -2.22 15.39
C THR A 77 4.90 -2.47 14.21
N ARG A 78 3.66 -2.82 14.51
CA ARG A 78 2.67 -3.09 13.46
C ARG A 78 2.51 -1.89 12.53
N TYR A 79 2.21 -2.16 11.27
CA TYR A 79 2.04 -1.11 10.28
C TYR A 79 0.83 -1.39 9.39
N VAL A 80 -0.01 -0.36 9.21
CA VAL A 80 -1.20 -0.49 8.38
C VAL A 80 -0.93 -0.03 6.95
N PHE A 81 -0.75 -1.00 6.05
CA PHE A 81 -0.48 -0.69 4.65
C PHE A 81 -1.79 -0.49 3.89
N GLN A 82 -1.70 0.24 2.78
CA GLN A 82 -2.87 0.51 1.95
C GLN A 82 -2.48 0.80 0.51
N VAL A 83 -2.76 -0.14 -0.39
CA VAL A 83 -2.43 0.02 -1.79
C VAL A 83 -3.59 0.62 -2.57
N ARG A 84 -3.27 1.53 -3.49
CA ARG A 84 -4.30 2.18 -4.29
C ARG A 84 -3.80 2.42 -5.71
N ALA A 85 -4.73 2.51 -6.66
CA ALA A 85 -4.38 2.73 -8.06
C ALA A 85 -4.55 4.21 -8.43
N ARG A 86 -3.62 4.72 -9.22
CA ARG A 86 -3.67 6.12 -9.65
C ARG A 86 -3.67 6.22 -11.18
N THR A 87 -4.67 6.90 -11.72
CA THR A 87 -4.78 7.06 -13.16
C THR A 87 -4.81 8.55 -13.55
N SER A 88 -4.47 8.83 -14.80
CA SER A 88 -4.45 10.20 -15.29
C SER A 88 -5.80 10.87 -15.09
N ALA A 89 -6.87 10.15 -15.42
CA ALA A 89 -8.22 10.67 -15.27
C ALA A 89 -8.46 11.19 -13.86
N GLY A 90 -8.11 10.37 -12.87
CA GLY A 90 -8.30 10.77 -11.48
C GLY A 90 -7.64 9.81 -10.52
N CYS A 91 -8.40 9.36 -9.52
CA CYS A 91 -7.88 8.43 -8.52
C CYS A 91 -8.98 7.53 -7.99
N GLY A 92 -8.59 6.50 -7.24
CA GLY A 92 -9.56 5.57 -6.69
C GLY A 92 -9.60 5.61 -5.18
N ARG A 93 -9.68 4.44 -4.55
CA ARG A 93 -9.73 4.35 -3.10
C ARG A 93 -8.60 3.46 -2.57
N PHE A 94 -8.35 3.55 -1.27
CA PHE A 94 -7.30 2.76 -0.64
C PHE A 94 -7.79 1.35 -0.33
N SER A 95 -6.92 0.37 -0.54
CA SER A 95 -7.27 -1.03 -0.28
C SER A 95 -7.69 -1.22 1.16
N GLN A 96 -8.07 -2.45 1.51
CA GLN A 96 -8.51 -2.77 2.86
C GLN A 96 -7.36 -2.62 3.85
N ALA A 97 -7.66 -2.05 5.01
CA ALA A 97 -6.65 -1.84 6.04
C ALA A 97 -5.97 -3.14 6.43
N MET A 98 -4.77 -3.35 5.92
CA MET A 98 -4.01 -4.57 6.20
C MET A 98 -3.06 -4.35 7.38
N GLU A 99 -3.11 -5.26 8.35
CA GLU A 99 -2.26 -5.17 9.53
C GLU A 99 -1.10 -6.15 9.43
N VAL A 100 0.12 -5.63 9.53
CA VAL A 100 1.32 -6.46 9.46
C VAL A 100 2.38 -5.98 10.44
N GLU A 101 3.04 -6.93 11.11
CA GLU A 101 4.08 -6.60 12.08
C GLU A 101 5.45 -7.01 11.57
N THR A 102 6.48 -6.29 12.00
CA THR A 102 7.84 -6.58 11.58
C THR A 102 8.57 -7.42 12.62
N GLY A 103 9.75 -7.91 12.26
CA GLY A 103 10.53 -8.72 13.18
C GLY A 103 10.98 -7.95 14.41
N LYS A 104 10.52 -8.38 15.58
CA LYS A 104 10.86 -7.72 16.82
C LYS A 104 12.37 -7.62 16.97
N PRO A 105 12.83 -6.55 17.67
CA PRO A 105 14.25 -6.31 17.90
C PRO A 105 14.86 -7.33 18.87
N SER A 106 14.12 -7.65 19.92
CA SER A 106 14.59 -8.61 20.92
C SER A 106 15.32 -9.78 20.25
N GLY A 107 14.67 -10.37 19.25
CA GLY A 107 15.26 -11.50 18.55
C GLY A 107 15.27 -11.30 17.04
N PRO A 108 15.69 -12.34 16.31
CA PRO A 108 15.75 -12.30 14.84
C PRO A 108 14.36 -12.29 14.21
N SER A 109 13.52 -13.23 14.63
CA SER A 109 12.16 -13.32 14.09
C SER A 109 11.13 -13.31 15.22
N SER A 110 9.92 -12.89 14.90
CA SER A 110 8.85 -12.82 15.88
C SER A 110 7.56 -13.42 15.32
N GLY A 111 7.07 -14.47 15.98
CA GLY A 111 5.85 -15.13 15.53
C GLY A 111 5.11 -15.81 16.66
N GLY A 1 -9.70 15.86 -32.62
CA GLY A 1 -10.08 14.49 -32.32
C GLY A 1 -11.44 14.39 -31.64
N SER A 2 -12.49 14.70 -32.38
CA SER A 2 -13.85 14.66 -31.85
C SER A 2 -14.13 13.31 -31.19
N SER A 3 -13.80 12.24 -31.90
CA SER A 3 -14.02 10.89 -31.38
C SER A 3 -12.76 10.37 -30.69
N GLY A 4 -12.96 9.51 -29.68
CA GLY A 4 -11.85 8.96 -28.94
C GLY A 4 -12.05 9.02 -27.44
N SER A 5 -11.45 10.02 -26.81
CA SER A 5 -11.56 10.18 -25.36
C SER A 5 -13.02 10.27 -24.93
N SER A 6 -13.46 9.29 -24.16
CA SER A 6 -14.84 9.25 -23.69
C SER A 6 -15.04 10.22 -22.53
N GLY A 7 -14.09 10.21 -21.59
CA GLY A 7 -14.19 11.09 -20.44
C GLY A 7 -13.21 10.71 -19.35
N GLN A 8 -13.69 10.69 -18.10
CA GLN A 8 -12.85 10.35 -16.96
C GLN A 8 -13.58 9.41 -16.01
N ALA A 9 -12.96 8.28 -15.71
CA ALA A 9 -13.55 7.30 -14.80
C ALA A 9 -12.52 6.77 -13.82
N ALA A 10 -12.85 6.84 -12.53
CA ALA A 10 -11.95 6.36 -11.48
C ALA A 10 -11.70 4.86 -11.61
N PRO A 11 -10.46 4.44 -11.36
CA PRO A 11 -10.07 3.03 -11.43
C PRO A 11 -10.68 2.20 -10.31
N SER A 12 -10.65 0.88 -10.48
CA SER A 12 -11.20 -0.03 -9.48
C SER A 12 -10.33 -0.05 -8.22
N GLN A 13 -10.98 -0.12 -7.07
CA GLN A 13 -10.27 -0.15 -5.80
C GLN A 13 -9.65 -1.53 -5.55
N VAL A 14 -8.32 -1.56 -5.43
CA VAL A 14 -7.61 -2.81 -5.20
C VAL A 14 -8.12 -3.50 -3.94
N VAL A 15 -8.64 -4.71 -4.10
CA VAL A 15 -9.16 -5.48 -2.97
C VAL A 15 -8.32 -6.73 -2.73
N VAL A 16 -7.13 -6.75 -3.31
CA VAL A 16 -6.23 -7.90 -3.15
C VAL A 16 -4.86 -7.45 -2.66
N ILE A 17 -4.57 -7.76 -1.39
CA ILE A 17 -3.29 -7.40 -0.80
C ILE A 17 -2.75 -8.52 0.09
N ARG A 18 -1.55 -8.97 -0.21
CA ARG A 18 -0.91 -10.04 0.56
C ARG A 18 0.56 -9.74 0.83
N GLN A 19 1.18 -10.54 1.68
CA GLN A 19 2.59 -10.36 2.02
C GLN A 19 3.44 -11.47 1.43
N GLU A 20 4.52 -11.08 0.74
CA GLU A 20 5.42 -12.05 0.12
C GLU A 20 6.53 -12.45 1.09
N ARG A 21 7.07 -11.47 1.79
CA ARG A 21 8.14 -11.72 2.75
C ARG A 21 8.21 -10.60 3.80
N ALA A 22 8.23 -10.99 5.07
CA ALA A 22 8.30 -10.03 6.16
C ALA A 22 9.71 -9.96 6.73
N GLY A 23 10.23 -8.74 6.85
CA GLY A 23 11.57 -8.56 7.38
C GLY A 23 11.56 -7.89 8.74
N GLN A 24 12.75 -7.72 9.33
CA GLN A 24 12.87 -7.09 10.64
C GLN A 24 12.56 -5.60 10.56
N THR A 25 13.22 -4.92 9.61
CA THR A 25 13.02 -3.49 9.42
C THR A 25 12.38 -3.19 8.08
N SER A 26 11.94 -4.24 7.39
CA SER A 26 11.31 -4.08 6.08
C SER A 26 10.15 -5.06 5.92
N VAL A 27 9.33 -4.82 4.90
CA VAL A 27 8.18 -5.68 4.63
C VAL A 27 7.80 -5.64 3.16
N SER A 28 7.60 -6.83 2.58
CA SER A 28 7.24 -6.93 1.16
C SER A 28 5.74 -7.07 1.01
N LEU A 29 5.19 -6.43 -0.02
CA LEU A 29 3.75 -6.48 -0.29
C LEU A 29 3.47 -7.17 -1.62
N LEU A 30 2.21 -7.54 -1.84
CA LEU A 30 1.81 -8.20 -3.06
C LEU A 30 0.35 -7.90 -3.40
N TRP A 31 0.13 -7.24 -4.52
CA TRP A 31 -1.22 -6.90 -4.95
C TRP A 31 -1.35 -6.97 -6.47
N GLN A 32 -2.37 -7.69 -6.94
CA GLN A 32 -2.59 -7.84 -8.37
C GLN A 32 -3.52 -6.75 -8.90
N GLU A 33 -3.57 -6.59 -10.21
CA GLU A 33 -4.42 -5.60 -10.84
C GLU A 33 -5.86 -5.72 -10.34
N PRO A 34 -6.55 -4.57 -10.25
CA PRO A 34 -7.95 -4.54 -9.80
C PRO A 34 -8.91 -5.16 -10.80
N GLU A 35 -10.17 -5.26 -10.42
CA GLU A 35 -11.19 -5.83 -11.29
C GLU A 35 -11.32 -5.05 -12.58
N GLN A 36 -11.36 -3.72 -12.46
CA GLN A 36 -11.48 -2.85 -13.62
C GLN A 36 -10.75 -1.53 -13.39
N PRO A 37 -9.56 -1.41 -13.98
CA PRO A 37 -8.73 -0.20 -13.85
C PRO A 37 -9.33 0.99 -14.59
N ASN A 38 -10.22 0.71 -15.54
CA ASN A 38 -10.87 1.77 -16.31
C ASN A 38 -9.83 2.64 -17.00
N GLY A 39 -8.80 2.01 -17.57
CA GLY A 39 -7.76 2.75 -18.25
C GLY A 39 -6.37 2.39 -17.76
N ILE A 40 -5.37 3.13 -18.22
CA ILE A 40 -4.00 2.89 -17.82
C ILE A 40 -3.69 3.53 -16.47
N ILE A 41 -3.12 2.74 -15.56
CA ILE A 41 -2.78 3.23 -14.23
C ILE A 41 -1.34 3.73 -14.19
N LEU A 42 -1.17 5.00 -13.83
CA LEU A 42 0.15 5.59 -13.74
C LEU A 42 1.07 4.78 -12.83
N GLU A 43 0.69 4.68 -11.56
CA GLU A 43 1.47 3.92 -10.60
C GLU A 43 0.62 3.54 -9.39
N TYR A 44 1.12 2.59 -8.60
CA TYR A 44 0.40 2.13 -7.41
C TYR A 44 1.04 2.69 -6.14
N GLU A 45 0.26 3.49 -5.40
CA GLU A 45 0.76 4.09 -4.16
C GLU A 45 0.55 3.14 -2.99
N ILE A 46 1.34 3.32 -1.94
CA ILE A 46 1.24 2.49 -0.75
C ILE A 46 1.30 3.33 0.52
N LYS A 47 0.31 3.16 1.38
CA LYS A 47 0.24 3.90 2.64
C LYS A 47 0.65 3.03 3.81
N TYR A 48 1.74 3.42 4.48
CA TYR A 48 2.24 2.67 5.62
C TYR A 48 2.49 3.58 6.81
N TYR A 49 1.96 3.20 7.97
CA TYR A 49 2.13 3.99 9.19
C TYR A 49 2.04 3.11 10.43
N GLU A 50 2.61 3.58 11.52
CA GLU A 50 2.61 2.84 12.78
C GLU A 50 1.18 2.52 13.21
N LYS A 51 0.87 1.22 13.30
CA LYS A 51 -0.45 0.79 13.71
C LYS A 51 -0.78 1.24 15.13
N ASP A 52 0.23 1.21 16.00
CA ASP A 52 0.05 1.63 17.38
C ASP A 52 0.27 3.13 17.53
N LYS A 53 0.35 3.83 16.39
CA LYS A 53 0.56 5.27 16.40
C LYS A 53 -0.14 5.91 15.21
N GLU A 54 -0.06 7.24 15.13
CA GLU A 54 -0.68 7.98 14.04
C GLU A 54 -0.01 9.34 13.86
N MET A 55 0.72 9.50 12.76
CA MET A 55 1.40 10.76 12.47
C MET A 55 0.53 11.66 11.59
N GLN A 56 0.47 12.94 11.95
CA GLN A 56 -0.32 13.90 11.20
C GLN A 56 -0.16 13.68 9.70
N SER A 57 1.06 13.35 9.29
CA SER A 57 1.35 13.12 7.87
C SER A 57 1.84 11.70 7.64
N TYR A 58 0.95 10.85 7.14
CA TYR A 58 1.28 9.46 6.87
C TYR A 58 2.33 9.35 5.76
N SER A 59 3.08 8.25 5.78
CA SER A 59 4.12 8.03 4.78
C SER A 59 3.58 7.18 3.62
N THR A 60 3.76 7.67 2.40
CA THR A 60 3.30 6.96 1.22
C THR A 60 4.47 6.54 0.33
N LEU A 61 4.30 5.42 -0.35
CA LEU A 61 5.35 4.90 -1.24
C LEU A 61 4.80 4.63 -2.63
N LYS A 62 5.51 5.14 -3.65
CA LYS A 62 5.10 4.95 -5.03
C LYS A 62 5.71 3.67 -5.61
N ALA A 63 4.87 2.83 -6.20
CA ALA A 63 5.32 1.59 -6.79
C ALA A 63 4.87 1.47 -8.24
N VAL A 64 5.80 1.12 -9.13
CA VAL A 64 5.50 0.98 -10.55
C VAL A 64 5.03 -0.43 -10.87
N THR A 65 5.57 -1.41 -10.14
CA THR A 65 5.21 -2.81 -10.35
C THR A 65 4.14 -3.26 -9.35
N THR A 66 3.58 -4.43 -9.59
CA THR A 66 2.54 -4.97 -8.72
C THR A 66 3.16 -5.61 -7.46
N ARG A 67 4.45 -5.34 -7.25
CA ARG A 67 5.15 -5.89 -6.09
C ARG A 67 6.21 -4.91 -5.59
N ALA A 68 6.04 -4.46 -4.36
CA ALA A 68 6.99 -3.53 -3.75
C ALA A 68 7.33 -3.93 -2.32
N THR A 69 8.39 -3.34 -1.78
CA THR A 69 8.82 -3.64 -0.42
C THR A 69 9.11 -2.36 0.37
N VAL A 70 8.25 -2.05 1.32
CA VAL A 70 8.41 -0.85 2.14
C VAL A 70 9.55 -1.02 3.13
N SER A 71 10.67 -0.34 2.86
CA SER A 71 11.83 -0.42 3.73
C SER A 71 11.94 0.82 4.60
N GLY A 72 12.70 0.71 5.69
CA GLY A 72 12.87 1.83 6.60
C GLY A 72 11.83 1.85 7.70
N LEU A 73 11.55 0.68 8.26
CA LEU A 73 10.57 0.57 9.33
C LEU A 73 11.24 0.14 10.64
N LYS A 74 10.47 0.13 11.72
CA LYS A 74 10.97 -0.26 13.03
C LYS A 74 10.52 -1.66 13.40
N PRO A 75 11.39 -2.42 14.07
CA PRO A 75 11.11 -3.79 14.50
C PRO A 75 10.07 -3.84 15.62
N GLY A 76 9.46 -5.00 15.80
CA GLY A 76 8.44 -5.15 16.83
C GLY A 76 7.46 -4.01 16.86
N THR A 77 6.86 -3.71 15.71
CA THR A 77 5.90 -2.62 15.60
C THR A 77 4.94 -2.85 14.44
N ARG A 78 3.67 -3.08 14.76
CA ARG A 78 2.65 -3.32 13.74
C ARG A 78 2.58 -2.15 12.76
N TYR A 79 2.43 -2.47 11.48
CA TYR A 79 2.35 -1.45 10.45
C TYR A 79 1.15 -1.68 9.54
N VAL A 80 0.35 -0.63 9.36
CA VAL A 80 -0.85 -0.71 8.52
C VAL A 80 -0.53 -0.33 7.08
N PHE A 81 -0.67 -1.28 6.17
CA PHE A 81 -0.40 -1.05 4.76
C PHE A 81 -1.69 -0.88 3.97
N GLN A 82 -1.63 -0.11 2.89
CA GLN A 82 -2.80 0.13 2.06
C GLN A 82 -2.39 0.54 0.65
N VAL A 83 -2.68 -0.32 -0.32
CA VAL A 83 -2.34 -0.05 -1.71
C VAL A 83 -3.55 0.50 -2.47
N ARG A 84 -3.27 1.25 -3.53
CA ARG A 84 -4.34 1.84 -4.34
C ARG A 84 -3.83 2.17 -5.74
N ALA A 85 -4.75 2.26 -6.69
CA ALA A 85 -4.41 2.57 -8.07
C ALA A 85 -4.74 4.02 -8.41
N ARG A 86 -3.99 4.59 -9.35
CA ARG A 86 -4.22 5.96 -9.77
C ARG A 86 -4.16 6.10 -11.28
N THR A 87 -5.09 6.87 -11.85
CA THR A 87 -5.16 7.07 -13.28
C THR A 87 -5.11 8.55 -13.63
N SER A 88 -4.89 8.84 -14.92
CA SER A 88 -4.82 10.22 -15.38
C SER A 88 -6.15 10.94 -15.18
N ALA A 89 -7.24 10.20 -15.35
CA ALA A 89 -8.58 10.76 -15.20
C ALA A 89 -8.83 11.17 -13.75
N GLY A 90 -8.66 10.22 -12.83
CA GLY A 90 -8.87 10.51 -11.42
C GLY A 90 -8.14 9.53 -10.52
N CYS A 91 -8.65 9.37 -9.30
CA CYS A 91 -8.03 8.46 -8.33
C CYS A 91 -9.09 7.55 -7.71
N GLY A 92 -8.65 6.35 -7.29
CA GLY A 92 -9.57 5.41 -6.68
C GLY A 92 -9.63 5.55 -5.18
N ARG A 93 -9.46 4.44 -4.47
CA ARG A 93 -9.49 4.44 -3.01
C ARG A 93 -8.45 3.47 -2.45
N PHE A 94 -8.25 3.54 -1.13
CA PHE A 94 -7.29 2.67 -0.46
C PHE A 94 -7.92 1.32 -0.12
N SER A 95 -7.20 0.24 -0.41
CA SER A 95 -7.69 -1.10 -0.13
C SER A 95 -7.93 -1.30 1.36
N GLN A 96 -8.53 -2.43 1.71
CA GLN A 96 -8.81 -2.74 3.11
C GLN A 96 -7.56 -2.60 3.96
N ALA A 97 -7.73 -2.06 5.17
CA ALA A 97 -6.61 -1.87 6.08
C ALA A 97 -6.03 -3.21 6.52
N MET A 98 -4.78 -3.44 6.15
CA MET A 98 -4.09 -4.68 6.51
C MET A 98 -3.14 -4.47 7.68
N GLU A 99 -3.02 -5.47 8.52
CA GLU A 99 -2.15 -5.40 9.69
C GLU A 99 -0.99 -6.38 9.56
N VAL A 100 0.24 -5.87 9.68
CA VAL A 100 1.43 -6.70 9.58
C VAL A 100 2.48 -6.27 10.61
N GLU A 101 3.03 -7.25 11.32
CA GLU A 101 4.05 -6.98 12.33
C GLU A 101 5.42 -7.37 11.83
N THR A 102 6.45 -6.62 12.27
CA THR A 102 7.82 -6.89 11.85
C THR A 102 8.55 -7.70 12.91
N GLY A 103 9.71 -8.23 12.54
CA GLY A 103 10.50 -9.02 13.47
C GLY A 103 11.04 -8.20 14.62
N LYS A 104 10.79 -8.66 15.84
CA LYS A 104 11.25 -7.97 17.03
C LYS A 104 12.77 -7.83 17.04
N PRO A 105 13.27 -6.82 17.76
CA PRO A 105 14.71 -6.57 17.86
C PRO A 105 15.43 -7.63 18.67
N SER A 106 14.69 -8.64 19.12
CA SER A 106 15.25 -9.73 19.91
C SER A 106 15.18 -11.05 19.16
N GLY A 107 16.19 -11.89 19.35
CA GLY A 107 16.23 -13.18 18.69
C GLY A 107 16.08 -14.34 19.65
N PRO A 108 16.24 -15.57 19.14
CA PRO A 108 16.12 -16.78 19.94
C PRO A 108 17.29 -16.95 20.91
N SER A 109 17.05 -16.60 22.17
CA SER A 109 18.08 -16.70 23.20
C SER A 109 18.82 -18.04 23.10
N SER A 110 18.06 -19.12 22.96
CA SER A 110 18.62 -20.45 22.86
C SER A 110 19.47 -20.78 24.08
N GLY A 111 18.95 -20.42 25.26
CA GLY A 111 19.66 -20.68 26.49
C GLY A 111 20.94 -19.86 26.61
N GLY A 1 -10.89 20.59 -5.96
CA GLY A 1 -10.37 21.40 -7.05
C GLY A 1 -9.55 20.59 -8.03
N SER A 2 -10.21 19.95 -8.98
CA SER A 2 -9.53 19.13 -9.98
C SER A 2 -9.21 19.97 -11.22
N SER A 3 -8.18 19.54 -11.96
CA SER A 3 -7.78 20.24 -13.17
C SER A 3 -8.75 19.97 -14.32
N GLY A 4 -8.86 18.70 -14.69
CA GLY A 4 -9.76 18.33 -15.77
C GLY A 4 -10.84 17.36 -15.32
N SER A 5 -11.84 17.87 -14.62
CA SER A 5 -12.93 17.04 -14.13
C SER A 5 -13.34 16.00 -15.17
N SER A 6 -13.79 16.48 -16.32
CA SER A 6 -14.22 15.60 -17.40
C SER A 6 -13.08 14.66 -17.81
N GLY A 7 -13.45 13.51 -18.39
CA GLY A 7 -12.45 12.55 -18.82
C GLY A 7 -12.91 11.12 -18.62
N GLN A 8 -12.35 10.46 -17.62
CA GLN A 8 -12.71 9.07 -17.32
C GLN A 8 -13.00 8.89 -15.84
N ALA A 9 -13.75 7.85 -15.51
CA ALA A 9 -14.11 7.56 -14.13
C ALA A 9 -12.92 6.96 -13.37
N ALA A 10 -12.84 7.25 -12.08
CA ALA A 10 -11.76 6.75 -11.25
C ALA A 10 -11.71 5.23 -11.28
N PRO A 11 -10.50 4.67 -11.06
CA PRO A 11 -10.29 3.22 -11.06
C PRO A 11 -10.94 2.54 -9.85
N SER A 12 -10.78 1.22 -9.77
CA SER A 12 -11.34 0.46 -8.67
C SER A 12 -10.32 0.27 -7.55
N GLN A 13 -10.74 -0.36 -6.46
CA GLN A 13 -9.87 -0.61 -5.33
C GLN A 13 -9.50 -2.08 -5.23
N VAL A 14 -8.20 -2.35 -5.10
CA VAL A 14 -7.71 -3.72 -5.00
C VAL A 14 -8.13 -4.36 -3.69
N VAL A 15 -8.85 -5.47 -3.78
CA VAL A 15 -9.32 -6.18 -2.60
C VAL A 15 -8.50 -7.45 -2.36
N VAL A 16 -7.34 -7.53 -3.00
CA VAL A 16 -6.47 -8.69 -2.87
C VAL A 16 -5.06 -8.26 -2.50
N ILE A 17 -4.64 -8.58 -1.28
CA ILE A 17 -3.30 -8.23 -0.81
C ILE A 17 -2.72 -9.35 0.04
N ARG A 18 -1.42 -9.60 -0.14
CA ARG A 18 -0.74 -10.65 0.60
C ARG A 18 0.64 -10.18 1.05
N GLN A 19 1.32 -11.02 1.84
CA GLN A 19 2.64 -10.67 2.34
C GLN A 19 3.68 -11.70 1.87
N GLU A 20 4.51 -11.28 0.92
CA GLU A 20 5.55 -12.16 0.38
C GLU A 20 6.64 -12.41 1.42
N ARG A 21 7.11 -11.34 2.06
CA ARG A 21 8.15 -11.44 3.06
C ARG A 21 8.08 -10.28 4.04
N ALA A 22 8.72 -10.44 5.20
CA ALA A 22 8.73 -9.40 6.22
C ALA A 22 9.97 -9.50 7.10
N GLY A 23 10.93 -8.61 6.85
CA GLY A 23 12.16 -8.61 7.63
C GLY A 23 12.02 -7.86 8.93
N GLN A 24 13.04 -7.09 9.27
CA GLN A 24 13.04 -6.32 10.52
C GLN A 24 12.55 -4.89 10.26
N THR A 25 13.16 -4.23 9.29
CA THR A 25 12.79 -2.85 8.95
C THR A 25 12.24 -2.77 7.53
N SER A 26 11.87 -3.91 6.97
CA SER A 26 11.34 -3.97 5.62
C SER A 26 10.27 -5.06 5.51
N VAL A 27 9.32 -4.84 4.60
CA VAL A 27 8.24 -5.80 4.38
C VAL A 27 7.73 -5.75 2.95
N SER A 28 7.58 -6.93 2.34
CA SER A 28 7.12 -7.02 0.96
C SER A 28 5.59 -7.17 0.92
N LEU A 29 4.99 -6.68 -0.16
CA LEU A 29 3.55 -6.76 -0.33
C LEU A 29 3.19 -7.30 -1.71
N LEU A 30 2.01 -7.91 -1.81
CA LEU A 30 1.55 -8.47 -3.08
C LEU A 30 0.06 -8.18 -3.30
N TRP A 31 -0.23 -7.39 -4.32
CA TRP A 31 -1.63 -7.03 -4.63
C TRP A 31 -1.94 -7.34 -6.09
N GLN A 32 -3.23 -7.35 -6.42
CA GLN A 32 -3.67 -7.63 -7.77
C GLN A 32 -4.24 -6.38 -8.43
N GLU A 33 -4.58 -6.47 -9.71
CA GLU A 33 -5.15 -5.35 -10.44
C GLU A 33 -6.59 -5.09 -10.02
N PRO A 34 -7.00 -3.82 -10.06
CA PRO A 34 -8.36 -3.41 -9.69
C PRO A 34 -9.40 -3.88 -10.69
N GLU A 35 -10.53 -4.37 -10.19
CA GLU A 35 -11.61 -4.86 -11.05
C GLU A 35 -11.69 -4.03 -12.33
N GLN A 36 -11.93 -2.73 -12.18
CA GLN A 36 -12.03 -1.84 -13.32
C GLN A 36 -11.18 -0.59 -13.12
N PRO A 37 -10.01 -0.57 -13.78
CA PRO A 37 -9.07 0.56 -13.68
C PRO A 37 -9.60 1.80 -14.38
N ASN A 38 -10.48 1.61 -15.36
CA ASN A 38 -11.06 2.73 -16.10
C ASN A 38 -9.97 3.58 -16.73
N GLY A 39 -8.96 2.92 -17.30
CA GLY A 39 -7.87 3.64 -17.93
C GLY A 39 -6.52 3.04 -17.62
N ILE A 40 -5.46 3.72 -18.02
CA ILE A 40 -4.10 3.24 -17.77
C ILE A 40 -3.58 3.71 -16.41
N ILE A 41 -2.98 2.80 -15.68
CA ILE A 41 -2.43 3.11 -14.36
C ILE A 41 -0.96 3.47 -14.45
N LEU A 42 -0.61 4.63 -13.90
CA LEU A 42 0.78 5.10 -13.91
C LEU A 42 1.62 4.32 -12.89
N GLU A 43 1.13 4.25 -11.66
CA GLU A 43 1.84 3.54 -10.60
C GLU A 43 0.93 3.33 -9.39
N TYR A 44 1.31 2.40 -8.52
CA TYR A 44 0.53 2.10 -7.33
C TYR A 44 1.14 2.79 -6.10
N GLU A 45 0.29 3.44 -5.32
CA GLU A 45 0.75 4.13 -4.12
C GLU A 45 0.45 3.30 -2.87
N ILE A 46 1.50 2.96 -2.13
CA ILE A 46 1.35 2.17 -0.92
C ILE A 46 1.45 3.06 0.33
N LYS A 47 0.38 3.07 1.12
CA LYS A 47 0.35 3.88 2.34
C LYS A 47 0.59 3.00 3.56
N TYR A 48 1.64 3.31 4.30
CA TYR A 48 1.99 2.55 5.50
C TYR A 48 2.30 3.49 6.66
N TYR A 49 1.63 3.27 7.79
CA TYR A 49 1.83 4.09 8.97
C TYR A 49 1.80 3.24 10.24
N GLU A 50 2.27 3.83 11.35
CA GLU A 50 2.30 3.11 12.62
C GLU A 50 0.91 2.64 13.01
N LYS A 51 0.70 1.33 12.94
CA LYS A 51 -0.60 0.74 13.29
C LYS A 51 -1.11 1.31 14.62
N ASP A 52 -0.29 1.19 15.66
CA ASP A 52 -0.65 1.68 16.98
C ASP A 52 -0.71 3.21 17.00
N LYS A 53 0.26 3.84 16.34
CA LYS A 53 0.33 5.29 16.28
C LYS A 53 -0.15 5.80 14.92
N GLU A 54 -1.37 6.31 14.87
CA GLU A 54 -1.94 6.82 13.63
C GLU A 54 -1.97 8.35 13.64
N MET A 55 -1.02 8.96 12.94
CA MET A 55 -0.94 10.40 12.86
C MET A 55 -1.37 10.91 11.50
N GLN A 56 -1.68 12.20 11.41
CA GLN A 56 -2.10 12.80 10.15
C GLN A 56 -1.10 12.51 9.04
N SER A 57 0.13 12.96 9.25
CA SER A 57 1.19 12.75 8.26
C SER A 57 1.47 11.26 8.07
N TYR A 58 1.31 10.79 6.84
CA TYR A 58 1.54 9.39 6.53
C TYR A 58 2.57 9.25 5.40
N SER A 59 3.30 8.13 5.41
CA SER A 59 4.31 7.87 4.39
C SER A 59 3.74 6.99 3.27
N THR A 60 3.94 7.43 2.03
CA THR A 60 3.46 6.69 0.87
C THR A 60 4.61 6.24 -0.02
N LEU A 61 4.45 5.08 -0.64
CA LEU A 61 5.48 4.54 -1.52
C LEU A 61 4.98 4.47 -2.97
N LYS A 62 5.92 4.43 -3.91
CA LYS A 62 5.57 4.36 -5.33
C LYS A 62 6.09 3.06 -5.95
N ALA A 63 5.21 2.34 -6.62
CA ALA A 63 5.58 1.09 -7.26
C ALA A 63 5.00 1.01 -8.68
N VAL A 64 5.85 0.65 -9.63
CA VAL A 64 5.41 0.53 -11.02
C VAL A 64 4.75 -0.81 -11.27
N THR A 65 5.09 -1.80 -10.45
CA THR A 65 4.52 -3.14 -10.59
C THR A 65 3.69 -3.51 -9.38
N THR A 66 2.91 -4.58 -9.50
CA THR A 66 2.06 -5.04 -8.41
C THR A 66 2.89 -5.56 -7.24
N ARG A 67 4.21 -5.55 -7.42
CA ARG A 67 5.12 -6.02 -6.37
C ARG A 67 6.01 -4.89 -5.88
N ALA A 68 6.03 -4.70 -4.57
CA ALA A 68 6.84 -3.64 -3.95
C ALA A 68 7.34 -4.07 -2.59
N THR A 69 8.42 -3.43 -2.14
CA THR A 69 9.02 -3.75 -0.84
C THR A 69 9.19 -2.48 -0.01
N VAL A 70 8.35 -2.33 1.02
CA VAL A 70 8.42 -1.17 1.90
C VAL A 70 9.63 -1.25 2.82
N SER A 71 10.50 -0.25 2.72
CA SER A 71 11.70 -0.21 3.55
C SER A 71 11.75 1.07 4.38
N GLY A 72 12.53 1.05 5.45
CA GLY A 72 12.65 2.20 6.32
C GLY A 72 11.60 2.23 7.41
N LEU A 73 11.29 1.06 7.95
CA LEU A 73 10.28 0.95 9.00
C LEU A 73 10.94 0.67 10.35
N LYS A 74 10.14 0.63 11.41
CA LYS A 74 10.65 0.38 12.75
C LYS A 74 10.35 -1.06 13.17
N PRO A 75 11.31 -1.69 13.86
CA PRO A 75 11.18 -3.08 14.33
C PRO A 75 10.17 -3.19 15.46
N GLY A 76 9.65 -4.41 15.67
CA GLY A 76 8.68 -4.64 16.71
C GLY A 76 7.59 -3.58 16.74
N THR A 77 7.11 -3.21 15.56
CA THR A 77 6.06 -2.21 15.44
C THR A 77 5.10 -2.54 14.30
N ARG A 78 3.82 -2.68 14.63
CA ARG A 78 2.81 -2.99 13.63
C ARG A 78 2.62 -1.82 12.66
N TYR A 79 2.40 -2.15 11.39
CA TYR A 79 2.21 -1.13 10.36
C TYR A 79 1.03 -1.48 9.47
N VAL A 80 0.15 -0.51 9.26
CA VAL A 80 -1.02 -0.71 8.42
C VAL A 80 -0.73 -0.36 6.97
N PHE A 81 -0.62 -1.39 6.12
CA PHE A 81 -0.34 -1.19 4.71
C PHE A 81 -1.63 -1.01 3.92
N GLN A 82 -1.55 -0.20 2.86
CA GLN A 82 -2.71 0.07 2.02
C GLN A 82 -2.29 0.36 0.59
N VAL A 83 -2.66 -0.53 -0.33
CA VAL A 83 -2.33 -0.37 -1.74
C VAL A 83 -3.45 0.34 -2.50
N ARG A 84 -3.07 1.25 -3.40
CA ARG A 84 -4.04 1.99 -4.19
C ARG A 84 -3.57 2.13 -5.63
N ALA A 85 -4.53 2.31 -6.54
CA ALA A 85 -4.21 2.46 -7.96
C ALA A 85 -4.39 3.90 -8.41
N ARG A 86 -3.29 4.52 -8.85
CA ARG A 86 -3.33 5.90 -9.31
C ARG A 86 -3.34 5.97 -10.84
N THR A 87 -4.35 6.63 -11.39
CA THR A 87 -4.48 6.77 -12.84
C THR A 87 -4.48 8.23 -13.25
N SER A 88 -3.87 8.52 -14.39
CA SER A 88 -3.81 9.89 -14.91
C SER A 88 -5.06 10.67 -14.54
N ALA A 89 -6.22 10.06 -14.81
CA ALA A 89 -7.50 10.70 -14.52
C ALA A 89 -7.55 11.18 -13.06
N GLY A 90 -7.42 10.24 -12.13
CA GLY A 90 -7.46 10.58 -10.72
C GLY A 90 -6.89 9.50 -9.84
N CYS A 91 -7.30 9.48 -8.57
CA CYS A 91 -6.82 8.48 -7.63
C CYS A 91 -7.95 7.60 -7.13
N GLY A 92 -7.62 6.40 -6.66
CA GLY A 92 -8.63 5.48 -6.18
C GLY A 92 -8.55 5.29 -4.67
N ARG A 93 -9.47 4.50 -4.13
CA ARG A 93 -9.50 4.23 -2.70
C ARG A 93 -8.37 3.29 -2.30
N PHE A 94 -8.07 3.25 -1.01
CA PHE A 94 -7.01 2.39 -0.49
C PHE A 94 -7.52 0.98 -0.24
N SER A 95 -6.68 -0.01 -0.49
CA SER A 95 -7.05 -1.41 -0.29
C SER A 95 -7.47 -1.66 1.15
N GLN A 96 -7.94 -2.88 1.43
CA GLN A 96 -8.37 -3.24 2.77
C GLN A 96 -7.26 -3.01 3.78
N ALA A 97 -7.61 -2.41 4.92
CA ALA A 97 -6.64 -2.13 5.97
C ALA A 97 -5.86 -3.40 6.33
N MET A 98 -4.63 -3.48 5.83
CA MET A 98 -3.78 -4.63 6.11
C MET A 98 -3.03 -4.45 7.44
N GLU A 99 -2.83 -5.55 8.16
CA GLU A 99 -2.14 -5.51 9.44
C GLU A 99 -0.96 -6.48 9.45
N VAL A 100 0.23 -5.94 9.73
CA VAL A 100 1.44 -6.75 9.77
C VAL A 100 2.42 -6.23 10.82
N GLU A 101 3.19 -7.14 11.41
CA GLU A 101 4.16 -6.76 12.43
C GLU A 101 5.58 -7.08 11.97
N THR A 102 6.49 -6.13 12.18
CA THR A 102 7.88 -6.32 11.78
C THR A 102 8.63 -7.19 12.78
N GLY A 103 9.85 -7.59 12.42
CA GLY A 103 10.64 -8.43 13.29
C GLY A 103 11.28 -7.65 14.42
N LYS A 104 10.92 -8.00 15.65
CA LYS A 104 11.46 -7.32 16.83
C LYS A 104 12.99 -7.36 16.82
N PRO A 105 13.61 -6.40 17.52
CA PRO A 105 15.06 -6.30 17.62
C PRO A 105 15.67 -7.43 18.44
N SER A 106 14.99 -7.80 19.53
CA SER A 106 15.46 -8.86 20.41
C SER A 106 14.50 -10.04 20.39
N GLY A 107 15.04 -11.24 20.55
CA GLY A 107 14.22 -12.44 20.55
C GLY A 107 14.35 -13.24 19.28
N PRO A 108 13.53 -14.29 19.15
CA PRO A 108 13.55 -15.17 17.97
C PRO A 108 13.01 -14.47 16.72
N SER A 109 12.92 -15.22 15.63
CA SER A 109 12.43 -14.66 14.37
C SER A 109 11.06 -15.24 14.03
N SER A 110 10.09 -14.36 13.77
CA SER A 110 8.74 -14.79 13.43
C SER A 110 8.68 -15.33 12.01
N GLY A 111 9.33 -14.64 11.08
CA GLY A 111 9.34 -15.07 9.70
C GLY A 111 8.49 -14.19 8.81
N GLY A 1 -27.24 0.29 -15.90
CA GLY A 1 -26.24 0.04 -16.92
C GLY A 1 -24.84 0.04 -16.35
N SER A 2 -23.89 -0.52 -17.11
CA SER A 2 -22.50 -0.58 -16.67
C SER A 2 -21.69 0.59 -17.25
N SER A 3 -20.77 1.12 -16.46
CA SER A 3 -19.94 2.23 -16.90
C SER A 3 -19.33 1.95 -18.26
N GLY A 4 -18.73 0.78 -18.40
CA GLY A 4 -18.11 0.42 -19.67
C GLY A 4 -17.10 1.44 -20.15
N SER A 5 -16.25 1.90 -19.24
CA SER A 5 -15.24 2.90 -19.57
C SER A 5 -15.87 4.10 -20.25
N SER A 6 -17.03 4.51 -19.77
CA SER A 6 -17.74 5.64 -20.34
C SER A 6 -16.82 6.86 -20.46
N GLY A 7 -16.31 7.32 -19.31
CA GLY A 7 -15.43 8.47 -19.31
C GLY A 7 -14.55 8.51 -18.08
N GLN A 8 -14.16 9.72 -17.67
CA GLN A 8 -13.30 9.89 -16.51
C GLN A 8 -13.95 9.26 -15.27
N ALA A 9 -13.37 8.15 -14.81
CA ALA A 9 -13.88 7.46 -13.64
C ALA A 9 -12.74 6.88 -12.79
N ALA A 10 -12.89 6.94 -11.48
CA ALA A 10 -11.87 6.43 -10.57
C ALA A 10 -11.70 4.93 -10.74
N PRO A 11 -10.44 4.46 -10.62
CA PRO A 11 -10.11 3.04 -10.75
C PRO A 11 -10.64 2.20 -9.59
N SER A 12 -10.80 0.91 -9.83
CA SER A 12 -11.31 0.01 -8.79
C SER A 12 -10.29 -0.15 -7.67
N GLN A 13 -10.75 -0.01 -6.43
CA GLN A 13 -9.88 -0.13 -5.27
C GLN A 13 -9.32 -1.54 -5.16
N VAL A 14 -8.00 -1.65 -5.07
CA VAL A 14 -7.34 -2.95 -4.95
C VAL A 14 -7.79 -3.68 -3.70
N VAL A 15 -8.51 -4.77 -3.88
CA VAL A 15 -9.00 -5.57 -2.77
C VAL A 15 -8.23 -6.87 -2.64
N VAL A 16 -7.05 -6.92 -3.26
CA VAL A 16 -6.20 -8.10 -3.22
C VAL A 16 -4.77 -7.75 -2.83
N ILE A 17 -4.41 -8.06 -1.58
CA ILE A 17 -3.08 -7.78 -1.09
C ILE A 17 -2.58 -8.90 -0.18
N ARG A 18 -1.32 -9.29 -0.37
CA ARG A 18 -0.73 -10.36 0.44
C ARG A 18 0.65 -9.94 0.94
N GLN A 19 1.25 -10.79 1.77
CA GLN A 19 2.57 -10.51 2.33
C GLN A 19 3.57 -11.60 1.91
N GLU A 20 4.50 -11.22 1.04
CA GLU A 20 5.52 -12.17 0.56
C GLU A 20 6.51 -12.50 1.69
N ARG A 21 7.12 -11.46 2.25
CA ARG A 21 8.09 -11.65 3.32
C ARG A 21 8.08 -10.46 4.27
N ALA A 22 8.30 -10.74 5.55
CA ALA A 22 8.30 -9.69 6.57
C ALA A 22 9.60 -9.73 7.38
N GLY A 23 10.34 -8.62 7.35
CA GLY A 23 11.59 -8.55 8.09
C GLY A 23 11.52 -7.57 9.25
N GLN A 24 12.68 -7.22 9.78
CA GLN A 24 12.76 -6.27 10.90
C GLN A 24 12.22 -4.90 10.49
N THR A 25 12.89 -4.28 9.52
CA THR A 25 12.49 -2.96 9.05
C THR A 25 12.10 -3.00 7.58
N SER A 26 11.83 -4.20 7.08
CA SER A 26 11.45 -4.39 5.68
C SER A 26 10.18 -5.23 5.56
N VAL A 27 9.43 -5.00 4.49
CA VAL A 27 8.20 -5.74 4.26
C VAL A 27 7.81 -5.74 2.78
N SER A 28 7.26 -6.85 2.31
CA SER A 28 6.86 -6.98 0.92
C SER A 28 5.36 -7.20 0.80
N LEU A 29 4.74 -6.56 -0.19
CA LEU A 29 3.31 -6.70 -0.41
C LEU A 29 3.01 -7.12 -1.83
N LEU A 30 2.13 -8.12 -1.98
CA LEU A 30 1.76 -8.62 -3.30
C LEU A 30 0.30 -8.31 -3.61
N TRP A 31 0.07 -7.68 -4.76
CA TRP A 31 -1.28 -7.32 -5.19
C TRP A 31 -1.42 -7.43 -6.69
N GLN A 32 -2.49 -8.10 -7.14
CA GLN A 32 -2.73 -8.27 -8.57
C GLN A 32 -3.61 -7.15 -9.10
N GLU A 33 -3.59 -6.95 -10.42
CA GLU A 33 -4.38 -5.90 -11.06
C GLU A 33 -5.84 -6.00 -10.63
N PRO A 34 -6.46 -4.84 -10.38
CA PRO A 34 -7.87 -4.76 -9.97
C PRO A 34 -8.82 -5.15 -11.10
N GLU A 35 -9.98 -5.70 -10.71
CA GLU A 35 -10.97 -6.12 -11.69
C GLU A 35 -11.04 -5.14 -12.86
N GLN A 36 -11.43 -3.90 -12.56
CA GLN A 36 -11.54 -2.87 -13.59
C GLN A 36 -10.73 -1.64 -13.21
N PRO A 37 -9.54 -1.49 -13.83
CA PRO A 37 -8.65 -0.37 -13.57
C PRO A 37 -9.20 0.95 -14.10
N ASN A 38 -10.24 0.86 -14.93
CA ASN A 38 -10.86 2.04 -15.52
C ASN A 38 -9.82 2.89 -16.25
N GLY A 39 -8.96 2.22 -17.01
CA GLY A 39 -7.94 2.94 -17.76
C GLY A 39 -6.54 2.49 -17.39
N ILE A 40 -5.54 3.12 -18.00
CA ILE A 40 -4.15 2.78 -17.73
C ILE A 40 -3.70 3.34 -16.38
N ILE A 41 -3.16 2.47 -15.53
CA ILE A 41 -2.70 2.87 -14.21
C ILE A 41 -1.26 3.37 -14.27
N LEU A 42 -1.04 4.62 -13.87
CA LEU A 42 0.29 5.21 -13.88
C LEU A 42 1.20 4.48 -12.89
N GLU A 43 0.85 4.56 -11.61
CA GLU A 43 1.64 3.91 -10.57
C GLU A 43 0.78 3.58 -9.36
N TYR A 44 1.26 2.64 -8.54
CA TYR A 44 0.53 2.23 -7.34
C TYR A 44 1.08 2.92 -6.10
N GLU A 45 0.20 3.54 -5.32
CA GLU A 45 0.61 4.23 -4.11
C GLU A 45 0.47 3.32 -2.89
N ILE A 46 1.49 3.30 -2.04
CA ILE A 46 1.48 2.49 -0.84
C ILE A 46 1.68 3.33 0.41
N LYS A 47 0.61 3.50 1.19
CA LYS A 47 0.67 4.28 2.42
C LYS A 47 0.80 3.37 3.64
N TYR A 48 1.85 3.59 4.43
CA TYR A 48 2.08 2.79 5.62
C TYR A 48 2.39 3.68 6.82
N TYR A 49 1.87 3.30 7.98
CA TYR A 49 2.08 4.06 9.20
C TYR A 49 1.99 3.16 10.43
N GLU A 50 2.61 3.60 11.52
CA GLU A 50 2.61 2.83 12.76
C GLU A 50 1.18 2.48 13.18
N LYS A 51 0.83 1.21 13.07
CA LYS A 51 -0.51 0.75 13.43
C LYS A 51 -0.91 1.26 14.82
N ASP A 52 -0.03 1.03 15.79
CA ASP A 52 -0.29 1.46 17.16
C ASP A 52 -0.16 2.98 17.27
N LYS A 53 0.86 3.53 16.62
CA LYS A 53 1.09 4.97 16.66
C LYS A 53 0.61 5.63 15.37
N GLU A 54 -0.51 6.35 15.46
CA GLU A 54 -1.07 7.03 14.30
C GLU A 54 -0.69 8.51 14.30
N MET A 55 0.24 8.87 13.43
CA MET A 55 0.69 10.26 13.32
C MET A 55 0.08 10.94 12.10
N GLN A 56 -0.24 12.21 12.25
CA GLN A 56 -0.84 12.99 11.16
C GLN A 56 -0.06 12.78 9.87
N SER A 57 1.27 12.77 9.97
CA SER A 57 2.13 12.59 8.81
C SER A 57 2.34 11.11 8.52
N TYR A 58 2.01 10.70 7.30
CA TYR A 58 2.17 9.31 6.89
C TYR A 58 3.20 9.18 5.78
N SER A 59 3.82 8.00 5.70
CA SER A 59 4.83 7.75 4.68
C SER A 59 4.23 7.05 3.46
N THR A 60 4.43 7.65 2.29
CA THR A 60 3.91 7.09 1.05
C THR A 60 5.02 6.49 0.20
N LEU A 61 4.66 5.51 -0.62
CA LEU A 61 5.64 4.85 -1.49
C LEU A 61 5.04 4.59 -2.87
N LYS A 62 5.77 5.00 -3.90
CA LYS A 62 5.32 4.80 -5.27
C LYS A 62 5.92 3.54 -5.88
N ALA A 63 5.08 2.73 -6.51
CA ALA A 63 5.53 1.48 -7.13
C ALA A 63 4.97 1.35 -8.54
N VAL A 64 5.86 1.06 -9.50
CA VAL A 64 5.45 0.90 -10.89
C VAL A 64 4.97 -0.53 -11.16
N THR A 65 5.61 -1.50 -10.51
CA THR A 65 5.24 -2.90 -10.67
C THR A 65 4.23 -3.32 -9.62
N THR A 66 3.67 -4.52 -9.79
CA THR A 66 2.70 -5.06 -8.85
C THR A 66 3.37 -5.67 -7.63
N ARG A 67 4.65 -5.33 -7.45
CA ARG A 67 5.42 -5.85 -6.32
C ARG A 67 6.29 -4.76 -5.72
N ALA A 68 6.06 -4.46 -4.44
CA ALA A 68 6.82 -3.44 -3.75
C ALA A 68 7.33 -3.95 -2.40
N THR A 69 8.42 -3.35 -1.91
CA THR A 69 8.99 -3.75 -0.64
C THR A 69 9.29 -2.54 0.24
N VAL A 70 8.42 -2.30 1.23
CA VAL A 70 8.59 -1.17 2.13
C VAL A 70 9.77 -1.40 3.07
N SER A 71 10.77 -0.52 2.98
CA SER A 71 11.95 -0.63 3.82
C SER A 71 12.14 0.65 4.65
N GLY A 72 12.75 0.50 5.82
CA GLY A 72 12.99 1.64 6.70
C GLY A 72 11.89 1.80 7.73
N LEU A 73 11.42 0.68 8.27
CA LEU A 73 10.36 0.71 9.27
C LEU A 73 10.91 0.39 10.65
N LYS A 74 10.05 0.41 11.66
CA LYS A 74 10.45 0.13 13.04
C LYS A 74 10.12 -1.31 13.40
N PRO A 75 11.08 -2.00 14.03
CA PRO A 75 10.91 -3.40 14.46
C PRO A 75 9.91 -3.54 15.60
N GLY A 76 9.30 -4.72 15.70
CA GLY A 76 8.33 -4.96 16.75
C GLY A 76 7.27 -3.88 16.82
N THR A 77 6.72 -3.50 15.68
CA THR A 77 5.70 -2.47 15.61
C THR A 77 4.75 -2.69 14.44
N ARG A 78 3.49 -2.99 14.74
CA ARG A 78 2.50 -3.23 13.71
C ARG A 78 2.37 -2.03 12.78
N TYR A 79 2.11 -2.29 11.50
CA TYR A 79 1.97 -1.23 10.51
C TYR A 79 0.73 -1.46 9.64
N VAL A 80 0.11 -0.36 9.21
CA VAL A 80 -1.08 -0.45 8.36
C VAL A 80 -0.76 -0.03 6.93
N PHE A 81 -0.73 -1.01 6.03
CA PHE A 81 -0.44 -0.74 4.63
C PHE A 81 -1.73 -0.52 3.83
N GLN A 82 -1.62 0.25 2.75
CA GLN A 82 -2.78 0.53 1.92
C GLN A 82 -2.35 0.85 0.49
N VAL A 83 -2.70 -0.03 -0.44
CA VAL A 83 -2.35 0.15 -1.85
C VAL A 83 -3.53 0.70 -2.64
N ARG A 84 -3.24 1.52 -3.65
CA ARG A 84 -4.27 2.11 -4.48
C ARG A 84 -3.73 2.45 -5.86
N ALA A 85 -4.62 2.49 -6.85
CA ALA A 85 -4.23 2.80 -8.22
C ALA A 85 -4.65 4.21 -8.61
N ARG A 86 -3.79 4.92 -9.32
CA ARG A 86 -4.07 6.28 -9.76
C ARG A 86 -4.09 6.38 -11.27
N THR A 87 -5.26 6.70 -11.83
CA THR A 87 -5.41 6.82 -13.27
C THR A 87 -5.59 8.28 -13.68
N SER A 88 -4.91 8.67 -14.76
CA SER A 88 -4.99 10.05 -15.25
C SER A 88 -6.40 10.61 -15.04
N ALA A 89 -7.41 9.79 -15.32
CA ALA A 89 -8.79 10.21 -15.17
C ALA A 89 -9.04 10.77 -13.77
N GLY A 90 -8.84 9.91 -12.76
CA GLY A 90 -9.04 10.33 -11.38
C GLY A 90 -8.25 9.50 -10.40
N CYS A 91 -8.74 9.43 -9.16
CA CYS A 91 -8.06 8.66 -8.12
C CYS A 91 -9.05 7.75 -7.39
N GLY A 92 -8.59 6.56 -7.04
CA GLY A 92 -9.44 5.61 -6.35
C GLY A 92 -9.11 5.50 -4.87
N ARG A 93 -10.11 5.13 -4.07
CA ARG A 93 -9.91 5.00 -2.63
C ARG A 93 -8.75 4.06 -2.32
N PHE A 94 -8.44 3.92 -1.04
CA PHE A 94 -7.35 3.05 -0.61
C PHE A 94 -7.86 1.65 -0.28
N SER A 95 -7.09 0.64 -0.67
CA SER A 95 -7.46 -0.75 -0.43
C SER A 95 -7.80 -0.97 1.04
N GLN A 96 -8.39 -2.12 1.34
CA GLN A 96 -8.77 -2.46 2.70
C GLN A 96 -7.59 -2.28 3.65
N ALA A 97 -7.88 -1.85 4.88
CA ALA A 97 -6.85 -1.63 5.88
C ALA A 97 -6.06 -2.91 6.13
N MET A 98 -4.83 -2.94 5.61
CA MET A 98 -3.97 -4.10 5.77
C MET A 98 -3.18 -4.02 7.07
N GLU A 99 -2.95 -5.17 7.70
CA GLU A 99 -2.21 -5.22 8.96
C GLU A 99 -0.99 -6.13 8.84
N VAL A 100 0.18 -5.59 9.17
CA VAL A 100 1.42 -6.35 9.09
C VAL A 100 2.34 -6.01 10.27
N GLU A 101 2.88 -7.04 10.90
CA GLU A 101 3.78 -6.85 12.03
C GLU A 101 5.22 -7.16 11.64
N THR A 102 6.14 -6.27 12.03
CA THR A 102 7.55 -6.44 11.73
C THR A 102 8.22 -7.39 12.71
N GLY A 103 9.48 -7.71 12.46
CA GLY A 103 10.21 -8.60 13.33
C GLY A 103 10.88 -7.87 14.48
N LYS A 104 10.67 -8.37 15.69
CA LYS A 104 11.24 -7.75 16.89
C LYS A 104 12.78 -7.80 16.83
N PRO A 105 13.42 -6.84 17.52
CA PRO A 105 14.88 -6.75 17.57
C PRO A 105 15.50 -7.90 18.36
N SER A 106 14.65 -8.79 18.87
CA SER A 106 15.12 -9.93 19.66
C SER A 106 16.47 -10.43 19.13
N GLY A 107 16.54 -10.67 17.83
CA GLY A 107 17.78 -11.14 17.22
C GLY A 107 17.59 -11.56 15.78
N PRO A 108 18.66 -11.45 14.99
CA PRO A 108 18.64 -11.81 13.56
C PRO A 108 18.52 -13.31 13.36
N SER A 109 17.96 -13.70 12.22
CA SER A 109 17.78 -15.11 11.89
C SER A 109 17.08 -15.85 13.03
N SER A 110 16.11 -15.18 13.65
CA SER A 110 15.36 -15.77 14.76
C SER A 110 14.23 -16.64 14.24
N GLY A 111 13.51 -16.15 13.24
CA GLY A 111 12.40 -16.90 12.67
C GLY A 111 11.28 -16.01 12.18
N GLY A 1 -10.47 30.08 -14.06
CA GLY A 1 -10.74 28.68 -13.81
C GLY A 1 -10.63 27.84 -15.06
N SER A 2 -10.88 26.54 -14.93
CA SER A 2 -10.80 25.63 -16.07
C SER A 2 -12.03 24.73 -16.13
N SER A 3 -12.54 24.50 -17.34
CA SER A 3 -13.71 23.66 -17.54
C SER A 3 -13.38 22.44 -18.38
N GLY A 4 -14.25 21.45 -18.35
CA GLY A 4 -14.03 20.23 -19.11
C GLY A 4 -15.05 19.15 -18.80
N SER A 5 -16.29 19.37 -19.26
CA SER A 5 -17.35 18.41 -19.02
C SER A 5 -16.86 16.98 -19.23
N SER A 6 -16.31 16.71 -20.40
CA SER A 6 -15.80 15.39 -20.72
C SER A 6 -14.65 15.00 -19.80
N GLY A 7 -14.56 13.72 -19.46
CA GLY A 7 -13.50 13.25 -18.59
C GLY A 7 -13.40 11.74 -18.56
N GLN A 8 -12.87 11.21 -17.47
CA GLN A 8 -12.71 9.77 -17.32
C GLN A 8 -13.12 9.32 -15.92
N ALA A 9 -13.82 8.19 -15.83
CA ALA A 9 -14.26 7.66 -14.55
C ALA A 9 -13.08 7.17 -13.72
N ALA A 10 -13.31 7.01 -12.42
CA ALA A 10 -12.26 6.55 -11.52
C ALA A 10 -12.09 5.04 -11.60
N PRO A 11 -10.84 4.57 -11.39
CA PRO A 11 -10.51 3.15 -11.43
C PRO A 11 -11.12 2.38 -10.25
N SER A 12 -11.06 1.05 -10.34
CA SER A 12 -11.60 0.21 -9.28
C SER A 12 -10.74 0.28 -8.02
N GLN A 13 -11.16 -0.42 -6.97
CA GLN A 13 -10.43 -0.43 -5.71
C GLN A 13 -9.78 -1.79 -5.48
N VAL A 14 -8.45 -1.79 -5.41
CA VAL A 14 -7.70 -3.03 -5.19
C VAL A 14 -8.06 -3.64 -3.84
N VAL A 15 -8.70 -4.81 -3.86
CA VAL A 15 -9.08 -5.51 -2.65
C VAL A 15 -8.27 -6.78 -2.45
N VAL A 16 -7.16 -6.87 -3.17
CA VAL A 16 -6.29 -8.04 -3.07
C VAL A 16 -4.88 -7.65 -2.62
N ILE A 17 -4.57 -7.93 -1.37
CA ILE A 17 -3.26 -7.61 -0.81
C ILE A 17 -2.76 -8.72 0.11
N ARG A 18 -1.51 -9.11 -0.07
CA ARG A 18 -0.91 -10.16 0.73
C ARG A 18 0.54 -9.84 1.07
N GLN A 19 1.02 -10.35 2.20
CA GLN A 19 2.39 -10.11 2.63
C GLN A 19 3.28 -11.31 2.32
N GLU A 20 4.29 -11.09 1.49
CA GLU A 20 5.21 -12.15 1.12
C GLU A 20 6.19 -12.46 2.25
N ARG A 21 6.88 -11.43 2.71
CA ARG A 21 7.86 -11.59 3.79
C ARG A 21 7.96 -10.31 4.62
N ALA A 22 8.01 -10.47 5.94
CA ALA A 22 8.10 -9.33 6.84
C ALA A 22 9.49 -9.26 7.48
N GLY A 23 10.33 -8.36 6.98
CA GLY A 23 11.67 -8.21 7.51
C GLY A 23 11.70 -7.39 8.78
N GLN A 24 12.90 -7.06 9.24
CA GLN A 24 13.06 -6.27 10.46
C GLN A 24 12.59 -4.84 10.25
N THR A 25 13.18 -4.17 9.26
CA THR A 25 12.82 -2.80 8.96
C THR A 25 12.25 -2.68 7.54
N SER A 26 11.85 -3.81 6.97
CA SER A 26 11.29 -3.84 5.63
C SER A 26 10.21 -4.90 5.52
N VAL A 27 9.23 -4.65 4.64
CA VAL A 27 8.13 -5.59 4.44
C VAL A 27 7.71 -5.64 2.97
N SER A 28 7.30 -6.82 2.52
CA SER A 28 6.88 -7.00 1.14
C SER A 28 5.36 -7.07 1.03
N LEU A 29 4.84 -6.75 -0.14
CA LEU A 29 3.40 -6.78 -0.38
C LEU A 29 3.07 -7.43 -1.71
N LEU A 30 1.88 -7.99 -1.81
CA LEU A 30 1.43 -8.65 -3.03
C LEU A 30 -0.01 -8.30 -3.35
N TRP A 31 -0.22 -7.70 -4.52
CA TRP A 31 -1.56 -7.32 -4.95
C TRP A 31 -1.71 -7.47 -6.46
N GLN A 32 -2.88 -7.94 -6.88
CA GLN A 32 -3.16 -8.13 -8.30
C GLN A 32 -3.82 -6.89 -8.90
N GLU A 33 -4.00 -6.90 -10.21
CA GLU A 33 -4.62 -5.77 -10.91
C GLU A 33 -6.09 -5.64 -10.52
N PRO A 34 -6.58 -4.39 -10.51
CA PRO A 34 -7.97 -4.10 -10.15
C PRO A 34 -8.96 -4.58 -11.21
N GLU A 35 -10.10 -5.09 -10.76
CA GLU A 35 -11.13 -5.59 -11.67
C GLU A 35 -11.20 -4.75 -12.93
N GLN A 36 -11.60 -3.49 -12.78
CA GLN A 36 -11.71 -2.58 -13.90
C GLN A 36 -10.96 -1.28 -13.63
N PRO A 37 -9.76 -1.14 -14.23
CA PRO A 37 -8.93 0.04 -14.06
C PRO A 37 -9.51 1.27 -14.75
N ASN A 38 -10.39 1.04 -15.72
CA ASN A 38 -11.02 2.12 -16.47
C ASN A 38 -9.97 3.03 -17.11
N GLY A 39 -8.92 2.41 -17.65
CA GLY A 39 -7.87 3.18 -18.28
C GLY A 39 -6.49 2.63 -18.00
N ILE A 40 -5.50 3.51 -17.93
CA ILE A 40 -4.13 3.09 -17.65
C ILE A 40 -3.67 3.58 -16.28
N ILE A 41 -2.88 2.75 -15.60
CA ILE A 41 -2.38 3.11 -14.28
C ILE A 41 -0.89 3.44 -14.33
N LEU A 42 -0.55 4.67 -13.96
CA LEU A 42 0.84 5.12 -13.96
C LEU A 42 1.66 4.36 -12.91
N GLU A 43 1.13 4.32 -11.69
CA GLU A 43 1.82 3.64 -10.59
C GLU A 43 0.86 3.37 -9.44
N TYR A 44 1.17 2.35 -8.65
CA TYR A 44 0.33 1.99 -7.50
C TYR A 44 0.86 2.61 -6.22
N GLU A 45 0.11 3.56 -5.67
CA GLU A 45 0.51 4.24 -4.44
C GLU A 45 0.24 3.35 -3.23
N ILE A 46 1.24 3.24 -2.36
CA ILE A 46 1.12 2.42 -1.15
C ILE A 46 1.24 3.27 0.10
N LYS A 47 0.24 3.19 0.97
CA LYS A 47 0.24 3.96 2.21
C LYS A 47 0.63 3.06 3.39
N TYR A 48 1.73 3.41 4.04
CA TYR A 48 2.21 2.65 5.18
C TYR A 48 2.46 3.56 6.38
N TYR A 49 1.79 3.27 7.49
CA TYR A 49 1.93 4.06 8.70
C TYR A 49 2.04 3.16 9.93
N GLU A 50 2.61 3.70 11.01
CA GLU A 50 2.76 2.94 12.24
C GLU A 50 1.41 2.75 12.93
N LYS A 51 0.89 1.53 12.85
CA LYS A 51 -0.40 1.20 13.45
C LYS A 51 -0.61 2.00 14.74
N ASP A 52 0.44 2.08 15.55
CA ASP A 52 0.37 2.81 16.82
C ASP A 52 0.41 4.31 16.57
N LYS A 53 1.28 4.74 15.67
CA LYS A 53 1.41 6.16 15.34
C LYS A 53 0.51 6.53 14.17
N GLU A 54 -0.46 5.68 13.88
CA GLU A 54 -1.39 5.92 12.78
C GLU A 54 -1.80 7.38 12.72
N MET A 55 -2.14 7.95 13.88
CA MET A 55 -2.56 9.34 13.97
C MET A 55 -1.36 10.27 13.84
N GLN A 56 -0.18 9.76 14.17
CA GLN A 56 1.05 10.54 14.10
C GLN A 56 1.27 11.08 12.68
N SER A 57 1.52 10.18 11.74
CA SER A 57 1.74 10.55 10.36
C SER A 57 1.68 9.33 9.43
N TYR A 58 1.45 9.58 8.16
CA TYR A 58 1.36 8.50 7.17
C TYR A 58 2.33 8.73 6.03
N SER A 59 3.01 7.67 5.60
CA SER A 59 3.97 7.75 4.51
C SER A 59 3.39 7.17 3.23
N THR A 60 3.86 7.67 2.08
CA THR A 60 3.39 7.20 0.80
C THR A 60 4.53 6.66 -0.05
N LEU A 61 4.25 5.64 -0.85
CA LEU A 61 5.26 5.04 -1.71
C LEU A 61 4.70 4.76 -3.10
N LYS A 62 5.58 4.81 -4.10
CA LYS A 62 5.18 4.57 -5.49
C LYS A 62 5.72 3.23 -5.99
N ALA A 63 4.86 2.45 -6.62
CA ALA A 63 5.26 1.16 -7.17
C ALA A 63 4.83 1.01 -8.62
N VAL A 64 5.74 0.53 -9.46
CA VAL A 64 5.45 0.34 -10.88
C VAL A 64 4.95 -1.08 -11.15
N THR A 65 5.45 -2.03 -10.37
CA THR A 65 5.05 -3.43 -10.52
C THR A 65 4.02 -3.83 -9.47
N THR A 66 3.47 -5.02 -9.62
CA THR A 66 2.47 -5.52 -8.68
C THR A 66 3.12 -6.07 -7.42
N ARG A 67 4.40 -5.77 -7.24
CA ARG A 67 5.13 -6.23 -6.07
C ARG A 67 6.11 -5.16 -5.58
N ALA A 68 5.91 -4.69 -4.36
CA ALA A 68 6.77 -3.66 -3.78
C ALA A 68 7.18 -4.04 -2.36
N THR A 69 8.28 -3.45 -1.90
CA THR A 69 8.77 -3.72 -0.55
C THR A 69 9.04 -2.43 0.21
N VAL A 70 8.14 -2.10 1.14
CA VAL A 70 8.28 -0.88 1.93
C VAL A 70 9.52 -0.94 2.81
N SER A 71 10.42 0.03 2.62
CA SER A 71 11.66 0.09 3.39
C SER A 71 11.68 1.33 4.29
N GLY A 72 12.51 1.29 5.32
CA GLY A 72 12.61 2.40 6.23
C GLY A 72 11.59 2.34 7.35
N LEU A 73 11.41 1.15 7.93
CA LEU A 73 10.46 0.96 9.01
C LEU A 73 11.17 0.64 10.31
N LYS A 74 10.41 0.57 11.40
CA LYS A 74 10.96 0.28 12.72
C LYS A 74 10.57 -1.12 13.17
N PRO A 75 11.49 -1.81 13.85
CA PRO A 75 11.27 -3.17 14.36
C PRO A 75 10.27 -3.20 15.50
N GLY A 76 9.72 -4.38 15.77
CA GLY A 76 8.75 -4.52 16.85
C GLY A 76 7.72 -3.40 16.85
N THR A 77 7.07 -3.19 15.71
CA THR A 77 6.07 -2.14 15.59
C THR A 77 5.07 -2.46 14.48
N ARG A 78 3.80 -2.58 14.84
CA ARG A 78 2.75 -2.88 13.88
C ARG A 78 2.68 -1.81 12.79
N TYR A 79 2.42 -2.23 11.57
CA TYR A 79 2.32 -1.32 10.44
C TYR A 79 1.10 -1.61 9.58
N VAL A 80 0.45 -0.56 9.11
CA VAL A 80 -0.74 -0.70 8.28
C VAL A 80 -0.46 -0.28 6.83
N PHE A 81 -0.53 -1.23 5.91
CA PHE A 81 -0.29 -0.96 4.51
C PHE A 81 -1.61 -0.80 3.75
N GLN A 82 -1.58 -0.01 2.68
CA GLN A 82 -2.76 0.22 1.87
C GLN A 82 -2.39 0.55 0.43
N VAL A 83 -2.60 -0.40 -0.47
CA VAL A 83 -2.28 -0.22 -1.88
C VAL A 83 -3.47 0.37 -2.63
N ARG A 84 -3.18 1.15 -3.67
CA ARG A 84 -4.22 1.77 -4.48
C ARG A 84 -3.70 2.10 -5.88
N ALA A 85 -4.62 2.18 -6.83
CA ALA A 85 -4.25 2.49 -8.21
C ALA A 85 -4.51 3.96 -8.53
N ARG A 86 -3.62 4.55 -9.31
CA ARG A 86 -3.74 5.96 -9.70
C ARG A 86 -3.68 6.12 -11.21
N THR A 87 -4.58 6.95 -11.74
CA THR A 87 -4.64 7.20 -13.17
C THR A 87 -4.61 8.69 -13.48
N SER A 88 -4.08 9.04 -14.64
CA SER A 88 -3.99 10.44 -15.06
C SER A 88 -5.29 11.18 -14.73
N ALA A 89 -6.41 10.49 -14.89
CA ALA A 89 -7.72 11.08 -14.61
C ALA A 89 -7.85 11.45 -13.14
N GLY A 90 -7.81 10.44 -12.28
CA GLY A 90 -7.93 10.67 -10.86
C GLY A 90 -7.31 9.57 -10.03
N CYS A 91 -7.69 9.49 -8.75
CA CYS A 91 -7.16 8.47 -7.85
C CYS A 91 -8.29 7.63 -7.26
N GLY A 92 -8.04 6.34 -7.11
CA GLY A 92 -9.05 5.45 -6.55
C GLY A 92 -8.93 5.32 -5.05
N ARG A 93 -9.99 4.83 -4.41
CA ARG A 93 -10.01 4.65 -2.97
C ARG A 93 -9.00 3.60 -2.54
N PHE A 94 -8.44 3.76 -1.34
CA PHE A 94 -7.45 2.83 -0.82
C PHE A 94 -8.09 1.47 -0.54
N SER A 95 -7.25 0.48 -0.23
CA SER A 95 -7.74 -0.87 0.05
C SER A 95 -7.90 -1.07 1.56
N GLN A 96 -8.43 -2.23 1.94
CA GLN A 96 -8.64 -2.55 3.35
C GLN A 96 -7.35 -2.37 4.14
N ALA A 97 -7.48 -1.81 5.34
CA ALA A 97 -6.33 -1.58 6.20
C ALA A 97 -5.74 -2.89 6.69
N MET A 98 -4.61 -3.28 6.11
CA MET A 98 -3.95 -4.52 6.48
C MET A 98 -3.07 -4.32 7.72
N GLU A 99 -2.81 -5.41 8.43
CA GLU A 99 -1.99 -5.35 9.64
C GLU A 99 -0.81 -6.32 9.54
N VAL A 100 0.39 -5.78 9.71
CA VAL A 100 1.61 -6.59 9.64
C VAL A 100 2.67 -6.08 10.60
N GLU A 101 3.25 -6.98 11.37
CA GLU A 101 4.29 -6.61 12.34
C GLU A 101 5.66 -7.03 11.84
N THR A 102 6.68 -6.23 12.18
CA THR A 102 8.04 -6.51 11.76
C THR A 102 8.77 -7.34 12.81
N GLY A 103 10.02 -7.70 12.51
CA GLY A 103 10.81 -8.49 13.43
C GLY A 103 11.29 -7.69 14.62
N LYS A 104 10.86 -8.09 15.81
CA LYS A 104 11.25 -7.41 17.05
C LYS A 104 12.76 -7.27 17.13
N PRO A 105 13.22 -6.17 17.76
CA PRO A 105 14.65 -5.89 17.92
C PRO A 105 15.32 -6.85 18.90
N SER A 106 14.51 -7.43 19.79
CA SER A 106 15.04 -8.37 20.79
C SER A 106 15.80 -9.51 20.11
N GLY A 107 15.10 -10.28 19.30
CA GLY A 107 15.73 -11.39 18.60
C GLY A 107 14.98 -12.70 18.81
N PRO A 108 15.55 -13.79 18.27
CA PRO A 108 14.94 -15.12 18.38
C PRO A 108 14.99 -15.67 19.80
N SER A 109 13.96 -15.37 20.59
CA SER A 109 13.89 -15.82 21.97
C SER A 109 13.30 -17.22 22.05
N SER A 110 13.25 -17.77 23.26
CA SER A 110 12.72 -19.11 23.47
C SER A 110 11.49 -19.07 24.38
N GLY A 111 10.83 -20.21 24.53
CA GLY A 111 9.65 -20.28 25.36
C GLY A 111 8.38 -19.95 24.61
N GLY A 1 -18.92 25.39 -9.94
CA GLY A 1 -17.88 25.84 -10.84
C GLY A 1 -18.45 26.43 -12.13
N SER A 2 -17.83 27.51 -12.61
CA SER A 2 -18.28 28.16 -13.83
C SER A 2 -18.04 27.27 -15.05
N SER A 3 -16.84 26.70 -15.12
CA SER A 3 -16.48 25.84 -16.24
C SER A 3 -16.69 24.37 -15.87
N GLY A 4 -16.56 23.49 -16.86
CA GLY A 4 -16.74 22.06 -16.63
C GLY A 4 -15.77 21.22 -17.44
N SER A 5 -14.63 20.91 -16.84
CA SER A 5 -13.62 20.09 -17.52
C SER A 5 -13.95 18.61 -17.41
N SER A 6 -13.83 17.91 -18.53
CA SER A 6 -14.12 16.48 -18.56
C SER A 6 -13.23 15.72 -17.59
N GLY A 7 -13.69 14.55 -17.17
CA GLY A 7 -12.92 13.74 -16.23
C GLY A 7 -13.42 12.31 -16.16
N GLN A 8 -12.62 11.38 -16.68
CA GLN A 8 -12.99 9.97 -16.68
C GLN A 8 -13.26 9.49 -15.26
N ALA A 9 -14.01 8.39 -15.15
CA ALA A 9 -14.34 7.82 -13.85
C ALA A 9 -13.09 7.27 -13.16
N ALA A 10 -12.95 7.59 -11.87
CA ALA A 10 -11.82 7.14 -11.09
C ALA A 10 -11.64 5.62 -11.21
N PRO A 11 -10.43 5.14 -10.88
CA PRO A 11 -10.11 3.71 -10.95
C PRO A 11 -10.82 2.91 -9.87
N SER A 12 -10.36 1.68 -9.64
CA SER A 12 -10.97 0.81 -8.64
C SER A 12 -10.05 0.68 -7.43
N GLN A 13 -10.58 0.05 -6.37
CA GLN A 13 -9.81 -0.14 -5.14
C GLN A 13 -9.33 -1.58 -5.03
N VAL A 14 -8.02 -1.78 -5.13
CA VAL A 14 -7.44 -3.11 -5.03
C VAL A 14 -7.89 -3.81 -3.75
N VAL A 15 -8.41 -5.03 -3.90
CA VAL A 15 -8.88 -5.81 -2.76
C VAL A 15 -8.06 -7.08 -2.60
N VAL A 16 -6.89 -7.11 -3.23
CA VAL A 16 -6.01 -8.27 -3.14
C VAL A 16 -4.61 -7.87 -2.73
N ILE A 17 -4.23 -8.23 -1.51
CA ILE A 17 -2.91 -7.90 -0.99
C ILE A 17 -2.34 -9.05 -0.15
N ARG A 18 -1.05 -9.29 -0.29
CA ARG A 18 -0.38 -10.36 0.44
C ARG A 18 0.98 -9.91 0.94
N GLN A 19 1.60 -10.74 1.77
CA GLN A 19 2.93 -10.43 2.32
C GLN A 19 3.95 -11.48 1.90
N GLU A 20 4.81 -11.11 0.95
CA GLU A 20 5.83 -12.03 0.47
C GLU A 20 6.88 -12.30 1.54
N ARG A 21 7.34 -11.23 2.18
CA ARG A 21 8.35 -11.34 3.23
C ARG A 21 8.21 -10.20 4.24
N ALA A 22 8.56 -10.48 5.49
CA ALA A 22 8.49 -9.48 6.55
C ALA A 22 9.78 -9.45 7.36
N GLY A 23 10.45 -8.29 7.34
CA GLY A 23 11.69 -8.15 8.08
C GLY A 23 11.57 -7.16 9.21
N GLN A 24 12.71 -6.60 9.63
CA GLN A 24 12.73 -5.62 10.71
C GLN A 24 12.18 -4.27 10.25
N THR A 25 12.91 -3.63 9.34
CA THR A 25 12.50 -2.34 8.81
C THR A 25 12.10 -2.44 7.34
N SER A 26 11.83 -3.67 6.89
CA SER A 26 11.43 -3.90 5.52
C SER A 26 10.27 -4.89 5.44
N VAL A 27 9.40 -4.71 4.46
CA VAL A 27 8.26 -5.58 4.28
C VAL A 27 7.81 -5.63 2.82
N SER A 28 7.68 -6.84 2.28
CA SER A 28 7.28 -7.02 0.90
C SER A 28 5.78 -7.32 0.80
N LEU A 29 5.13 -6.70 -0.16
CA LEU A 29 3.69 -6.91 -0.36
C LEU A 29 3.41 -7.42 -1.76
N LEU A 30 2.23 -8.02 -1.94
CA LEU A 30 1.83 -8.57 -3.23
C LEU A 30 0.35 -8.32 -3.50
N TRP A 31 0.05 -7.65 -4.60
CA TRP A 31 -1.33 -7.36 -4.97
C TRP A 31 -1.54 -7.52 -6.47
N GLN A 32 -2.69 -8.09 -6.84
CA GLN A 32 -3.02 -8.31 -8.24
C GLN A 32 -3.77 -7.12 -8.82
N GLU A 33 -3.88 -7.08 -10.15
CA GLU A 33 -4.58 -5.99 -10.82
C GLU A 33 -5.98 -5.81 -10.24
N PRO A 34 -6.43 -4.54 -10.19
CA PRO A 34 -7.75 -4.19 -9.66
C PRO A 34 -8.88 -4.66 -10.58
N GLU A 35 -10.08 -4.13 -10.35
CA GLU A 35 -11.23 -4.49 -11.16
C GLU A 35 -12.00 -3.25 -11.61
N GLN A 36 -12.04 -3.02 -12.91
CA GLN A 36 -12.74 -1.87 -13.46
C GLN A 36 -12.02 -0.57 -13.10
N PRO A 37 -10.70 -0.54 -13.28
CA PRO A 37 -9.87 0.63 -12.98
C PRO A 37 -10.14 1.79 -13.93
N ASN A 38 -11.12 1.62 -14.81
CA ASN A 38 -11.46 2.65 -15.77
C ASN A 38 -10.26 3.01 -16.65
N GLY A 39 -9.46 2.01 -16.97
CA GLY A 39 -8.29 2.23 -17.80
C GLY A 39 -7.02 1.69 -17.16
N ILE A 40 -5.89 1.86 -17.85
CA ILE A 40 -4.61 1.38 -17.35
C ILE A 40 -4.12 2.23 -16.18
N ILE A 41 -3.37 1.62 -15.28
CA ILE A 41 -2.84 2.32 -14.12
C ILE A 41 -1.34 2.56 -14.26
N LEU A 42 -0.95 3.83 -14.25
CA LEU A 42 0.46 4.19 -14.37
C LEU A 42 1.29 3.52 -13.28
N GLU A 43 0.98 3.83 -12.02
CA GLU A 43 1.70 3.25 -10.90
C GLU A 43 0.78 3.06 -9.70
N TYR A 44 1.30 2.44 -8.65
CA TYR A 44 0.52 2.21 -7.44
C TYR A 44 1.16 2.90 -6.24
N GLU A 45 0.31 3.42 -5.34
CA GLU A 45 0.79 4.10 -4.15
C GLU A 45 0.60 3.24 -2.91
N ILE A 46 1.57 3.27 -2.02
CA ILE A 46 1.51 2.49 -0.79
C ILE A 46 1.65 3.39 0.43
N LYS A 47 0.61 3.42 1.26
CA LYS A 47 0.61 4.23 2.47
C LYS A 47 0.71 3.35 3.72
N TYR A 48 1.74 3.58 4.52
CA TYR A 48 1.95 2.80 5.73
C TYR A 48 2.13 3.72 6.94
N TYR A 49 1.37 3.46 8.00
CA TYR A 49 1.46 4.27 9.21
C TYR A 49 1.44 3.38 10.46
N GLU A 50 1.79 3.96 11.60
CA GLU A 50 1.81 3.23 12.86
C GLU A 50 0.42 2.69 13.19
N LYS A 51 0.29 1.37 13.15
CA LYS A 51 -0.99 0.72 13.46
C LYS A 51 -1.56 1.25 14.78
N ASP A 52 -0.75 1.20 15.83
CA ASP A 52 -1.18 1.67 17.14
C ASP A 52 -1.31 3.19 17.16
N LYS A 53 -0.35 3.87 16.54
CA LYS A 53 -0.36 5.32 16.48
C LYS A 53 -0.82 5.82 15.11
N GLU A 54 -2.05 6.32 15.05
CA GLU A 54 -2.61 6.81 13.79
C GLU A 54 -2.41 8.32 13.68
N MET A 55 -2.36 8.81 12.45
CA MET A 55 -2.18 10.24 12.20
C MET A 55 -0.84 10.72 12.74
N GLN A 56 0.16 9.84 12.71
CA GLN A 56 1.48 10.18 13.20
C GLN A 56 2.41 10.57 12.05
N SER A 57 2.75 9.60 11.21
CA SER A 57 3.62 9.85 10.07
C SER A 57 3.42 8.79 8.98
N TYR A 58 2.71 9.17 7.93
CA TYR A 58 2.45 8.25 6.82
C TYR A 58 3.37 8.54 5.63
N SER A 59 3.77 7.48 4.95
CA SER A 59 4.66 7.62 3.80
C SER A 59 4.05 6.94 2.57
N THR A 60 4.19 7.60 1.42
CA THR A 60 3.66 7.05 0.17
C THR A 60 4.78 6.48 -0.70
N LEU A 61 4.61 5.23 -1.13
CA LEU A 61 5.60 4.58 -1.96
C LEU A 61 5.05 4.35 -3.37
N LYS A 62 5.81 4.81 -4.37
CA LYS A 62 5.40 4.65 -5.76
C LYS A 62 6.02 3.40 -6.37
N ALA A 63 5.17 2.53 -6.92
CA ALA A 63 5.65 1.30 -7.54
C ALA A 63 5.03 1.10 -8.91
N VAL A 64 5.87 0.86 -9.92
CA VAL A 64 5.40 0.66 -11.27
C VAL A 64 4.84 -0.74 -11.46
N THR A 65 5.44 -1.71 -10.79
CA THR A 65 5.00 -3.10 -10.87
C THR A 65 4.11 -3.47 -9.69
N THR A 66 3.30 -4.50 -9.87
CA THR A 66 2.41 -4.95 -8.81
C THR A 66 3.19 -5.42 -7.59
N ARG A 67 4.51 -5.38 -7.69
CA ARG A 67 5.39 -5.79 -6.60
C ARG A 67 6.11 -4.60 -6.00
N ALA A 68 6.03 -4.45 -4.68
CA ALA A 68 6.69 -3.35 -3.99
C ALA A 68 7.07 -3.75 -2.56
N THR A 69 8.13 -3.14 -2.05
CA THR A 69 8.61 -3.43 -0.71
C THR A 69 8.80 -2.15 0.10
N VAL A 70 8.09 -2.05 1.22
CA VAL A 70 8.18 -0.88 2.08
C VAL A 70 9.37 -0.98 3.02
N SER A 71 10.34 -0.09 2.82
CA SER A 71 11.55 -0.07 3.65
C SER A 71 11.59 1.18 4.51
N GLY A 72 12.41 1.14 5.55
CA GLY A 72 12.54 2.28 6.44
C GLY A 72 11.47 2.31 7.52
N LEU A 73 11.15 1.13 8.05
CA LEU A 73 10.13 1.02 9.09
C LEU A 73 10.76 0.72 10.45
N LYS A 74 9.95 0.81 11.50
CA LYS A 74 10.43 0.54 12.85
C LYS A 74 10.20 -0.92 13.23
N PRO A 75 11.23 -1.54 13.83
CA PRO A 75 11.16 -2.94 14.25
C PRO A 75 10.22 -3.14 15.44
N GLY A 76 9.54 -4.29 15.45
CA GLY A 76 8.61 -4.58 16.53
C GLY A 76 7.54 -3.53 16.68
N THR A 77 6.89 -3.19 15.56
CA THR A 77 5.83 -2.19 15.57
C THR A 77 4.82 -2.45 14.47
N ARG A 78 3.60 -2.82 14.85
CA ARG A 78 2.54 -3.10 13.89
C ARG A 78 2.35 -1.92 12.93
N TYR A 79 2.18 -2.24 11.65
CA TYR A 79 2.00 -1.21 10.63
C TYR A 79 0.77 -1.51 9.77
N VAL A 80 0.15 -0.45 9.25
CA VAL A 80 -1.03 -0.60 8.40
C VAL A 80 -0.74 -0.20 6.97
N PHE A 81 -0.61 -1.19 6.09
CA PHE A 81 -0.33 -0.93 4.68
C PHE A 81 -1.63 -0.72 3.90
N GLN A 82 -1.56 0.12 2.86
CA GLN A 82 -2.73 0.41 2.04
C GLN A 82 -2.32 0.69 0.60
N VAL A 83 -2.57 -0.27 -0.29
CA VAL A 83 -2.23 -0.13 -1.70
C VAL A 83 -3.40 0.43 -2.50
N ARG A 84 -3.09 1.25 -3.49
CA ARG A 84 -4.12 1.86 -4.33
C ARG A 84 -3.58 2.15 -5.72
N ALA A 85 -4.49 2.25 -6.69
CA ALA A 85 -4.10 2.53 -8.07
C ALA A 85 -4.27 4.02 -8.40
N ARG A 86 -3.42 4.53 -9.28
CA ARG A 86 -3.48 5.93 -9.68
C ARG A 86 -3.47 6.06 -11.19
N THR A 87 -4.58 6.54 -11.75
CA THR A 87 -4.71 6.71 -13.19
C THR A 87 -4.57 8.18 -13.58
N SER A 88 -4.33 8.42 -14.87
CA SER A 88 -4.18 9.78 -15.37
C SER A 88 -5.36 10.66 -14.94
N ALA A 89 -6.56 10.11 -15.07
CA ALA A 89 -7.78 10.84 -14.69
C ALA A 89 -7.66 11.41 -13.28
N GLY A 90 -7.48 10.51 -12.31
CA GLY A 90 -7.35 10.93 -10.93
C GLY A 90 -6.85 9.83 -10.03
N CYS A 91 -7.48 9.67 -8.87
CA CYS A 91 -7.08 8.64 -7.91
C CYS A 91 -8.31 7.91 -7.37
N GLY A 92 -8.14 6.63 -7.06
CA GLY A 92 -9.23 5.84 -6.53
C GLY A 92 -9.23 5.79 -5.02
N ARG A 93 -9.68 4.67 -4.46
CA ARG A 93 -9.73 4.50 -3.01
C ARG A 93 -8.65 3.54 -2.53
N PHE A 94 -8.30 3.65 -1.25
CA PHE A 94 -7.28 2.80 -0.66
C PHE A 94 -7.83 1.40 -0.38
N SER A 95 -6.99 0.39 -0.59
CA SER A 95 -7.40 -0.99 -0.36
C SER A 95 -7.78 -1.22 1.10
N GLN A 96 -8.26 -2.41 1.40
CA GLN A 96 -8.67 -2.75 2.77
C GLN A 96 -7.49 -2.60 3.73
N ALA A 97 -7.77 -2.04 4.90
CA ALA A 97 -6.74 -1.83 5.91
C ALA A 97 -6.10 -3.16 6.31
N MET A 98 -4.82 -3.32 5.99
CA MET A 98 -4.10 -4.54 6.32
C MET A 98 -3.21 -4.33 7.54
N GLU A 99 -3.07 -5.38 8.35
CA GLU A 99 -2.24 -5.31 9.55
C GLU A 99 -1.04 -6.26 9.45
N VAL A 100 0.15 -5.70 9.62
CA VAL A 100 1.38 -6.49 9.55
C VAL A 100 2.36 -6.07 10.63
N GLU A 101 3.03 -7.05 11.23
CA GLU A 101 4.01 -6.79 12.28
C GLU A 101 5.42 -7.08 11.79
N THR A 102 6.33 -6.14 12.04
CA THR A 102 7.72 -6.29 11.62
C THR A 102 8.48 -7.18 12.59
N GLY A 103 9.75 -7.42 12.28
CA GLY A 103 10.58 -8.26 13.14
C GLY A 103 11.18 -7.49 14.29
N LYS A 104 10.91 -7.94 15.51
CA LYS A 104 11.43 -7.29 16.71
C LYS A 104 12.96 -7.31 16.72
N PRO A 105 13.56 -6.32 17.39
CA PRO A 105 15.01 -6.22 17.50
C PRO A 105 15.62 -7.31 18.38
N SER A 106 16.91 -7.56 18.19
CA SER A 106 17.60 -8.59 18.96
C SER A 106 16.93 -9.94 18.80
N GLY A 107 16.54 -10.27 17.56
CA GLY A 107 15.89 -11.54 17.30
C GLY A 107 16.74 -12.47 16.44
N PRO A 108 16.09 -13.45 15.81
CA PRO A 108 16.77 -14.43 14.95
C PRO A 108 17.26 -13.80 13.66
N SER A 109 18.51 -13.32 13.68
CA SER A 109 19.11 -12.70 12.51
C SER A 109 19.97 -13.69 11.76
N SER A 110 20.81 -14.42 12.49
CA SER A 110 21.69 -15.40 11.88
C SER A 110 21.53 -16.77 12.54
N GLY A 111 21.62 -17.82 11.74
CA GLY A 111 21.48 -19.17 12.26
C GLY A 111 22.67 -20.05 11.95
N GLY A 1 -29.18 10.55 -10.30
CA GLY A 1 -28.65 10.11 -11.57
C GLY A 1 -27.17 10.43 -11.73
N SER A 2 -26.71 10.45 -12.98
CA SER A 2 -25.31 10.74 -13.27
C SER A 2 -24.99 12.22 -13.02
N SER A 3 -24.07 12.47 -12.09
CA SER A 3 -23.68 13.84 -11.76
C SER A 3 -23.32 14.63 -13.01
N GLY A 4 -22.52 14.01 -13.87
CA GLY A 4 -22.11 14.68 -15.11
C GLY A 4 -20.68 15.16 -15.05
N SER A 5 -19.74 14.23 -15.13
CA SER A 5 -18.32 14.57 -15.09
C SER A 5 -17.73 14.61 -16.49
N SER A 6 -16.60 15.30 -16.64
CA SER A 6 -15.93 15.40 -17.93
C SER A 6 -14.69 14.52 -17.97
N GLY A 7 -14.65 13.63 -18.96
CA GLY A 7 -13.51 12.73 -19.10
C GLY A 7 -13.89 11.28 -18.86
N GLN A 8 -12.96 10.52 -18.29
CA GLN A 8 -13.19 9.11 -18.02
C GLN A 8 -13.45 8.89 -16.53
N ALA A 9 -13.91 7.68 -16.19
CA ALA A 9 -14.19 7.34 -14.80
C ALA A 9 -12.93 6.93 -14.06
N ALA A 10 -12.98 6.99 -12.73
CA ALA A 10 -11.83 6.63 -11.91
C ALA A 10 -11.66 5.11 -11.85
N PRO A 11 -10.42 4.67 -11.57
CA PRO A 11 -10.09 3.24 -11.48
C PRO A 11 -10.71 2.58 -10.25
N SER A 12 -10.80 1.26 -10.28
CA SER A 12 -11.38 0.51 -9.16
C SER A 12 -10.45 0.55 -7.95
N GLN A 13 -10.93 0.00 -6.83
CA GLN A 13 -10.15 -0.02 -5.60
C GLN A 13 -9.59 -1.41 -5.34
N VAL A 14 -8.26 -1.52 -5.35
CA VAL A 14 -7.60 -2.80 -5.10
C VAL A 14 -8.09 -3.44 -3.81
N VAL A 15 -8.66 -4.64 -3.92
CA VAL A 15 -9.17 -5.35 -2.76
C VAL A 15 -8.43 -6.67 -2.55
N VAL A 16 -7.26 -6.79 -3.18
CA VAL A 16 -6.45 -8.00 -3.08
C VAL A 16 -5.02 -7.67 -2.67
N ILE A 17 -4.63 -8.09 -1.48
CA ILE A 17 -3.29 -7.84 -0.97
C ILE A 17 -2.76 -9.03 -0.18
N ARG A 18 -1.45 -9.25 -0.25
CA ARG A 18 -0.83 -10.36 0.47
C ARG A 18 0.55 -9.96 0.99
N GLN A 19 1.07 -10.75 1.93
CA GLN A 19 2.37 -10.48 2.52
C GLN A 19 3.38 -11.54 2.11
N GLU A 20 4.39 -11.12 1.35
CA GLU A 20 5.43 -12.03 0.90
C GLU A 20 6.45 -12.31 2.01
N ARG A 21 7.14 -11.26 2.44
CA ARG A 21 8.14 -11.39 3.49
C ARG A 21 8.31 -10.07 4.24
N ALA A 22 8.03 -10.09 5.53
CA ALA A 22 8.15 -8.90 6.36
C ALA A 22 9.49 -8.87 7.08
N GLY A 23 10.42 -8.06 6.58
CA GLY A 23 11.73 -7.97 7.19
C GLY A 23 11.69 -7.23 8.51
N GLN A 24 12.85 -7.14 9.17
CA GLN A 24 12.95 -6.45 10.45
C GLN A 24 12.55 -4.98 10.32
N THR A 25 13.21 -4.28 9.40
CA THR A 25 12.92 -2.87 9.17
C THR A 25 12.28 -2.65 7.81
N SER A 26 11.81 -3.74 7.20
CA SER A 26 11.18 -3.67 5.89
C SER A 26 10.18 -4.81 5.71
N VAL A 27 9.46 -4.78 4.59
CA VAL A 27 8.47 -5.81 4.30
C VAL A 27 8.07 -5.77 2.82
N SER A 28 7.56 -6.89 2.32
CA SER A 28 7.13 -7.00 0.94
C SER A 28 5.65 -7.34 0.84
N LEU A 29 4.95 -6.66 -0.06
CA LEU A 29 3.52 -6.90 -0.25
C LEU A 29 3.24 -7.45 -1.65
N LEU A 30 2.04 -7.98 -1.84
CA LEU A 30 1.64 -8.55 -3.13
C LEU A 30 0.18 -8.24 -3.42
N TRP A 31 -0.06 -7.59 -4.56
CA TRP A 31 -1.41 -7.24 -4.97
C TRP A 31 -1.55 -7.30 -6.49
N GLN A 32 -2.63 -7.94 -6.95
CA GLN A 32 -2.88 -8.06 -8.38
C GLN A 32 -3.74 -6.91 -8.89
N GLU A 33 -3.71 -6.69 -10.20
CA GLU A 33 -4.48 -5.62 -10.81
C GLU A 33 -5.94 -5.69 -10.39
N PRO A 34 -6.59 -4.51 -10.31
CA PRO A 34 -8.00 -4.41 -9.92
C PRO A 34 -8.94 -4.97 -10.97
N GLU A 35 -10.15 -5.34 -10.55
CA GLU A 35 -11.14 -5.90 -11.47
C GLU A 35 -11.23 -5.06 -12.74
N GLN A 36 -11.39 -3.75 -12.58
CA GLN A 36 -11.49 -2.84 -13.71
C GLN A 36 -10.74 -1.54 -13.44
N PRO A 37 -9.53 -1.43 -14.02
CA PRO A 37 -8.69 -0.24 -13.85
C PRO A 37 -9.26 0.98 -14.56
N ASN A 38 -10.16 0.75 -15.51
CA ASN A 38 -10.78 1.83 -16.27
C ASN A 38 -9.72 2.76 -16.86
N GLY A 39 -8.65 2.18 -17.39
CA GLY A 39 -7.59 2.98 -17.96
C GLY A 39 -6.21 2.48 -17.58
N ILE A 40 -5.21 3.33 -17.76
CA ILE A 40 -3.83 2.97 -17.42
C ILE A 40 -3.44 3.52 -16.06
N ILE A 41 -2.89 2.66 -15.21
CA ILE A 41 -2.46 3.07 -13.88
C ILE A 41 -1.00 3.51 -13.87
N LEU A 42 -0.76 4.75 -13.47
CA LEU A 42 0.59 5.30 -13.42
C LEU A 42 1.45 4.54 -12.41
N GLU A 43 0.95 4.42 -11.18
CA GLU A 43 1.67 3.72 -10.13
C GLU A 43 0.76 3.44 -8.93
N TYR A 44 1.12 2.46 -8.13
CA TYR A 44 0.35 2.10 -6.96
C TYR A 44 0.93 2.72 -5.69
N GLU A 45 0.16 3.58 -5.05
CA GLU A 45 0.61 4.25 -3.83
C GLU A 45 0.36 3.38 -2.61
N ILE A 46 1.38 3.25 -1.76
CA ILE A 46 1.27 2.44 -0.55
C ILE A 46 1.52 3.28 0.69
N LYS A 47 0.47 3.48 1.48
CA LYS A 47 0.56 4.26 2.70
C LYS A 47 0.68 3.35 3.92
N TYR A 48 1.78 3.48 4.65
CA TYR A 48 2.00 2.66 5.84
C TYR A 48 2.38 3.54 7.03
N TYR A 49 1.63 3.41 8.12
CA TYR A 49 1.89 4.18 9.33
C TYR A 49 1.88 3.28 10.57
N GLU A 50 2.55 3.74 11.61
CA GLU A 50 2.63 2.98 12.86
C GLU A 50 1.24 2.60 13.35
N LYS A 51 0.87 1.34 13.19
CA LYS A 51 -0.43 0.85 13.63
C LYS A 51 -0.75 1.34 15.03
N ASP A 52 0.18 1.14 15.96
CA ASP A 52 0.00 1.56 17.33
C ASP A 52 0.08 3.08 17.46
N LYS A 53 1.05 3.67 16.76
CA LYS A 53 1.25 5.11 16.79
C LYS A 53 0.71 5.77 15.52
N GLU A 54 -0.42 6.46 15.65
CA GLU A 54 -1.04 7.12 14.51
C GLU A 54 -0.45 8.52 14.32
N MET A 55 0.44 8.64 13.34
CA MET A 55 1.07 9.92 13.04
C MET A 55 0.23 10.73 12.06
N GLN A 56 0.14 12.03 12.30
CA GLN A 56 -0.64 12.92 11.43
C GLN A 56 -0.24 12.73 9.97
N SER A 57 1.06 12.80 9.69
CA SER A 57 1.56 12.63 8.34
C SER A 57 2.04 11.20 8.11
N TYR A 58 1.34 10.49 7.24
CA TYR A 58 1.68 9.11 6.93
C TYR A 58 2.68 9.04 5.76
N SER A 59 3.47 7.97 5.73
CA SER A 59 4.46 7.79 4.67
C SER A 59 3.91 6.91 3.55
N THR A 60 4.04 7.40 2.32
CA THR A 60 3.56 6.65 1.16
C THR A 60 4.71 6.11 0.33
N LEU A 61 4.43 5.08 -0.46
CA LEU A 61 5.45 4.47 -1.30
C LEU A 61 4.96 4.31 -2.74
N LYS A 62 5.74 4.83 -3.68
CA LYS A 62 5.38 4.75 -5.10
C LYS A 62 5.97 3.49 -5.74
N ALA A 63 5.10 2.64 -6.27
CA ALA A 63 5.53 1.41 -6.91
C ALA A 63 4.96 1.29 -8.33
N VAL A 64 5.83 1.04 -9.29
CA VAL A 64 5.41 0.90 -10.68
C VAL A 64 4.89 -0.50 -10.96
N THR A 65 5.46 -1.49 -10.28
CA THR A 65 5.05 -2.87 -10.46
C THR A 65 4.07 -3.30 -9.38
N THR A 66 3.47 -4.48 -9.55
CA THR A 66 2.52 -5.01 -8.59
C THR A 66 3.23 -5.58 -7.36
N ARG A 67 4.55 -5.40 -7.32
CA ARG A 67 5.34 -5.90 -6.21
C ARG A 67 6.29 -4.82 -5.69
N ALA A 68 6.13 -4.46 -4.42
CA ALA A 68 6.97 -3.43 -3.80
C ALA A 68 7.50 -3.90 -2.46
N THR A 69 8.64 -3.35 -2.05
CA THR A 69 9.25 -3.71 -0.78
C THR A 69 9.31 -2.51 0.16
N VAL A 70 8.45 -2.52 1.16
CA VAL A 70 8.40 -1.43 2.15
C VAL A 70 9.66 -1.41 3.00
N SER A 71 10.45 -0.34 2.86
CA SER A 71 11.68 -0.20 3.61
C SER A 71 11.64 1.05 4.49
N GLY A 72 12.39 1.02 5.59
CA GLY A 72 12.42 2.16 6.49
C GLY A 72 11.35 2.08 7.56
N LEU A 73 11.34 0.97 8.30
CA LEU A 73 10.37 0.77 9.36
C LEU A 73 11.05 0.44 10.68
N LYS A 74 10.25 0.30 11.74
CA LYS A 74 10.79 -0.02 13.06
C LYS A 74 10.53 -1.49 13.40
N PRO A 75 11.52 -2.12 14.05
CA PRO A 75 11.42 -3.53 14.45
C PRO A 75 10.42 -3.74 15.58
N GLY A 76 9.61 -4.80 15.46
CA GLY A 76 8.62 -5.10 16.48
C GLY A 76 7.60 -3.99 16.63
N THR A 77 7.03 -3.57 15.51
CA THR A 77 6.02 -2.50 15.51
C THR A 77 5.00 -2.70 14.39
N ARG A 78 3.76 -2.98 14.77
CA ARG A 78 2.70 -3.19 13.79
C ARG A 78 2.58 -1.98 12.87
N TYR A 79 2.23 -2.24 11.60
CA TYR A 79 2.08 -1.17 10.62
C TYR A 79 0.88 -1.45 9.72
N VAL A 80 0.04 -0.43 9.53
CA VAL A 80 -1.14 -0.56 8.69
C VAL A 80 -0.83 -0.18 7.25
N PHE A 81 -0.87 -1.16 6.36
CA PHE A 81 -0.59 -0.93 4.95
C PHE A 81 -1.89 -0.73 4.16
N GLN A 82 -1.84 0.13 3.15
CA GLN A 82 -3.01 0.42 2.33
C GLN A 82 -2.59 0.73 0.90
N VAL A 83 -2.94 -0.16 -0.03
CA VAL A 83 -2.61 0.02 -1.43
C VAL A 83 -3.75 0.69 -2.18
N ARG A 84 -3.41 1.42 -3.24
CA ARG A 84 -4.41 2.12 -4.04
C ARG A 84 -3.99 2.16 -5.51
N ALA A 85 -4.90 2.61 -6.37
CA ALA A 85 -4.63 2.70 -7.79
C ALA A 85 -5.01 4.07 -8.35
N ARG A 86 -4.03 4.78 -8.90
CA ARG A 86 -4.25 6.10 -9.46
C ARG A 86 -3.98 6.12 -10.96
N THR A 87 -4.91 6.69 -11.72
CA THR A 87 -4.76 6.77 -13.16
C THR A 87 -4.81 8.21 -13.64
N SER A 88 -4.34 8.44 -14.88
CA SER A 88 -4.32 9.77 -15.45
C SER A 88 -5.70 10.42 -15.38
N ALA A 89 -6.73 9.63 -15.68
CA ALA A 89 -8.10 10.12 -15.64
C ALA A 89 -8.50 10.57 -14.24
N GLY A 90 -8.45 9.64 -13.30
CA GLY A 90 -8.81 9.96 -11.93
C GLY A 90 -8.07 9.09 -10.92
N CYS A 91 -8.53 9.10 -9.68
CA CYS A 91 -7.91 8.32 -8.62
C CYS A 91 -8.91 7.37 -7.98
N GLY A 92 -8.39 6.35 -7.30
CA GLY A 92 -9.26 5.38 -6.66
C GLY A 92 -9.27 5.52 -5.15
N ARG A 93 -9.62 4.44 -4.47
CA ARG A 93 -9.67 4.45 -3.01
C ARG A 93 -8.60 3.54 -2.42
N PHE A 94 -8.51 3.51 -1.09
CA PHE A 94 -7.53 2.68 -0.40
C PHE A 94 -8.12 1.31 -0.05
N SER A 95 -7.36 0.25 -0.33
CA SER A 95 -7.81 -1.10 -0.04
C SER A 95 -8.11 -1.28 1.44
N GLN A 96 -8.64 -2.44 1.80
CA GLN A 96 -8.97 -2.74 3.19
C GLN A 96 -7.75 -2.54 4.09
N ALA A 97 -7.99 -1.96 5.27
CA ALA A 97 -6.91 -1.72 6.22
C ALA A 97 -6.11 -2.98 6.49
N MET A 98 -4.94 -3.07 5.89
CA MET A 98 -4.07 -4.23 6.07
C MET A 98 -3.18 -4.07 7.29
N GLU A 99 -2.97 -5.17 8.01
CA GLU A 99 -2.14 -5.15 9.22
C GLU A 99 -0.96 -6.10 9.08
N VAL A 100 0.24 -5.55 9.23
CA VAL A 100 1.46 -6.36 9.13
C VAL A 100 2.49 -5.93 10.17
N GLU A 101 3.05 -6.91 10.87
CA GLU A 101 4.06 -6.64 11.89
C GLU A 101 5.45 -6.99 11.39
N THR A 102 6.33 -5.99 11.33
CA THR A 102 7.69 -6.19 10.87
C THR A 102 8.36 -7.33 11.63
N GLY A 103 9.62 -7.62 11.28
CA GLY A 103 10.34 -8.69 11.93
C GLY A 103 10.91 -8.26 13.28
N LYS A 104 10.37 -8.82 14.35
CA LYS A 104 10.82 -8.50 15.69
C LYS A 104 12.29 -8.87 15.87
N PRO A 105 12.99 -8.12 16.74
CA PRO A 105 14.41 -8.37 17.03
C PRO A 105 14.63 -9.66 17.80
N SER A 106 13.55 -10.39 18.06
CA SER A 106 13.63 -11.65 18.79
C SER A 106 14.74 -12.53 18.24
N GLY A 107 14.76 -12.69 16.91
CA GLY A 107 15.77 -13.51 16.27
C GLY A 107 15.26 -14.17 15.01
N PRO A 108 16.15 -14.95 14.35
CA PRO A 108 15.81 -15.64 13.12
C PRO A 108 14.82 -16.79 13.34
N SER A 109 14.44 -17.47 12.26
CA SER A 109 13.51 -18.58 12.35
C SER A 109 13.81 -19.64 11.29
N SER A 110 13.56 -20.90 11.63
CA SER A 110 13.81 -22.00 10.70
C SER A 110 12.53 -22.79 10.43
N GLY A 111 12.10 -22.78 9.17
CA GLY A 111 10.90 -23.49 8.80
C GLY A 111 11.15 -24.54 7.73
N GLY A 1 -4.74 18.96 -10.12
CA GLY A 1 -5.23 19.99 -9.24
C GLY A 1 -6.64 19.72 -8.73
N SER A 2 -6.90 20.06 -7.48
CA SER A 2 -8.21 19.83 -6.89
C SER A 2 -9.18 20.94 -7.28
N SER A 3 -8.81 21.71 -8.30
CA SER A 3 -9.65 22.80 -8.76
C SER A 3 -10.87 22.27 -9.51
N GLY A 4 -10.62 21.46 -10.52
CA GLY A 4 -11.71 20.90 -11.30
C GLY A 4 -11.21 20.00 -12.42
N SER A 5 -10.94 18.74 -12.09
CA SER A 5 -10.45 17.78 -13.09
C SER A 5 -11.61 17.12 -13.81
N SER A 6 -11.39 16.76 -15.07
CA SER A 6 -12.41 16.12 -15.88
C SER A 6 -11.79 15.17 -16.89
N GLY A 7 -12.08 13.87 -16.74
CA GLY A 7 -11.53 12.88 -17.64
C GLY A 7 -12.26 11.55 -17.55
N GLN A 8 -11.53 10.51 -17.17
CA GLN A 8 -12.12 9.17 -17.05
C GLN A 8 -12.44 8.85 -15.59
N ALA A 9 -13.25 7.82 -15.38
CA ALA A 9 -13.64 7.42 -14.04
C ALA A 9 -12.45 6.83 -13.28
N ALA A 10 -12.42 7.06 -11.97
CA ALA A 10 -11.34 6.55 -11.13
C ALA A 10 -11.25 5.03 -11.21
N PRO A 11 -10.04 4.49 -11.00
CA PRO A 11 -9.80 3.05 -11.04
C PRO A 11 -10.43 2.32 -9.86
N SER A 12 -10.66 1.02 -10.03
CA SER A 12 -11.27 0.21 -8.98
C SER A 12 -10.34 0.09 -7.78
N GLN A 13 -10.90 0.26 -6.59
CA GLN A 13 -10.12 0.17 -5.36
C GLN A 13 -9.62 -1.25 -5.14
N VAL A 14 -8.30 -1.42 -5.19
CA VAL A 14 -7.69 -2.73 -5.00
C VAL A 14 -8.14 -3.36 -3.69
N VAL A 15 -8.75 -4.54 -3.78
CA VAL A 15 -9.22 -5.25 -2.60
C VAL A 15 -8.49 -6.57 -2.41
N VAL A 16 -7.34 -6.69 -3.06
CA VAL A 16 -6.53 -7.90 -2.97
C VAL A 16 -5.08 -7.58 -2.61
N ILE A 17 -4.68 -7.97 -1.41
CA ILE A 17 -3.33 -7.72 -0.94
C ILE A 17 -2.80 -8.90 -0.13
N ARG A 18 -1.54 -9.25 -0.36
CA ARG A 18 -0.91 -10.36 0.35
C ARG A 18 0.46 -9.97 0.86
N GLN A 19 0.90 -10.62 1.93
CA GLN A 19 2.21 -10.34 2.53
C GLN A 19 3.22 -11.40 2.12
N GLU A 20 4.17 -11.00 1.26
CA GLU A 20 5.20 -11.92 0.79
C GLU A 20 6.14 -12.31 1.94
N ARG A 21 6.82 -11.33 2.50
CA ARG A 21 7.74 -11.56 3.59
C ARG A 21 7.96 -10.30 4.42
N ALA A 22 8.00 -10.45 5.74
CA ALA A 22 8.18 -9.32 6.64
C ALA A 22 9.59 -9.32 7.23
N GLY A 23 10.42 -8.41 6.73
CA GLY A 23 11.79 -8.32 7.22
C GLY A 23 12.01 -7.14 8.15
N GLN A 24 13.21 -7.03 8.71
CA GLN A 24 13.53 -5.94 9.62
C GLN A 24 13.29 -4.58 8.95
N THR A 25 12.62 -3.69 9.67
CA THR A 25 12.32 -2.36 9.15
C THR A 25 11.94 -2.42 7.67
N SER A 26 11.31 -3.52 7.27
CA SER A 26 10.90 -3.70 5.88
C SER A 26 9.73 -4.67 5.78
N VAL A 27 8.99 -4.58 4.69
CA VAL A 27 7.84 -5.45 4.47
C VAL A 27 7.50 -5.55 2.99
N SER A 28 7.32 -6.77 2.51
CA SER A 28 6.99 -7.02 1.11
C SER A 28 5.49 -7.28 0.93
N LEU A 29 4.89 -6.60 -0.03
CA LEU A 29 3.46 -6.77 -0.30
C LEU A 29 3.24 -7.35 -1.69
N LEU A 30 2.09 -7.99 -1.88
CA LEU A 30 1.75 -8.59 -3.16
C LEU A 30 0.27 -8.39 -3.48
N TRP A 31 -0.01 -7.58 -4.49
CA TRP A 31 -1.37 -7.30 -4.90
C TRP A 31 -1.53 -7.42 -6.41
N GLN A 32 -2.60 -8.09 -6.84
CA GLN A 32 -2.86 -8.28 -8.26
C GLN A 32 -3.72 -7.14 -8.82
N GLU A 33 -3.69 -6.98 -10.14
CA GLU A 33 -4.46 -5.93 -10.79
C GLU A 33 -5.93 -5.99 -10.37
N PRO A 34 -6.56 -4.82 -10.24
CA PRO A 34 -7.96 -4.71 -9.85
C PRO A 34 -8.91 -5.20 -10.95
N GLU A 35 -10.21 -5.11 -10.68
CA GLU A 35 -11.22 -5.55 -11.65
C GLU A 35 -11.32 -4.56 -12.80
N GLN A 36 -11.78 -3.35 -12.51
CA GLN A 36 -11.94 -2.32 -13.54
C GLN A 36 -10.94 -1.19 -13.31
N PRO A 37 -9.85 -1.18 -14.11
CA PRO A 37 -8.81 -0.15 -14.00
C PRO A 37 -9.30 1.20 -14.49
N ASN A 38 -10.31 1.20 -15.35
CA ASN A 38 -10.86 2.43 -15.89
C ASN A 38 -9.77 3.30 -16.50
N GLY A 39 -8.91 2.67 -17.30
CA GLY A 39 -7.83 3.40 -17.93
C GLY A 39 -6.47 2.80 -17.62
N ILE A 40 -5.41 3.52 -17.99
CA ILE A 40 -4.05 3.06 -17.75
C ILE A 40 -3.57 3.47 -16.37
N ILE A 41 -3.09 2.50 -15.59
CA ILE A 41 -2.59 2.76 -14.25
C ILE A 41 -1.10 3.10 -14.27
N LEU A 42 -0.79 4.39 -14.15
CA LEU A 42 0.59 4.85 -14.15
C LEU A 42 1.41 4.10 -13.10
N GLU A 43 0.98 4.19 -11.85
CA GLU A 43 1.68 3.52 -10.76
C GLU A 43 0.73 3.28 -9.58
N TYR A 44 1.22 2.55 -8.58
CA TYR A 44 0.43 2.25 -7.39
C TYR A 44 0.93 3.04 -6.19
N GLU A 45 0.04 3.25 -5.22
CA GLU A 45 0.39 3.98 -4.01
C GLU A 45 0.21 3.11 -2.76
N ILE A 46 1.23 3.06 -1.93
CA ILE A 46 1.19 2.27 -0.70
C ILE A 46 1.31 3.15 0.53
N LYS A 47 0.30 3.12 1.39
CA LYS A 47 0.30 3.91 2.61
C LYS A 47 0.58 3.04 3.82
N TYR A 48 1.62 3.40 4.57
CA TYR A 48 2.00 2.64 5.77
C TYR A 48 2.22 3.58 6.95
N TYR A 49 1.70 3.18 8.11
CA TYR A 49 1.83 3.98 9.32
C TYR A 49 1.76 3.10 10.57
N GLU A 50 2.35 3.58 11.65
CA GLU A 50 2.35 2.84 12.91
C GLU A 50 0.94 2.43 13.31
N LYS A 51 0.66 1.13 13.23
CA LYS A 51 -0.65 0.61 13.56
C LYS A 51 -1.09 1.10 14.94
N ASP A 52 -0.23 0.93 15.94
CA ASP A 52 -0.52 1.36 17.30
C ASP A 52 -0.46 2.88 17.41
N LYS A 53 0.54 3.47 16.77
CA LYS A 53 0.71 4.92 16.79
C LYS A 53 0.23 5.55 15.48
N GLU A 54 -0.88 6.26 15.55
CA GLU A 54 -1.43 6.91 14.36
C GLU A 54 -0.94 8.35 14.25
N MET A 55 0.03 8.58 13.38
CA MET A 55 0.59 9.92 13.18
C MET A 55 -0.17 10.65 12.07
N GLN A 56 -0.30 11.97 12.24
CA GLN A 56 -0.99 12.80 11.26
C GLN A 56 -0.33 12.69 9.89
N SER A 57 0.99 12.72 9.87
CA SER A 57 1.74 12.63 8.62
C SER A 57 2.16 11.19 8.34
N TYR A 58 1.47 10.55 7.42
CA TYR A 58 1.75 9.16 7.05
C TYR A 58 2.73 9.10 5.88
N SER A 59 3.47 8.02 5.78
CA SER A 59 4.44 7.83 4.70
C SER A 59 3.83 7.01 3.57
N THR A 60 4.07 7.46 2.34
CA THR A 60 3.55 6.77 1.16
C THR A 60 4.69 6.24 0.29
N LEU A 61 4.45 5.11 -0.36
CA LEU A 61 5.44 4.51 -1.24
C LEU A 61 4.86 4.19 -2.61
N LYS A 62 5.51 4.68 -3.66
CA LYS A 62 5.06 4.45 -5.02
C LYS A 62 5.68 3.19 -5.60
N ALA A 63 4.92 2.48 -6.44
CA ALA A 63 5.41 1.26 -7.06
C ALA A 63 4.86 1.11 -8.48
N VAL A 64 5.75 0.82 -9.42
CA VAL A 64 5.36 0.65 -10.82
C VAL A 64 4.83 -0.76 -11.07
N THR A 65 5.45 -1.74 -10.43
CA THR A 65 5.04 -3.14 -10.59
C THR A 65 4.07 -3.56 -9.49
N THR A 66 3.50 -4.75 -9.62
CA THR A 66 2.56 -5.27 -8.64
C THR A 66 3.29 -5.84 -7.42
N ARG A 67 4.58 -5.52 -7.31
CA ARG A 67 5.38 -6.01 -6.20
C ARG A 67 6.26 -4.88 -5.63
N ALA A 68 6.22 -4.71 -4.32
CA ALA A 68 7.00 -3.68 -3.65
C ALA A 68 7.35 -4.08 -2.23
N THR A 69 8.37 -3.43 -1.67
CA THR A 69 8.81 -3.73 -0.31
C THR A 69 9.09 -2.45 0.47
N VAL A 70 8.14 -2.07 1.34
CA VAL A 70 8.29 -0.86 2.13
C VAL A 70 9.39 -1.03 3.18
N SER A 71 10.56 -0.43 2.90
CA SER A 71 11.69 -0.51 3.80
C SER A 71 11.85 0.78 4.60
N GLY A 72 12.59 0.71 5.70
CA GLY A 72 12.80 1.87 6.54
C GLY A 72 11.68 2.09 7.53
N LEU A 73 11.30 1.03 8.23
CA LEU A 73 10.23 1.11 9.22
C LEU A 73 10.75 0.77 10.61
N LYS A 74 9.88 0.88 11.61
CA LYS A 74 10.24 0.59 12.98
C LYS A 74 10.13 -0.90 13.27
N PRO A 75 11.20 -1.48 13.85
CA PRO A 75 11.25 -2.90 14.18
C PRO A 75 10.32 -3.26 15.33
N GLY A 76 9.74 -4.45 15.27
CA GLY A 76 8.83 -4.90 16.32
C GLY A 76 7.68 -3.93 16.53
N THR A 77 7.10 -3.46 15.43
CA THR A 77 5.98 -2.52 15.50
C THR A 77 4.98 -2.77 14.38
N ARG A 78 3.74 -3.05 14.75
CA ARG A 78 2.69 -3.31 13.77
C ARG A 78 2.51 -2.12 12.84
N TYR A 79 2.29 -2.40 11.56
CA TYR A 79 2.11 -1.35 10.56
C TYR A 79 0.89 -1.62 9.70
N VAL A 80 0.16 -0.56 9.37
CA VAL A 80 -1.04 -0.69 8.54
C VAL A 80 -0.77 -0.26 7.11
N PHE A 81 -0.74 -1.24 6.20
CA PHE A 81 -0.50 -0.96 4.79
C PHE A 81 -1.80 -0.76 4.03
N GLN A 82 -1.73 -0.05 2.91
CA GLN A 82 -2.90 0.22 2.10
C GLN A 82 -2.51 0.53 0.66
N VAL A 83 -2.72 -0.44 -0.23
CA VAL A 83 -2.38 -0.26 -1.64
C VAL A 83 -3.57 0.31 -2.42
N ARG A 84 -3.27 1.02 -3.50
CA ARG A 84 -4.30 1.63 -4.33
C ARG A 84 -3.77 1.94 -5.73
N ALA A 85 -4.67 2.00 -6.69
CA ALA A 85 -4.29 2.29 -8.07
C ALA A 85 -4.59 3.74 -8.43
N ARG A 86 -3.67 4.36 -9.16
CA ARG A 86 -3.85 5.75 -9.57
C ARG A 86 -3.70 5.90 -11.08
N THR A 87 -4.78 6.32 -11.73
CA THR A 87 -4.77 6.49 -13.18
C THR A 87 -4.70 7.98 -13.56
N SER A 88 -4.05 8.26 -14.68
CA SER A 88 -3.91 9.64 -15.15
C SER A 88 -5.17 10.44 -14.85
N ALA A 89 -6.33 9.84 -15.09
CA ALA A 89 -7.60 10.50 -14.84
C ALA A 89 -7.64 11.11 -13.44
N GLY A 90 -7.50 10.25 -12.43
CA GLY A 90 -7.54 10.72 -11.06
C GLY A 90 -6.99 9.70 -10.09
N CYS A 91 -7.66 9.54 -8.95
CA CYS A 91 -7.24 8.59 -7.93
C CYS A 91 -8.44 7.93 -7.27
N GLY A 92 -8.43 6.60 -7.22
CA GLY A 92 -9.52 5.87 -6.62
C GLY A 92 -9.44 5.85 -5.10
N ARG A 93 -9.83 4.73 -4.50
CA ARG A 93 -9.80 4.59 -3.05
C ARG A 93 -8.71 3.61 -2.62
N PHE A 94 -8.44 3.56 -1.32
CA PHE A 94 -7.42 2.68 -0.78
C PHE A 94 -7.99 1.29 -0.51
N SER A 95 -7.11 0.31 -0.34
CA SER A 95 -7.53 -1.06 -0.08
C SER A 95 -7.87 -1.25 1.39
N GLN A 96 -8.42 -2.42 1.72
CA GLN A 96 -8.79 -2.73 3.09
C GLN A 96 -7.61 -2.55 4.03
N ALA A 97 -7.88 -2.05 5.23
CA ALA A 97 -6.84 -1.83 6.23
C ALA A 97 -6.06 -3.11 6.50
N MET A 98 -4.87 -3.21 5.92
CA MET A 98 -4.02 -4.38 6.11
C MET A 98 -3.19 -4.26 7.38
N GLU A 99 -2.95 -5.39 8.04
CA GLU A 99 -2.17 -5.41 9.27
C GLU A 99 -0.96 -6.34 9.14
N VAL A 100 0.22 -5.80 9.37
CA VAL A 100 1.45 -6.58 9.28
C VAL A 100 2.53 -6.03 10.20
N GLU A 101 3.27 -6.93 10.85
CA GLU A 101 4.32 -6.53 11.77
C GLU A 101 5.70 -6.74 11.14
N THR A 102 6.64 -5.88 11.51
CA THR A 102 8.00 -5.96 10.97
C THR A 102 8.83 -6.98 11.74
N GLY A 103 10.07 -7.17 11.31
CA GLY A 103 10.95 -8.12 11.97
C GLY A 103 11.55 -7.55 13.25
N LYS A 104 11.22 -8.16 14.38
CA LYS A 104 11.74 -7.72 15.67
C LYS A 104 13.26 -7.76 15.69
N PRO A 105 13.87 -6.91 16.55
CA PRO A 105 15.32 -6.83 16.69
C PRO A 105 15.91 -8.08 17.35
N SER A 106 15.06 -9.08 17.57
CA SER A 106 15.50 -10.32 18.20
C SER A 106 16.34 -11.15 17.23
N GLY A 107 17.15 -12.05 17.78
CA GLY A 107 18.01 -12.88 16.96
C GLY A 107 17.21 -13.71 15.97
N PRO A 108 17.92 -14.48 15.14
CA PRO A 108 17.30 -15.34 14.13
C PRO A 108 16.56 -16.52 14.74
N SER A 109 16.52 -16.56 16.07
CA SER A 109 15.86 -17.65 16.78
C SER A 109 14.48 -17.20 17.28
N SER A 110 13.98 -16.11 16.70
CA SER A 110 12.68 -15.57 17.09
C SER A 110 11.58 -16.11 16.19
N GLY A 111 11.74 -15.95 14.88
CA GLY A 111 10.75 -16.42 13.94
C GLY A 111 10.39 -15.38 12.89
N GLY A 1 -24.08 23.67 -17.23
CA GLY A 1 -23.81 22.58 -16.29
C GLY A 1 -24.19 22.94 -14.87
N SER A 2 -25.23 22.29 -14.35
CA SER A 2 -25.70 22.54 -13.00
C SER A 2 -24.98 21.63 -12.00
N SER A 3 -24.90 20.35 -12.33
CA SER A 3 -24.25 19.38 -11.46
C SER A 3 -22.76 19.26 -11.80
N GLY A 4 -22.47 19.17 -13.10
CA GLY A 4 -21.10 19.06 -13.53
C GLY A 4 -20.79 17.70 -14.15
N SER A 5 -20.04 17.71 -15.25
CA SER A 5 -19.69 16.47 -15.94
C SER A 5 -18.32 15.98 -15.51
N SER A 6 -18.20 14.66 -15.31
CA SER A 6 -16.94 14.06 -14.89
C SER A 6 -16.19 13.49 -16.08
N GLY A 7 -14.89 13.75 -16.14
CA GLY A 7 -14.07 13.25 -17.24
C GLY A 7 -14.21 11.75 -17.43
N GLN A 8 -13.36 10.99 -16.75
CA GLN A 8 -13.40 9.54 -16.85
C GLN A 8 -13.65 8.90 -15.49
N ALA A 9 -14.24 7.71 -15.50
CA ALA A 9 -14.54 7.00 -14.26
C ALA A 9 -13.26 6.54 -13.57
N ALA A 10 -13.20 6.74 -12.26
CA ALA A 10 -12.03 6.35 -11.47
C ALA A 10 -11.85 4.84 -11.48
N PRO A 11 -10.63 4.38 -11.13
CA PRO A 11 -10.29 2.96 -11.08
C PRO A 11 -11.01 2.23 -9.95
N SER A 12 -10.94 0.90 -9.98
CA SER A 12 -11.58 0.09 -8.94
C SER A 12 -10.73 0.03 -7.68
N GLN A 13 -11.33 -0.42 -6.59
CA GLN A 13 -10.62 -0.53 -5.32
C GLN A 13 -9.98 -1.90 -5.17
N VAL A 14 -8.65 -1.94 -5.18
CA VAL A 14 -7.92 -3.20 -5.04
C VAL A 14 -8.35 -3.95 -3.79
N VAL A 15 -8.79 -5.18 -3.97
CA VAL A 15 -9.22 -6.02 -2.86
C VAL A 15 -8.35 -7.26 -2.73
N VAL A 16 -7.18 -7.22 -3.34
CA VAL A 16 -6.24 -8.34 -3.28
C VAL A 16 -4.85 -7.89 -2.84
N ILE A 17 -4.51 -8.21 -1.60
CA ILE A 17 -3.21 -7.83 -1.04
C ILE A 17 -2.65 -8.95 -0.17
N ARG A 18 -1.36 -9.25 -0.35
CA ARG A 18 -0.71 -10.29 0.43
C ARG A 18 0.69 -9.86 0.84
N GLN A 19 1.32 -10.64 1.71
CA GLN A 19 2.67 -10.33 2.18
C GLN A 19 3.63 -11.46 1.84
N GLU A 20 4.55 -11.19 0.91
CA GLU A 20 5.53 -12.19 0.49
C GLU A 20 6.55 -12.44 1.60
N ARG A 21 7.17 -11.38 2.07
CA ARG A 21 8.17 -11.47 3.13
C ARG A 21 8.15 -10.24 4.02
N ALA A 22 8.13 -10.45 5.33
CA ALA A 22 8.10 -9.37 6.29
C ALA A 22 9.37 -9.35 7.14
N GLY A 23 10.29 -8.46 6.83
CA GLY A 23 11.53 -8.37 7.58
C GLY A 23 11.39 -7.53 8.83
N GLN A 24 12.52 -7.09 9.37
CA GLN A 24 12.52 -6.27 10.58
C GLN A 24 12.26 -4.80 10.25
N THR A 25 12.97 -4.29 9.26
CA THR A 25 12.82 -2.90 8.84
C THR A 25 12.31 -2.80 7.41
N SER A 26 11.75 -3.90 6.91
CA SER A 26 11.23 -3.93 5.56
C SER A 26 10.07 -4.94 5.45
N VAL A 27 9.24 -4.77 4.41
CA VAL A 27 8.11 -5.66 4.20
C VAL A 27 7.68 -5.65 2.74
N SER A 28 7.41 -6.83 2.19
CA SER A 28 6.99 -6.96 0.81
C SER A 28 5.48 -7.20 0.71
N LEU A 29 4.88 -6.67 -0.35
CA LEU A 29 3.44 -6.82 -0.55
C LEU A 29 3.15 -7.27 -1.98
N LEU A 30 2.16 -8.16 -2.11
CA LEU A 30 1.77 -8.68 -3.42
C LEU A 30 0.30 -8.40 -3.71
N TRP A 31 0.04 -7.73 -4.82
CA TRP A 31 -1.32 -7.39 -5.22
C TRP A 31 -1.48 -7.43 -6.74
N GLN A 32 -2.57 -8.05 -7.20
CA GLN A 32 -2.83 -8.15 -8.63
C GLN A 32 -3.70 -7.00 -9.10
N GLU A 33 -3.72 -6.78 -10.42
CA GLU A 33 -4.51 -5.70 -11.00
C GLU A 33 -5.99 -5.83 -10.60
N PRO A 34 -6.65 -4.68 -10.42
CA PRO A 34 -8.06 -4.64 -10.03
C PRO A 34 -8.99 -5.10 -11.16
N GLU A 35 -10.15 -5.62 -10.78
CA GLU A 35 -11.11 -6.10 -11.77
C GLU A 35 -11.21 -5.15 -12.96
N GLN A 36 -11.63 -3.92 -12.68
CA GLN A 36 -11.76 -2.91 -13.73
C GLN A 36 -11.03 -1.63 -13.35
N PRO A 37 -9.83 -1.44 -13.93
CA PRO A 37 -9.01 -0.25 -13.67
C PRO A 37 -9.61 1.02 -14.26
N ASN A 38 -10.52 0.85 -15.21
CA ASN A 38 -11.17 1.98 -15.85
C ASN A 38 -10.14 2.97 -16.40
N GLY A 39 -9.13 2.44 -17.08
CA GLY A 39 -8.10 3.28 -17.64
C GLY A 39 -6.70 2.78 -17.32
N ILE A 40 -5.70 3.30 -18.03
CA ILE A 40 -4.32 2.90 -17.81
C ILE A 40 -3.80 3.41 -16.47
N ILE A 41 -3.51 2.49 -15.57
CA ILE A 41 -3.01 2.85 -14.24
C ILE A 41 -1.56 3.33 -14.31
N LEU A 42 -1.34 4.56 -13.85
CA LEU A 42 0.00 5.14 -13.86
C LEU A 42 0.94 4.39 -12.92
N GLU A 43 0.55 4.32 -11.65
CA GLU A 43 1.35 3.64 -10.65
C GLU A 43 0.54 3.38 -9.38
N TYR A 44 1.02 2.49 -8.54
CA TYR A 44 0.35 2.16 -7.29
C TYR A 44 1.04 2.81 -6.10
N GLU A 45 0.25 3.41 -5.21
CA GLU A 45 0.78 4.07 -4.03
C GLU A 45 0.48 3.28 -2.77
N ILE A 46 1.51 3.03 -1.97
CA ILE A 46 1.35 2.27 -0.74
C ILE A 46 1.53 3.18 0.48
N LYS A 47 0.52 3.19 1.35
CA LYS A 47 0.56 4.01 2.55
C LYS A 47 0.70 3.14 3.79
N TYR A 48 1.81 3.32 4.51
CA TYR A 48 2.07 2.55 5.72
C TYR A 48 2.36 3.47 6.90
N TYR A 49 1.53 3.37 7.94
CA TYR A 49 1.70 4.19 9.13
C TYR A 49 1.71 3.34 10.39
N GLU A 50 2.16 3.92 11.49
CA GLU A 50 2.23 3.22 12.76
C GLU A 50 0.84 2.76 13.20
N LYS A 51 0.57 1.47 13.04
CA LYS A 51 -0.72 0.91 13.42
C LYS A 51 -1.27 1.59 14.67
N ASP A 52 -0.43 1.67 15.71
CA ASP A 52 -0.83 2.30 16.96
C ASP A 52 -0.93 3.81 16.80
N LYS A 53 0.01 4.39 16.06
CA LYS A 53 0.02 5.83 15.82
C LYS A 53 -0.40 6.15 14.39
N GLU A 54 -1.63 6.66 14.25
CA GLU A 54 -2.16 7.02 12.93
C GLU A 54 -1.93 8.50 12.65
N MET A 55 -2.58 9.35 13.43
CA MET A 55 -2.46 10.80 13.26
C MET A 55 -1.00 11.19 13.03
N GLN A 56 -0.09 10.35 13.49
CA GLN A 56 1.34 10.62 13.33
C GLN A 56 1.74 10.59 11.87
N SER A 57 2.90 11.18 11.57
CA SER A 57 3.39 11.23 10.20
C SER A 57 3.40 9.84 9.57
N TYR A 58 3.00 9.76 8.30
CA TYR A 58 2.96 8.50 7.58
C TYR A 58 3.87 8.53 6.36
N SER A 59 4.50 7.41 6.06
CA SER A 59 5.40 7.30 4.92
C SER A 59 4.67 6.71 3.71
N THR A 60 4.98 7.25 2.52
CA THR A 60 4.35 6.77 1.29
C THR A 60 5.38 6.15 0.37
N LEU A 61 4.94 5.18 -0.43
CA LEU A 61 5.82 4.50 -1.36
C LEU A 61 5.21 4.43 -2.76
N LYS A 62 6.06 4.54 -3.78
CA LYS A 62 5.59 4.48 -5.16
C LYS A 62 6.10 3.24 -5.86
N ALA A 63 5.19 2.48 -6.44
CA ALA A 63 5.56 1.25 -7.17
C ALA A 63 4.90 1.21 -8.53
N VAL A 64 5.70 0.97 -9.56
CA VAL A 64 5.20 0.89 -10.93
C VAL A 64 4.67 -0.51 -11.25
N THR A 65 5.28 -1.51 -10.64
CA THR A 65 4.89 -2.90 -10.86
C THR A 65 3.94 -3.37 -9.76
N THR A 66 3.39 -4.57 -9.94
CA THR A 66 2.47 -5.14 -8.97
C THR A 66 3.22 -5.69 -7.76
N ARG A 67 4.51 -5.42 -7.70
CA ARG A 67 5.34 -5.89 -6.60
C ARG A 67 6.16 -4.75 -6.01
N ALA A 68 6.06 -4.57 -4.69
CA ALA A 68 6.78 -3.51 -4.01
C ALA A 68 7.27 -3.98 -2.64
N THR A 69 8.29 -3.30 -2.12
CA THR A 69 8.84 -3.66 -0.82
C THR A 69 9.11 -2.41 0.03
N VAL A 70 8.22 -2.14 0.98
CA VAL A 70 8.36 -0.99 1.85
C VAL A 70 9.55 -1.14 2.78
N SER A 71 10.53 -0.27 2.63
CA SER A 71 11.73 -0.30 3.46
C SER A 71 11.82 0.94 4.35
N GLY A 72 12.64 0.85 5.40
CA GLY A 72 12.80 1.98 6.30
C GLY A 72 11.70 2.03 7.35
N LEU A 73 11.34 0.87 7.89
CA LEU A 73 10.30 0.80 8.90
C LEU A 73 10.90 0.56 10.28
N LYS A 74 10.08 0.69 11.32
CA LYS A 74 10.54 0.50 12.70
C LYS A 74 10.22 -0.92 13.17
N PRO A 75 11.19 -1.55 13.83
CA PRO A 75 11.05 -2.91 14.36
C PRO A 75 10.07 -2.98 15.52
N GLY A 76 9.57 -4.18 15.79
CA GLY A 76 8.62 -4.36 16.89
C GLY A 76 7.54 -3.29 16.91
N THR A 77 7.04 -2.95 15.72
CA THR A 77 5.99 -1.93 15.60
C THR A 77 5.01 -2.28 14.49
N ARG A 78 3.75 -2.46 14.86
CA ARG A 78 2.72 -2.79 13.89
C ARG A 78 2.54 -1.67 12.87
N TYR A 79 2.31 -2.04 11.62
CA TYR A 79 2.14 -1.07 10.54
C TYR A 79 0.92 -1.42 9.69
N VAL A 80 0.18 -0.39 9.29
CA VAL A 80 -1.01 -0.59 8.45
C VAL A 80 -0.74 -0.19 7.01
N PHE A 81 -0.64 -1.19 6.13
CA PHE A 81 -0.39 -0.94 4.72
C PHE A 81 -1.69 -0.67 3.98
N GLN A 82 -1.60 0.09 2.89
CA GLN A 82 -2.78 0.42 2.09
C GLN A 82 -2.38 0.80 0.67
N VAL A 83 -2.63 -0.11 -0.27
CA VAL A 83 -2.29 0.12 -1.67
C VAL A 83 -3.44 0.79 -2.41
N ARG A 84 -3.10 1.68 -3.34
CA ARG A 84 -4.12 2.39 -4.11
C ARG A 84 -3.66 2.58 -5.56
N ALA A 85 -4.59 2.41 -6.49
CA ALA A 85 -4.28 2.57 -7.91
C ALA A 85 -4.71 3.94 -8.42
N ARG A 86 -3.77 4.66 -9.02
CA ARG A 86 -4.05 5.99 -9.55
C ARG A 86 -3.98 5.99 -11.08
N THR A 87 -4.81 6.82 -11.71
CA THR A 87 -4.83 6.92 -13.16
C THR A 87 -4.71 8.37 -13.62
N SER A 88 -4.38 8.56 -14.89
CA SER A 88 -4.23 9.90 -15.44
C SER A 88 -5.42 10.78 -15.08
N ALA A 89 -6.62 10.21 -15.18
CA ALA A 89 -7.84 10.94 -14.86
C ALA A 89 -7.86 11.36 -13.39
N GLY A 90 -7.84 10.37 -12.50
CA GLY A 90 -7.85 10.64 -11.08
C GLY A 90 -7.38 9.46 -10.26
N CYS A 91 -7.63 9.52 -8.95
CA CYS A 91 -7.24 8.45 -8.04
C CYS A 91 -8.42 7.95 -7.23
N GLY A 92 -8.40 6.67 -6.89
CA GLY A 92 -9.48 6.09 -6.12
C GLY A 92 -9.11 5.89 -4.66
N ARG A 93 -10.05 5.35 -3.88
CA ARG A 93 -9.81 5.11 -2.46
C ARG A 93 -8.78 4.00 -2.26
N PHE A 94 -8.27 3.88 -1.04
CA PHE A 94 -7.28 2.87 -0.72
C PHE A 94 -7.82 1.47 -1.00
N SER A 95 -6.97 0.46 -0.89
CA SER A 95 -7.36 -0.91 -1.13
C SER A 95 -8.05 -1.51 0.10
N GLN A 96 -7.25 -1.74 1.15
CA GLN A 96 -7.78 -2.31 2.39
C GLN A 96 -6.83 -2.07 3.55
N ALA A 97 -7.33 -2.25 4.77
CA ALA A 97 -6.52 -2.04 5.96
C ALA A 97 -5.86 -3.35 6.40
N MET A 98 -4.57 -3.49 6.10
CA MET A 98 -3.83 -4.69 6.46
C MET A 98 -2.88 -4.41 7.62
N GLU A 99 -2.93 -5.26 8.65
CA GLU A 99 -2.07 -5.10 9.81
C GLU A 99 -0.90 -6.08 9.77
N VAL A 100 0.31 -5.54 9.85
CA VAL A 100 1.51 -6.37 9.81
C VAL A 100 2.52 -5.92 10.87
N GLU A 101 3.08 -6.88 11.59
CA GLU A 101 4.05 -6.57 12.64
C GLU A 101 5.46 -6.98 12.20
N THR A 102 6.37 -6.01 12.19
CA THR A 102 7.75 -6.27 11.79
C THR A 102 8.49 -7.05 12.86
N GLY A 103 9.61 -7.68 12.47
CA GLY A 103 10.39 -8.45 13.40
C GLY A 103 10.88 -7.62 14.57
N LYS A 104 10.72 -8.15 15.78
CA LYS A 104 11.15 -7.45 16.98
C LYS A 104 12.66 -7.25 16.99
N PRO A 105 13.12 -6.17 17.62
CA PRO A 105 14.55 -5.85 17.72
C PRO A 105 15.31 -6.82 18.62
N SER A 106 16.58 -7.04 18.30
CA SER A 106 17.41 -7.95 19.08
C SER A 106 18.71 -7.28 19.49
N GLY A 107 19.46 -7.94 20.37
CA GLY A 107 20.72 -7.39 20.83
C GLY A 107 21.91 -7.99 20.11
N PRO A 108 23.02 -7.23 20.06
CA PRO A 108 24.24 -7.66 19.39
C PRO A 108 24.94 -8.80 20.13
N SER A 109 24.33 -9.23 21.23
CA SER A 109 24.90 -10.32 22.03
C SER A 109 25.09 -11.57 21.19
N SER A 110 26.28 -12.15 21.26
CA SER A 110 26.60 -13.36 20.50
C SER A 110 25.96 -14.58 21.15
N GLY A 111 25.81 -15.64 20.35
CA GLY A 111 25.21 -16.86 20.87
C GLY A 111 25.65 -18.09 20.09
N GLY A 1 -19.78 15.09 0.25
CA GLY A 1 -19.43 15.27 -1.13
C GLY A 1 -20.60 15.73 -1.98
N SER A 2 -21.14 14.82 -2.78
CA SER A 2 -22.27 15.14 -3.64
C SER A 2 -21.88 16.18 -4.70
N SER A 3 -20.69 16.01 -5.27
CA SER A 3 -20.19 16.94 -6.28
C SER A 3 -20.40 16.38 -7.68
N GLY A 4 -21.16 17.10 -8.49
CA GLY A 4 -21.42 16.66 -9.86
C GLY A 4 -20.35 17.10 -10.83
N SER A 5 -19.53 16.15 -11.27
CA SER A 5 -18.45 16.45 -12.21
C SER A 5 -18.42 15.44 -13.34
N SER A 6 -17.99 15.88 -14.52
CA SER A 6 -17.92 15.01 -15.69
C SER A 6 -16.49 14.58 -15.95
N GLY A 7 -16.33 13.62 -16.86
CA GLY A 7 -15.00 13.12 -17.18
C GLY A 7 -14.92 11.60 -17.10
N GLN A 8 -13.72 11.09 -16.84
CA GLN A 8 -13.52 9.65 -16.74
C GLN A 8 -13.72 9.16 -15.31
N ALA A 9 -14.13 7.90 -15.16
CA ALA A 9 -14.36 7.32 -13.85
C ALA A 9 -13.05 6.97 -13.16
N ALA A 10 -13.09 6.80 -11.85
CA ALA A 10 -11.90 6.46 -11.08
C ALA A 10 -11.64 4.96 -11.10
N PRO A 11 -10.42 4.57 -10.74
CA PRO A 11 -10.01 3.16 -10.70
C PRO A 11 -10.70 2.38 -9.59
N SER A 12 -10.53 1.06 -9.60
CA SER A 12 -11.14 0.20 -8.58
C SER A 12 -10.17 -0.04 -7.43
N GLN A 13 -10.64 0.21 -6.21
CA GLN A 13 -9.83 0.02 -5.02
C GLN A 13 -9.32 -1.41 -4.93
N VAL A 14 -8.01 -1.56 -4.81
CA VAL A 14 -7.39 -2.88 -4.71
C VAL A 14 -7.78 -3.57 -3.42
N VAL A 15 -8.35 -4.77 -3.54
CA VAL A 15 -8.78 -5.54 -2.38
C VAL A 15 -8.00 -6.85 -2.28
N VAL A 16 -6.87 -6.92 -2.98
CA VAL A 16 -6.04 -8.11 -2.97
C VAL A 16 -4.60 -7.78 -2.58
N ILE A 17 -4.23 -8.11 -1.35
CA ILE A 17 -2.88 -7.83 -0.87
C ILE A 17 -2.39 -8.96 0.03
N ARG A 18 -1.10 -9.29 -0.08
CA ARG A 18 -0.51 -10.35 0.73
C ARG A 18 0.91 -9.97 1.16
N GLN A 19 1.48 -10.78 2.04
CA GLN A 19 2.83 -10.53 2.54
C GLN A 19 3.83 -11.50 1.91
N GLU A 20 4.92 -10.96 1.39
CA GLU A 20 5.95 -11.77 0.76
C GLU A 20 7.10 -12.05 1.72
N ARG A 21 7.87 -11.00 2.01
CA ARG A 21 9.01 -11.12 2.93
C ARG A 21 8.62 -10.68 4.34
N ALA A 22 8.34 -9.38 4.48
CA ALA A 22 7.96 -8.83 5.78
C ALA A 22 9.13 -8.85 6.75
N GLY A 23 10.31 -8.49 6.26
CA GLY A 23 11.49 -8.49 7.10
C GLY A 23 11.30 -7.66 8.35
N GLN A 24 12.40 -7.37 9.05
CA GLN A 24 12.36 -6.58 10.27
C GLN A 24 12.13 -5.10 9.95
N THR A 25 13.06 -4.51 9.21
CA THR A 25 12.96 -3.11 8.84
C THR A 25 12.45 -2.95 7.42
N SER A 26 11.93 -4.03 6.84
CA SER A 26 11.41 -4.01 5.49
C SER A 26 10.23 -4.97 5.34
N VAL A 27 9.36 -4.67 4.39
CA VAL A 27 8.18 -5.50 4.14
C VAL A 27 7.75 -5.42 2.68
N SER A 28 7.36 -6.56 2.12
CA SER A 28 6.92 -6.62 0.73
C SER A 28 5.45 -7.00 0.64
N LEU A 29 4.71 -6.33 -0.24
CA LEU A 29 3.30 -6.60 -0.42
C LEU A 29 3.02 -7.09 -1.84
N LEU A 30 2.08 -8.03 -1.95
CA LEU A 30 1.72 -8.59 -3.25
C LEU A 30 0.24 -8.35 -3.56
N TRP A 31 -0.03 -7.66 -4.65
CA TRP A 31 -1.40 -7.36 -5.05
C TRP A 31 -1.56 -7.49 -6.56
N GLN A 32 -2.63 -8.15 -6.98
CA GLN A 32 -2.90 -8.34 -8.40
C GLN A 32 -3.78 -7.21 -8.95
N GLU A 33 -3.88 -7.14 -10.27
CA GLU A 33 -4.68 -6.11 -10.91
C GLU A 33 -6.10 -6.09 -10.34
N PRO A 34 -6.62 -4.89 -10.09
CA PRO A 34 -7.97 -4.69 -9.55
C PRO A 34 -9.06 -5.07 -10.55
N GLU A 35 -10.23 -5.42 -10.03
CA GLU A 35 -11.36 -5.80 -10.88
C GLU A 35 -11.38 -4.98 -12.16
N GLN A 36 -11.63 -3.68 -12.02
CA GLN A 36 -11.68 -2.79 -13.17
C GLN A 36 -10.98 -1.47 -12.87
N PRO A 37 -9.75 -1.33 -13.36
CA PRO A 37 -8.94 -0.11 -13.15
C PRO A 37 -9.50 1.09 -13.92
N ASN A 38 -10.53 0.85 -14.72
CA ASN A 38 -11.16 1.91 -15.50
C ASN A 38 -10.11 2.67 -16.30
N GLY A 39 -9.16 1.94 -16.88
CA GLY A 39 -8.12 2.57 -17.66
C GLY A 39 -6.74 2.04 -17.34
N ILE A 40 -5.73 2.91 -17.38
CA ILE A 40 -4.36 2.52 -17.09
C ILE A 40 -3.89 3.14 -15.78
N ILE A 41 -3.18 2.36 -14.98
CA ILE A 41 -2.66 2.83 -13.71
C ILE A 41 -1.17 3.15 -13.80
N LEU A 42 -0.84 4.44 -13.78
CA LEU A 42 0.55 4.87 -13.87
C LEU A 42 1.41 4.15 -12.84
N GLU A 43 1.06 4.32 -11.56
CA GLU A 43 1.80 3.68 -10.48
C GLU A 43 0.88 3.36 -9.30
N TYR A 44 1.31 2.42 -8.47
CA TYR A 44 0.52 2.04 -7.31
C TYR A 44 1.05 2.69 -6.04
N GLU A 45 0.24 3.58 -5.45
CA GLU A 45 0.64 4.28 -4.23
C GLU A 45 0.36 3.43 -3.00
N ILE A 46 1.37 3.28 -2.14
CA ILE A 46 1.23 2.50 -0.92
C ILE A 46 1.34 3.38 0.32
N LYS A 47 0.34 3.28 1.19
CA LYS A 47 0.33 4.07 2.42
C LYS A 47 0.56 3.18 3.64
N TYR A 48 1.63 3.45 4.38
CA TYR A 48 1.97 2.68 5.56
C TYR A 48 2.28 3.59 6.74
N TYR A 49 1.73 3.26 7.90
CA TYR A 49 1.95 4.06 9.10
C TYR A 49 1.85 3.19 10.36
N GLU A 50 2.37 3.71 11.46
CA GLU A 50 2.33 2.97 12.73
C GLU A 50 0.91 2.57 13.09
N LYS A 51 0.62 1.28 13.00
CA LYS A 51 -0.71 0.76 13.32
C LYS A 51 -1.21 1.31 14.64
N ASP A 52 -0.41 1.13 15.69
CA ASP A 52 -0.78 1.62 17.01
C ASP A 52 -0.74 3.14 17.06
N LYS A 53 0.28 3.72 16.46
CA LYS A 53 0.44 5.18 16.44
C LYS A 53 0.01 5.74 15.08
N GLU A 54 -1.17 6.34 15.04
CA GLU A 54 -1.70 6.92 13.82
C GLU A 54 -1.69 8.45 13.89
N MET A 55 -0.72 9.07 13.22
CA MET A 55 -0.62 10.52 13.22
C MET A 55 -0.90 11.08 11.83
N GLN A 56 -0.88 12.41 11.71
CA GLN A 56 -1.14 13.06 10.44
C GLN A 56 -0.07 12.72 9.42
N SER A 57 1.19 12.94 9.79
CA SER A 57 2.31 12.65 8.91
C SER A 57 2.44 11.15 8.66
N TYR A 58 2.25 10.74 7.40
CA TYR A 58 2.34 9.33 7.03
C TYR A 58 3.35 9.14 5.91
N SER A 59 3.92 7.93 5.84
CA SER A 59 4.90 7.61 4.82
C SER A 59 4.24 6.91 3.63
N THR A 60 4.51 7.41 2.43
CA THR A 60 3.94 6.85 1.22
C THR A 60 5.03 6.30 0.30
N LEU A 61 4.77 5.16 -0.32
CA LEU A 61 5.73 4.53 -1.21
C LEU A 61 5.11 4.26 -2.58
N LYS A 62 5.77 4.72 -3.64
CA LYS A 62 5.29 4.52 -5.00
C LYS A 62 5.94 3.30 -5.64
N ALA A 63 5.16 2.55 -6.41
CA ALA A 63 5.67 1.37 -7.09
C ALA A 63 5.05 1.22 -8.47
N VAL A 64 5.90 1.05 -9.47
CA VAL A 64 5.43 0.90 -10.86
C VAL A 64 4.93 -0.52 -11.10
N THR A 65 5.51 -1.48 -10.39
CA THR A 65 5.12 -2.87 -10.55
C THR A 65 4.20 -3.31 -9.42
N THR A 66 3.36 -4.32 -9.69
CA THR A 66 2.43 -4.83 -8.70
C THR A 66 3.16 -5.33 -7.45
N ARG A 67 4.48 -5.33 -7.52
CA ARG A 67 5.31 -5.78 -6.40
C ARG A 67 6.13 -4.63 -5.83
N ALA A 68 5.94 -4.35 -4.54
CA ALA A 68 6.65 -3.29 -3.87
C ALA A 68 7.18 -3.74 -2.51
N THR A 69 8.11 -2.98 -1.95
CA THR A 69 8.70 -3.30 -0.65
C THR A 69 8.94 -2.04 0.17
N VAL A 70 8.17 -1.88 1.23
CA VAL A 70 8.30 -0.72 2.11
C VAL A 70 9.47 -0.89 3.07
N SER A 71 10.55 -0.15 2.84
CA SER A 71 11.72 -0.23 3.69
C SER A 71 11.85 1.02 4.55
N GLY A 72 12.64 0.93 5.62
CA GLY A 72 12.83 2.06 6.50
C GLY A 72 11.78 2.14 7.58
N LEU A 73 11.40 0.98 8.13
CA LEU A 73 10.40 0.91 9.18
C LEU A 73 11.01 0.46 10.50
N LYS A 74 10.21 0.49 11.56
CA LYS A 74 10.68 0.08 12.88
C LYS A 74 10.29 -1.37 13.17
N PRO A 75 11.21 -2.12 13.78
CA PRO A 75 10.99 -3.52 14.13
C PRO A 75 9.97 -3.69 15.24
N GLY A 76 9.41 -4.90 15.36
CA GLY A 76 8.43 -5.16 16.39
C GLY A 76 7.40 -4.06 16.52
N THR A 77 6.85 -3.63 15.38
CA THR A 77 5.86 -2.56 15.37
C THR A 77 4.84 -2.79 14.26
N ARG A 78 3.58 -2.98 14.65
CA ARG A 78 2.51 -3.20 13.69
C ARG A 78 2.35 -2.00 12.76
N TYR A 79 2.12 -2.27 11.48
CA TYR A 79 1.95 -1.21 10.49
C TYR A 79 0.73 -1.48 9.60
N VAL A 80 0.06 -0.41 9.20
CA VAL A 80 -1.12 -0.52 8.35
C VAL A 80 -0.80 -0.12 6.91
N PHE A 81 -0.68 -1.13 6.04
CA PHE A 81 -0.38 -0.89 4.63
C PHE A 81 -1.67 -0.69 3.83
N GLN A 82 -1.60 0.16 2.82
CA GLN A 82 -2.76 0.44 1.97
C GLN A 82 -2.32 0.76 0.55
N VAL A 83 -2.47 -0.21 -0.35
CA VAL A 83 -2.09 -0.03 -1.74
C VAL A 83 -3.26 0.51 -2.56
N ARG A 84 -2.96 1.41 -3.49
CA ARG A 84 -3.99 2.01 -4.33
C ARG A 84 -3.46 2.20 -5.75
N ALA A 85 -4.40 2.37 -6.69
CA ALA A 85 -4.03 2.57 -8.09
C ALA A 85 -4.29 4.00 -8.54
N ARG A 86 -3.31 4.60 -9.21
CA ARG A 86 -3.44 5.97 -9.68
C ARG A 86 -3.58 6.01 -11.20
N THR A 87 -4.52 6.83 -11.68
CA THR A 87 -4.76 6.95 -13.11
C THR A 87 -4.74 8.42 -13.55
N SER A 88 -4.29 8.66 -14.76
CA SER A 88 -4.22 10.02 -15.30
C SER A 88 -5.53 10.76 -15.09
N ALA A 89 -6.63 10.03 -15.24
CA ALA A 89 -7.96 10.62 -15.07
C ALA A 89 -8.15 11.12 -13.64
N GLY A 90 -7.84 10.27 -12.67
CA GLY A 90 -7.98 10.65 -11.28
C GLY A 90 -7.44 9.60 -10.33
N CYS A 91 -8.12 9.39 -9.21
CA CYS A 91 -7.70 8.41 -8.23
C CYS A 91 -8.90 7.67 -7.64
N GLY A 92 -8.65 6.48 -7.10
CA GLY A 92 -9.73 5.69 -6.53
C GLY A 92 -9.75 5.75 -5.02
N ARG A 93 -9.53 4.60 -4.38
CA ARG A 93 -9.53 4.53 -2.92
C ARG A 93 -8.47 3.55 -2.43
N PHE A 94 -7.93 3.81 -1.25
CA PHE A 94 -6.91 2.95 -0.66
C PHE A 94 -7.47 1.57 -0.36
N SER A 95 -6.65 0.54 -0.59
CA SER A 95 -7.06 -0.83 -0.34
C SER A 95 -7.50 -1.02 1.11
N GLN A 96 -8.10 -2.18 1.39
CA GLN A 96 -8.57 -2.48 2.75
C GLN A 96 -7.45 -2.34 3.76
N ALA A 97 -7.80 -1.96 4.98
CA ALA A 97 -6.82 -1.78 6.04
C ALA A 97 -6.13 -3.10 6.37
N MET A 98 -4.87 -3.23 5.94
CA MET A 98 -4.11 -4.45 6.20
C MET A 98 -3.16 -4.25 7.37
N GLU A 99 -3.17 -5.20 8.30
CA GLU A 99 -2.30 -5.13 9.48
C GLU A 99 -1.15 -6.13 9.36
N VAL A 100 0.07 -5.63 9.46
CA VAL A 100 1.25 -6.49 9.38
C VAL A 100 2.29 -6.09 10.42
N GLU A 101 2.80 -7.09 11.15
CA GLU A 101 3.81 -6.85 12.18
C GLU A 101 5.18 -7.30 11.71
N THR A 102 6.12 -6.36 11.63
CA THR A 102 7.48 -6.66 11.20
C THR A 102 8.20 -7.53 12.23
N GLY A 103 9.20 -8.26 11.77
CA GLY A 103 9.95 -9.12 12.67
C GLY A 103 10.41 -8.39 13.91
N LYS A 104 10.06 -8.94 15.08
CA LYS A 104 10.44 -8.34 16.34
C LYS A 104 11.96 -8.36 16.54
N PRO A 105 12.47 -7.37 17.27
CA PRO A 105 13.91 -7.25 17.54
C PRO A 105 14.41 -8.35 18.48
N SER A 106 13.51 -9.23 18.88
CA SER A 106 13.86 -10.33 19.78
C SER A 106 14.09 -11.62 19.01
N GLY A 107 14.65 -12.63 19.69
CA GLY A 107 14.92 -13.89 19.04
C GLY A 107 14.64 -15.07 19.95
N PRO A 108 14.45 -16.26 19.36
CA PRO A 108 14.17 -17.49 20.10
C PRO A 108 15.37 -17.97 20.90
N SER A 109 15.22 -18.03 22.22
CA SER A 109 16.29 -18.48 23.10
C SER A 109 15.74 -19.00 24.42
N SER A 110 16.45 -19.93 25.03
CA SER A 110 16.03 -20.50 26.30
C SER A 110 15.51 -19.42 27.24
N GLY A 111 16.22 -18.31 27.33
CA GLY A 111 15.81 -17.23 28.19
C GLY A 111 16.75 -17.03 29.37
N GLY A 1 -28.80 17.01 -5.72
CA GLY A 1 -27.64 17.85 -5.94
C GLY A 1 -26.43 17.07 -6.38
N SER A 2 -25.98 17.31 -7.62
CA SER A 2 -24.83 16.61 -8.16
C SER A 2 -23.66 17.58 -8.38
N SER A 3 -22.55 17.34 -7.69
CA SER A 3 -21.37 18.19 -7.79
C SER A 3 -20.81 18.13 -9.21
N GLY A 4 -20.44 16.94 -9.65
CA GLY A 4 -19.89 16.77 -10.99
C GLY A 4 -18.57 16.03 -10.98
N SER A 5 -18.14 15.58 -12.15
CA SER A 5 -16.89 14.85 -12.28
C SER A 5 -16.08 15.35 -13.47
N SER A 6 -14.77 15.14 -13.42
CA SER A 6 -13.88 15.58 -14.49
C SER A 6 -13.13 14.40 -15.09
N GLY A 7 -12.62 14.58 -16.31
CA GLY A 7 -11.89 13.52 -16.97
C GLY A 7 -12.54 12.16 -16.81
N GLN A 8 -11.77 11.10 -17.00
CA GLN A 8 -12.30 9.75 -16.88
C GLN A 8 -12.72 9.45 -15.45
N ALA A 9 -13.32 8.28 -15.25
CA ALA A 9 -13.79 7.88 -13.92
C ALA A 9 -12.64 7.32 -13.10
N ALA A 10 -12.75 7.42 -11.77
CA ALA A 10 -11.73 6.91 -10.87
C ALA A 10 -11.59 5.40 -11.00
N PRO A 11 -10.38 4.89 -10.71
CA PRO A 11 -10.10 3.45 -10.77
C PRO A 11 -10.80 2.66 -9.67
N SER A 12 -10.62 1.35 -9.68
CA SER A 12 -11.23 0.49 -8.67
C SER A 12 -10.27 0.23 -7.52
N GLN A 13 -10.74 -0.54 -6.53
CA GLN A 13 -9.92 -0.87 -5.37
C GLN A 13 -9.49 -2.32 -5.40
N VAL A 14 -8.19 -2.55 -5.20
CA VAL A 14 -7.64 -3.91 -5.21
C VAL A 14 -7.82 -4.58 -3.85
N VAL A 15 -8.70 -5.56 -3.80
CA VAL A 15 -8.97 -6.30 -2.56
C VAL A 15 -8.08 -7.53 -2.45
N VAL A 16 -7.00 -7.55 -3.23
CA VAL A 16 -6.07 -8.67 -3.22
C VAL A 16 -4.68 -8.23 -2.80
N ILE A 17 -4.29 -8.57 -1.58
CA ILE A 17 -2.98 -8.21 -1.06
C ILE A 17 -2.40 -9.33 -0.20
N ARG A 18 -1.13 -9.66 -0.45
CA ARG A 18 -0.46 -10.71 0.30
C ARG A 18 0.90 -10.23 0.81
N GLN A 19 1.43 -10.93 1.81
CA GLN A 19 2.72 -10.57 2.39
C GLN A 19 3.79 -11.57 1.99
N GLU A 20 4.65 -11.16 1.05
CA GLU A 20 5.73 -12.02 0.58
C GLU A 20 6.69 -12.36 1.71
N ARG A 21 7.21 -11.34 2.37
CA ARG A 21 8.15 -11.53 3.47
C ARG A 21 8.12 -10.33 4.42
N ALA A 22 8.04 -10.62 5.71
CA ALA A 22 8.01 -9.57 6.72
C ALA A 22 9.39 -9.39 7.36
N GLY A 23 10.09 -8.34 6.96
CA GLY A 23 11.41 -8.06 7.51
C GLY A 23 11.34 -7.39 8.87
N GLN A 24 12.51 -7.23 9.50
CA GLN A 24 12.58 -6.60 10.81
C GLN A 24 12.27 -5.11 10.71
N THR A 25 12.88 -4.44 9.74
CA THR A 25 12.67 -3.01 9.54
C THR A 25 12.06 -2.73 8.17
N SER A 26 11.54 -3.78 7.53
CA SER A 26 10.92 -3.65 6.22
C SER A 26 9.87 -4.74 5.99
N VAL A 27 8.88 -4.43 5.17
CA VAL A 27 7.82 -5.39 4.87
C VAL A 27 7.52 -5.42 3.38
N SER A 28 7.31 -6.62 2.85
CA SER A 28 7.01 -6.80 1.43
C SER A 28 5.54 -7.11 1.21
N LEU A 29 4.95 -6.50 0.19
CA LEU A 29 3.54 -6.71 -0.12
C LEU A 29 3.38 -7.38 -1.48
N LEU A 30 2.14 -7.72 -1.83
CA LEU A 30 1.85 -8.37 -3.10
C LEU A 30 0.40 -8.17 -3.49
N TRP A 31 0.17 -7.36 -4.52
CA TRP A 31 -1.18 -7.08 -5.00
C TRP A 31 -1.27 -7.29 -6.50
N GLN A 32 -2.50 -7.32 -7.01
CA GLN A 32 -2.73 -7.50 -8.45
C GLN A 32 -3.72 -6.47 -8.99
N GLU A 33 -3.70 -6.27 -10.30
CA GLU A 33 -4.60 -5.32 -10.94
C GLU A 33 -6.04 -5.57 -10.53
N PRO A 34 -6.81 -4.48 -10.38
CA PRO A 34 -8.22 -4.57 -9.99
C PRO A 34 -9.09 -5.16 -11.09
N GLU A 35 -10.37 -5.38 -10.78
CA GLU A 35 -11.30 -5.94 -11.74
C GLU A 35 -11.56 -4.96 -12.88
N GLN A 36 -11.68 -3.68 -12.54
CA GLN A 36 -11.92 -2.64 -13.54
C GLN A 36 -11.14 -1.37 -13.21
N PRO A 37 -10.02 -1.17 -13.94
CA PRO A 37 -9.16 0.00 -13.74
C PRO A 37 -9.82 1.29 -14.22
N ASN A 38 -10.84 1.15 -15.05
CA ASN A 38 -11.56 2.31 -15.57
C ASN A 38 -10.60 3.28 -16.25
N GLY A 39 -9.66 2.73 -17.02
CA GLY A 39 -8.70 3.57 -17.72
C GLY A 39 -7.29 3.02 -17.62
N ILE A 40 -6.30 3.88 -17.87
CA ILE A 40 -4.91 3.48 -17.80
C ILE A 40 -4.29 3.85 -16.46
N ILE A 41 -3.69 2.86 -15.80
CA ILE A 41 -3.07 3.07 -14.51
C ILE A 41 -1.56 3.30 -14.65
N LEU A 42 -1.09 4.46 -14.22
CA LEU A 42 0.32 4.80 -14.30
C LEU A 42 1.14 3.97 -13.31
N GLU A 43 0.90 4.21 -12.03
CA GLU A 43 1.61 3.49 -10.98
C GLU A 43 0.69 3.22 -9.78
N TYR A 44 1.20 2.48 -8.80
CA TYR A 44 0.43 2.15 -7.61
C TYR A 44 1.10 2.69 -6.35
N GLU A 45 0.38 3.54 -5.63
CA GLU A 45 0.90 4.14 -4.41
C GLU A 45 0.64 3.23 -3.21
N ILE A 46 1.59 3.19 -2.28
CA ILE A 46 1.46 2.37 -1.09
C ILE A 46 1.55 3.22 0.18
N LYS A 47 0.49 3.18 0.98
CA LYS A 47 0.44 3.94 2.23
C LYS A 47 0.77 3.05 3.42
N TYR A 48 1.86 3.37 4.12
CA TYR A 48 2.28 2.60 5.28
C TYR A 48 2.62 3.52 6.45
N TYR A 49 1.95 3.31 7.57
CA TYR A 49 2.18 4.12 8.76
C TYR A 49 2.15 3.26 10.02
N GLU A 50 2.64 3.82 11.12
CA GLU A 50 2.68 3.11 12.39
C GLU A 50 1.26 2.86 12.91
N LYS A 51 0.86 1.59 12.94
CA LYS A 51 -0.46 1.20 13.42
C LYS A 51 -0.71 1.77 14.82
N ASP A 52 0.24 1.54 15.72
CA ASP A 52 0.11 2.03 17.09
C ASP A 52 0.07 3.56 17.12
N LYS A 53 1.00 4.19 16.41
CA LYS A 53 1.06 5.65 16.36
C LYS A 53 -0.09 6.21 15.53
N GLU A 54 -0.06 5.97 14.23
CA GLU A 54 -1.10 6.46 13.33
C GLU A 54 -1.06 7.98 13.23
N MET A 55 0.13 8.53 13.01
CA MET A 55 0.31 9.97 12.89
C MET A 55 -0.29 10.48 11.59
N GLN A 56 -0.92 11.65 11.64
CA GLN A 56 -1.53 12.24 10.47
C GLN A 56 -0.63 12.09 9.25
N SER A 57 0.60 12.55 9.37
CA SER A 57 1.56 12.46 8.27
C SER A 57 1.83 11.01 7.90
N TYR A 58 1.33 10.59 6.73
CA TYR A 58 1.52 9.22 6.27
C TYR A 58 2.59 9.15 5.18
N SER A 59 3.22 7.98 5.06
CA SER A 59 4.26 7.79 4.06
C SER A 59 3.70 7.17 2.80
N THR A 60 4.05 7.74 1.65
CA THR A 60 3.58 7.24 0.37
C THR A 60 4.73 6.70 -0.47
N LEU A 61 4.57 5.48 -0.98
CA LEU A 61 5.59 4.84 -1.79
C LEU A 61 5.09 4.58 -3.21
N LYS A 62 5.86 5.00 -4.19
CA LYS A 62 5.49 4.81 -5.60
C LYS A 62 6.05 3.50 -6.13
N ALA A 63 5.24 2.77 -6.89
CA ALA A 63 5.65 1.50 -7.46
C ALA A 63 5.05 1.31 -8.85
N VAL A 64 5.90 1.00 -9.82
CA VAL A 64 5.46 0.79 -11.19
C VAL A 64 4.95 -0.64 -11.39
N THR A 65 5.56 -1.58 -10.68
CA THR A 65 5.17 -2.99 -10.78
C THR A 65 4.19 -3.36 -9.68
N THR A 66 3.57 -4.53 -9.82
CA THR A 66 2.60 -5.00 -8.84
C THR A 66 3.30 -5.65 -7.65
N ARG A 67 4.59 -5.40 -7.52
CA ARG A 67 5.38 -5.96 -6.43
C ARG A 67 6.38 -4.94 -5.89
N ALA A 68 6.33 -4.71 -4.58
CA ALA A 68 7.22 -3.76 -3.94
C ALA A 68 7.54 -4.17 -2.51
N THR A 69 8.56 -3.55 -1.93
CA THR A 69 8.96 -3.86 -0.56
C THR A 69 9.17 -2.59 0.25
N VAL A 70 8.25 -2.31 1.16
CA VAL A 70 8.33 -1.13 2.00
C VAL A 70 9.45 -1.25 3.01
N SER A 71 10.53 -0.51 2.78
CA SER A 71 11.69 -0.53 3.67
C SER A 71 11.83 0.78 4.42
N GLY A 72 12.26 0.71 5.68
CA GLY A 72 12.43 1.90 6.48
C GLY A 72 11.38 2.02 7.57
N LEU A 73 11.14 0.93 8.28
CA LEU A 73 10.15 0.92 9.36
C LEU A 73 10.79 0.54 10.68
N LYS A 74 9.99 0.55 11.74
CA LYS A 74 10.48 0.21 13.08
C LYS A 74 10.12 -1.23 13.43
N PRO A 75 11.05 -1.92 14.13
CA PRO A 75 10.85 -3.31 14.54
C PRO A 75 9.79 -3.45 15.63
N GLY A 76 9.29 -4.67 15.80
CA GLY A 76 8.27 -4.92 16.81
C GLY A 76 7.25 -3.80 16.88
N THR A 77 6.74 -3.39 15.73
CA THR A 77 5.75 -2.32 15.66
C THR A 77 4.75 -2.55 14.54
N ARG A 78 3.49 -2.74 14.92
CA ARG A 78 2.43 -2.99 13.95
C ARG A 78 2.36 -1.85 12.93
N TYR A 79 2.02 -2.20 11.69
CA TYR A 79 1.91 -1.21 10.62
C TYR A 79 0.65 -1.42 9.81
N VAL A 80 0.24 -0.38 9.07
CA VAL A 80 -0.95 -0.47 8.23
C VAL A 80 -0.63 -0.12 6.78
N PHE A 81 -0.73 -1.13 5.91
CA PHE A 81 -0.44 -0.92 4.49
C PHE A 81 -1.75 -0.79 3.70
N GLN A 82 -1.67 -0.10 2.57
CA GLN A 82 -2.84 0.10 1.71
C GLN A 82 -2.42 0.39 0.28
N VAL A 83 -2.81 -0.48 -0.64
CA VAL A 83 -2.48 -0.32 -2.05
C VAL A 83 -3.65 0.29 -2.83
N ARG A 84 -3.34 1.26 -3.68
CA ARG A 84 -4.36 1.92 -4.47
C ARG A 84 -3.83 2.24 -5.88
N ALA A 85 -4.74 2.31 -6.84
CA ALA A 85 -4.37 2.60 -8.22
C ALA A 85 -4.60 4.07 -8.55
N ARG A 86 -3.53 4.75 -8.95
CA ARG A 86 -3.61 6.16 -9.30
C ARG A 86 -3.64 6.36 -10.81
N THR A 87 -4.74 6.91 -11.31
CA THR A 87 -4.90 7.15 -12.74
C THR A 87 -4.95 8.64 -13.04
N SER A 88 -4.36 9.02 -14.18
CA SER A 88 -4.33 10.43 -14.59
C SER A 88 -5.61 11.14 -14.18
N ALA A 89 -6.73 10.44 -14.30
CA ALA A 89 -8.03 11.00 -13.93
C ALA A 89 -8.07 11.39 -12.46
N GLY A 90 -7.75 10.45 -11.59
CA GLY A 90 -7.75 10.72 -10.17
C GLY A 90 -7.23 9.55 -9.35
N CYS A 91 -7.16 9.72 -8.04
CA CYS A 91 -6.68 8.68 -7.15
C CYS A 91 -7.79 7.68 -6.84
N GLY A 92 -7.40 6.49 -6.39
CA GLY A 92 -8.38 5.46 -6.07
C GLY A 92 -8.44 5.17 -4.58
N ARG A 93 -9.48 4.46 -4.15
CA ARG A 93 -9.64 4.12 -2.75
C ARG A 93 -8.59 3.10 -2.32
N PHE A 94 -8.13 3.23 -1.07
CA PHE A 94 -7.12 2.34 -0.53
C PHE A 94 -7.63 0.90 -0.49
N SER A 95 -6.82 -0.02 -1.00
CA SER A 95 -7.19 -1.44 -1.02
C SER A 95 -7.95 -1.83 0.25
N GLN A 96 -7.21 -1.96 1.34
CA GLN A 96 -7.81 -2.32 2.62
C GLN A 96 -6.81 -2.13 3.77
N ALA A 97 -7.33 -2.02 4.98
CA ALA A 97 -6.48 -1.83 6.15
C ALA A 97 -5.88 -3.16 6.61
N MET A 98 -4.61 -3.36 6.27
CA MET A 98 -3.91 -4.59 6.65
C MET A 98 -2.90 -4.33 7.76
N GLU A 99 -3.00 -5.08 8.84
CA GLU A 99 -2.10 -4.94 9.97
C GLU A 99 -0.99 -5.98 9.93
N VAL A 100 0.26 -5.51 9.94
CA VAL A 100 1.41 -6.41 9.91
C VAL A 100 2.48 -5.97 10.90
N GLU A 101 2.97 -6.92 11.69
CA GLU A 101 4.00 -6.63 12.68
C GLU A 101 5.37 -7.10 12.20
N THR A 102 6.33 -6.19 12.18
CA THR A 102 7.68 -6.52 11.75
C THR A 102 8.40 -7.38 12.78
N GLY A 103 9.44 -8.09 12.33
CA GLY A 103 10.19 -8.94 13.23
C GLY A 103 10.68 -8.21 14.46
N LYS A 104 10.37 -8.74 15.63
CA LYS A 104 10.78 -8.13 16.89
C LYS A 104 12.29 -8.20 17.06
N PRO A 105 12.85 -7.21 17.77
CA PRO A 105 14.30 -7.13 18.02
C PRO A 105 14.77 -8.22 18.98
N SER A 106 16.08 -8.29 19.18
CA SER A 106 16.66 -9.28 20.08
C SER A 106 18.07 -8.88 20.50
N GLY A 107 18.49 -9.36 21.67
CA GLY A 107 19.82 -9.03 22.17
C GLY A 107 20.03 -9.51 23.59
N PRO A 108 21.03 -8.92 24.27
CA PRO A 108 21.36 -9.28 25.66
C PRO A 108 20.28 -8.83 26.65
N SER A 109 19.36 -9.73 26.95
CA SER A 109 18.27 -9.42 27.88
C SER A 109 18.38 -10.27 29.15
N SER A 110 17.49 -10.02 30.10
CA SER A 110 17.49 -10.76 31.36
C SER A 110 16.06 -11.09 31.79
N GLY A 111 15.92 -12.15 32.57
CA GLY A 111 14.61 -12.57 33.04
C GLY A 111 14.01 -11.56 34.00
N GLY A 1 -24.69 15.18 -35.18
CA GLY A 1 -23.44 15.28 -34.48
C GLY A 1 -23.55 14.90 -33.02
N SER A 2 -23.15 13.67 -32.69
CA SER A 2 -23.22 13.19 -31.32
C SER A 2 -22.39 14.06 -30.39
N SER A 3 -22.57 13.88 -29.09
CA SER A 3 -21.83 14.65 -28.09
C SER A 3 -20.77 13.80 -27.41
N GLY A 4 -19.77 14.46 -26.83
CA GLY A 4 -18.71 13.73 -26.15
C GLY A 4 -18.03 14.57 -25.08
N SER A 5 -16.72 14.69 -25.16
CA SER A 5 -15.95 15.46 -24.18
C SER A 5 -16.09 14.86 -22.79
N SER A 6 -16.04 13.53 -22.71
CA SER A 6 -16.17 12.84 -21.44
C SER A 6 -14.80 12.56 -20.83
N GLY A 7 -14.75 12.46 -19.51
CA GLY A 7 -13.50 12.20 -18.83
C GLY A 7 -13.38 10.77 -18.36
N GLN A 8 -12.23 10.41 -17.80
CA GLN A 8 -12.00 9.06 -17.30
C GLN A 8 -12.58 8.88 -15.90
N ALA A 9 -12.80 7.63 -15.53
CA ALA A 9 -13.36 7.32 -14.21
C ALA A 9 -12.27 6.85 -13.26
N ALA A 10 -12.40 7.23 -11.98
CA ALA A 10 -11.43 6.85 -10.97
C ALA A 10 -11.20 5.34 -10.97
N PRO A 11 -9.96 4.93 -10.67
CA PRO A 11 -9.58 3.51 -10.63
C PRO A 11 -10.21 2.78 -9.45
N SER A 12 -10.69 1.57 -9.71
CA SER A 12 -11.32 0.76 -8.67
C SER A 12 -10.35 0.49 -7.53
N GLN A 13 -10.90 0.15 -6.37
CA GLN A 13 -10.08 -0.13 -5.19
C GLN A 13 -9.56 -1.57 -5.22
N VAL A 14 -8.37 -1.78 -4.66
CA VAL A 14 -7.77 -3.10 -4.62
C VAL A 14 -8.08 -3.81 -3.32
N VAL A 15 -8.68 -4.99 -3.42
CA VAL A 15 -9.04 -5.78 -2.25
C VAL A 15 -8.21 -7.05 -2.17
N VAL A 16 -7.15 -7.11 -2.96
CA VAL A 16 -6.27 -8.29 -2.98
C VAL A 16 -4.84 -7.91 -2.58
N ILE A 17 -4.47 -8.28 -1.36
CA ILE A 17 -3.13 -7.98 -0.86
C ILE A 17 -2.60 -9.12 -0.01
N ARG A 18 -1.36 -9.53 -0.29
CA ARG A 18 -0.73 -10.62 0.45
C ARG A 18 0.66 -10.21 0.94
N GLN A 19 1.10 -10.83 2.03
CA GLN A 19 2.41 -10.52 2.60
C GLN A 19 3.45 -11.54 2.13
N GLU A 20 4.38 -11.07 1.30
CA GLU A 20 5.44 -11.94 0.78
C GLU A 20 6.51 -12.20 1.84
N ARG A 21 7.14 -11.13 2.31
CA ARG A 21 8.17 -11.25 3.33
C ARG A 21 8.32 -9.94 4.10
N ALA A 22 8.13 -10.01 5.42
CA ALA A 22 8.25 -8.83 6.27
C ALA A 22 9.58 -8.82 7.01
N GLY A 23 10.52 -8.01 6.53
CA GLY A 23 11.82 -7.93 7.16
C GLY A 23 11.77 -7.21 8.49
N GLN A 24 12.94 -7.04 9.11
CA GLN A 24 13.03 -6.36 10.40
C GLN A 24 12.60 -4.91 10.27
N THR A 25 13.22 -4.19 9.34
CA THR A 25 12.91 -2.78 9.12
C THR A 25 12.28 -2.57 7.75
N SER A 26 11.82 -3.65 7.14
CA SER A 26 11.18 -3.58 5.82
C SER A 26 10.20 -4.73 5.63
N VAL A 27 9.45 -4.68 4.53
CA VAL A 27 8.46 -5.71 4.22
C VAL A 27 8.04 -5.65 2.76
N SER A 28 7.63 -6.79 2.23
CA SER A 28 7.20 -6.87 0.84
C SER A 28 5.72 -7.27 0.74
N LEU A 29 5.02 -6.70 -0.23
CA LEU A 29 3.61 -6.99 -0.43
C LEU A 29 3.36 -7.56 -1.81
N LEU A 30 2.14 -8.03 -2.05
CA LEU A 30 1.77 -8.60 -3.33
C LEU A 30 0.28 -8.48 -3.58
N TRP A 31 -0.10 -7.57 -4.48
CA TRP A 31 -1.51 -7.36 -4.81
C TRP A 31 -1.76 -7.55 -6.30
N GLN A 32 -2.95 -8.00 -6.65
CA GLN A 32 -3.31 -8.23 -8.04
C GLN A 32 -4.11 -7.04 -8.60
N GLU A 33 -4.11 -6.90 -9.92
CA GLU A 33 -4.82 -5.82 -10.57
C GLU A 33 -6.27 -5.76 -10.11
N PRO A 34 -6.83 -4.55 -10.05
CA PRO A 34 -8.22 -4.33 -9.62
C PRO A 34 -9.22 -4.84 -10.65
N GLU A 35 -10.30 -5.47 -10.17
CA GLU A 35 -11.33 -6.00 -11.04
C GLU A 35 -11.51 -5.11 -12.27
N GLN A 36 -11.35 -3.80 -12.09
CA GLN A 36 -11.49 -2.86 -13.18
C GLN A 36 -10.61 -1.62 -12.95
N PRO A 37 -9.46 -1.57 -13.65
CA PRO A 37 -8.53 -0.45 -13.53
C PRO A 37 -9.07 0.83 -14.14
N ASN A 38 -10.21 0.72 -14.83
CA ASN A 38 -10.83 1.87 -15.47
C ASN A 38 -9.84 2.60 -16.37
N GLY A 39 -9.00 1.83 -17.07
CA GLY A 39 -8.02 2.43 -17.96
C GLY A 39 -6.60 2.04 -17.59
N ILE A 40 -5.63 2.76 -18.14
CA ILE A 40 -4.23 2.48 -17.87
C ILE A 40 -3.79 3.11 -16.55
N ILE A 41 -3.17 2.30 -15.69
CA ILE A 41 -2.69 2.77 -14.40
C ILE A 41 -1.23 3.16 -14.46
N LEU A 42 -0.92 4.39 -14.04
CA LEU A 42 0.45 4.88 -14.05
C LEU A 42 1.30 4.14 -13.01
N GLU A 43 0.82 4.12 -11.77
CA GLU A 43 1.53 3.45 -10.69
C GLU A 43 0.63 3.29 -9.47
N TYR A 44 1.06 2.45 -8.53
CA TYR A 44 0.30 2.21 -7.31
C TYR A 44 0.95 2.89 -6.11
N GLU A 45 0.12 3.46 -5.25
CA GLU A 45 0.61 4.14 -4.06
C GLU A 45 0.41 3.29 -2.81
N ILE A 46 1.45 3.22 -1.98
CA ILE A 46 1.39 2.44 -0.74
C ILE A 46 1.57 3.32 0.48
N LYS A 47 0.48 3.54 1.21
CA LYS A 47 0.53 4.36 2.41
C LYS A 47 0.52 3.50 3.67
N TYR A 48 1.52 3.68 4.52
CA TYR A 48 1.63 2.92 5.76
C TYR A 48 1.94 3.83 6.94
N TYR A 49 1.21 3.65 8.03
CA TYR A 49 1.40 4.46 9.23
C TYR A 49 1.46 3.58 10.47
N GLU A 50 1.84 4.19 11.60
CA GLU A 50 1.93 3.46 12.86
C GLU A 50 0.57 2.94 13.30
N LYS A 51 0.32 1.66 13.10
CA LYS A 51 -0.95 1.04 13.47
C LYS A 51 -1.47 1.64 14.77
N ASP A 52 -0.60 1.75 15.77
CA ASP A 52 -0.98 2.31 17.06
C ASP A 52 -1.20 3.81 16.96
N LYS A 53 -0.29 4.49 16.26
CA LYS A 53 -0.38 5.93 16.09
C LYS A 53 -0.96 6.28 14.72
N GLU A 54 -2.21 6.73 14.72
CA GLU A 54 -2.89 7.11 13.47
C GLU A 54 -2.70 8.59 13.18
N MET A 55 -2.57 8.93 11.90
CA MET A 55 -2.39 10.32 11.48
C MET A 55 -1.23 10.95 12.22
N GLN A 56 -0.22 10.15 12.55
CA GLN A 56 0.95 10.65 13.25
C GLN A 56 2.21 10.52 12.39
N SER A 57 2.28 9.44 11.62
CA SER A 57 3.43 9.20 10.76
C SER A 57 3.07 8.23 9.63
N TYR A 58 2.86 8.78 8.44
CA TYR A 58 2.50 7.97 7.28
C TYR A 58 3.50 8.17 6.14
N SER A 59 3.85 7.09 5.46
CA SER A 59 4.79 7.15 4.36
C SER A 59 4.19 6.53 3.09
N THR A 60 4.15 7.32 2.02
CA THR A 60 3.61 6.85 0.75
C THR A 60 4.71 6.34 -0.17
N LEU A 61 4.54 5.12 -0.67
CA LEU A 61 5.51 4.51 -1.57
C LEU A 61 4.99 4.46 -3.00
N LYS A 62 5.87 4.69 -3.96
CA LYS A 62 5.50 4.68 -5.36
C LYS A 62 6.04 3.43 -6.06
N ALA A 63 5.13 2.60 -6.57
CA ALA A 63 5.51 1.37 -7.24
C ALA A 63 4.85 1.28 -8.62
N VAL A 64 5.65 1.03 -9.65
CA VAL A 64 5.13 0.91 -11.01
C VAL A 64 4.51 -0.46 -11.24
N THR A 65 5.11 -1.49 -10.63
CA THR A 65 4.61 -2.84 -10.78
C THR A 65 3.73 -3.24 -9.60
N THR A 66 3.10 -4.40 -9.70
CA THR A 66 2.23 -4.89 -8.64
C THR A 66 3.03 -5.44 -7.46
N ARG A 67 4.34 -5.25 -7.51
CA ARG A 67 5.23 -5.71 -6.46
C ARG A 67 6.08 -4.58 -5.91
N ALA A 68 6.15 -4.47 -4.59
CA ALA A 68 6.94 -3.43 -3.95
C ALA A 68 7.53 -3.91 -2.64
N THR A 69 8.53 -3.19 -2.14
CA THR A 69 9.18 -3.56 -0.88
C THR A 69 9.21 -2.38 0.09
N VAL A 70 8.33 -2.43 1.08
CA VAL A 70 8.26 -1.35 2.07
C VAL A 70 9.51 -1.32 2.95
N SER A 71 10.39 -0.36 2.68
CA SER A 71 11.62 -0.22 3.43
C SER A 71 11.61 1.06 4.27
N GLY A 72 12.43 1.08 5.31
CA GLY A 72 12.50 2.25 6.17
C GLY A 72 11.44 2.23 7.26
N LEU A 73 11.42 1.17 8.05
CA LEU A 73 10.44 1.04 9.13
C LEU A 73 11.13 0.73 10.45
N LYS A 74 10.34 0.64 11.51
CA LYS A 74 10.87 0.34 12.84
C LYS A 74 10.60 -1.11 13.23
N PRO A 75 11.59 -1.75 13.88
CA PRO A 75 11.47 -3.14 14.32
C PRO A 75 10.48 -3.31 15.45
N GLY A 76 9.69 -4.38 15.40
CA GLY A 76 8.70 -4.63 16.43
C GLY A 76 7.69 -3.51 16.56
N THR A 77 7.12 -3.11 15.43
CA THR A 77 6.12 -2.03 15.43
C THR A 77 5.07 -2.27 14.34
N ARG A 78 3.85 -2.56 14.77
CA ARG A 78 2.75 -2.81 13.83
C ARG A 78 2.63 -1.66 12.83
N TYR A 79 2.17 -1.98 11.63
CA TYR A 79 2.01 -0.98 10.59
C TYR A 79 0.81 -1.31 9.69
N VAL A 80 -0.02 -0.31 9.43
CA VAL A 80 -1.20 -0.49 8.59
C VAL A 80 -0.91 -0.10 7.15
N PHE A 81 -0.80 -1.11 6.28
CA PHE A 81 -0.52 -0.86 4.87
C PHE A 81 -1.81 -0.73 4.08
N GLN A 82 -1.75 -0.02 2.96
CA GLN A 82 -2.93 0.19 2.11
C GLN A 82 -2.51 0.53 0.68
N VAL A 83 -2.74 -0.40 -0.23
CA VAL A 83 -2.39 -0.19 -1.63
C VAL A 83 -3.54 0.47 -2.39
N ARG A 84 -3.19 1.35 -3.33
CA ARG A 84 -4.19 2.05 -4.12
C ARG A 84 -3.71 2.23 -5.57
N ALA A 85 -4.66 2.48 -6.47
CA ALA A 85 -4.33 2.66 -7.87
C ALA A 85 -4.48 4.13 -8.27
N ARG A 86 -3.60 4.59 -9.15
CA ARG A 86 -3.63 5.97 -9.62
C ARG A 86 -3.62 6.03 -11.15
N THR A 87 -4.53 6.81 -11.71
CA THR A 87 -4.62 6.95 -13.15
C THR A 87 -4.51 8.42 -13.57
N SER A 88 -3.97 8.64 -14.76
CA SER A 88 -3.80 10.00 -15.28
C SER A 88 -4.98 10.88 -14.90
N ALA A 89 -6.19 10.35 -15.10
CA ALA A 89 -7.40 11.10 -14.79
C ALA A 89 -7.39 11.56 -13.33
N GLY A 90 -7.43 10.60 -12.40
CA GLY A 90 -7.42 10.93 -10.99
C GLY A 90 -6.97 9.77 -10.12
N CYS A 91 -7.61 9.60 -8.98
CA CYS A 91 -7.26 8.53 -8.06
C CYS A 91 -8.50 7.78 -7.60
N GLY A 92 -8.30 6.55 -7.12
CA GLY A 92 -9.42 5.74 -6.66
C GLY A 92 -9.56 5.76 -5.15
N ARG A 93 -9.49 4.58 -4.55
CA ARG A 93 -9.62 4.45 -3.10
C ARG A 93 -8.54 3.53 -2.54
N PHE A 94 -8.22 3.70 -1.25
CA PHE A 94 -7.21 2.89 -0.60
C PHE A 94 -7.75 1.48 -0.31
N SER A 95 -6.97 0.48 -0.65
CA SER A 95 -7.36 -0.92 -0.43
C SER A 95 -7.78 -1.13 1.02
N GLN A 96 -8.20 -2.36 1.33
CA GLN A 96 -8.62 -2.70 2.68
C GLN A 96 -7.49 -2.49 3.68
N ALA A 97 -7.85 -2.13 4.90
CA ALA A 97 -6.87 -1.89 5.96
C ALA A 97 -6.09 -3.17 6.27
N MET A 98 -4.84 -3.22 5.83
CA MET A 98 -3.98 -4.38 6.06
C MET A 98 -3.13 -4.18 7.29
N GLU A 99 -2.92 -5.26 8.05
CA GLU A 99 -2.11 -5.20 9.26
C GLU A 99 -0.92 -6.15 9.17
N VAL A 100 0.28 -5.61 9.35
CA VAL A 100 1.49 -6.42 9.28
C VAL A 100 2.54 -5.91 10.27
N GLU A 101 3.11 -6.83 11.04
CA GLU A 101 4.12 -6.48 12.03
C GLU A 101 5.52 -6.79 11.50
N THR A 102 6.36 -5.76 11.42
CA THR A 102 7.73 -5.92 10.94
C THR A 102 8.45 -7.03 11.69
N GLY A 103 9.71 -7.26 11.33
CA GLY A 103 10.49 -8.30 11.98
C GLY A 103 11.03 -7.85 13.32
N LYS A 104 10.48 -8.40 14.39
CA LYS A 104 10.90 -8.05 15.75
C LYS A 104 12.40 -8.27 15.91
N PRO A 105 13.03 -7.46 16.79
CA PRO A 105 14.47 -7.55 17.06
C PRO A 105 14.84 -8.83 17.80
N SER A 106 15.14 -9.87 17.04
CA SER A 106 15.52 -11.16 17.63
C SER A 106 16.63 -11.82 16.82
N GLY A 107 17.26 -12.84 17.40
CA GLY A 107 18.33 -13.54 16.72
C GLY A 107 18.06 -15.03 16.60
N PRO A 108 18.88 -15.71 15.78
CA PRO A 108 18.74 -17.15 15.56
C PRO A 108 19.13 -17.97 16.79
N SER A 109 19.45 -17.27 17.88
CA SER A 109 19.84 -17.93 19.12
C SER A 109 19.10 -19.25 19.29
N SER A 110 17.80 -19.23 18.99
CA SER A 110 16.97 -20.42 19.13
C SER A 110 16.47 -20.89 17.76
N GLY A 111 16.69 -22.16 17.46
CA GLY A 111 16.25 -22.71 16.18
C GLY A 111 17.41 -22.89 15.21
N GLY A 1 -21.09 19.71 -27.22
CA GLY A 1 -20.40 19.15 -26.08
C GLY A 1 -21.36 18.53 -25.08
N SER A 2 -21.60 17.23 -25.21
CA SER A 2 -22.50 16.52 -24.32
C SER A 2 -21.98 16.55 -22.88
N SER A 3 -20.76 16.04 -22.69
CA SER A 3 -20.14 16.01 -21.36
C SER A 3 -18.86 16.83 -21.35
N GLY A 4 -18.44 17.22 -20.15
CA GLY A 4 -17.23 18.01 -20.01
C GLY A 4 -16.28 17.44 -18.98
N SER A 5 -16.27 18.01 -17.79
CA SER A 5 -15.41 17.56 -16.71
C SER A 5 -15.40 16.04 -16.62
N SER A 6 -16.59 15.44 -16.71
CA SER A 6 -16.72 13.99 -16.64
C SER A 6 -15.87 13.31 -17.71
N GLY A 7 -15.38 12.12 -17.39
CA GLY A 7 -14.55 11.39 -18.32
C GLY A 7 -14.46 9.91 -17.99
N GLN A 8 -13.24 9.39 -17.96
CA GLN A 8 -13.02 7.97 -17.65
C GLN A 8 -13.28 7.69 -16.17
N ALA A 9 -14.22 6.78 -15.91
CA ALA A 9 -14.56 6.42 -14.53
C ALA A 9 -13.33 5.93 -13.78
N ALA A 10 -13.37 6.05 -12.45
CA ALA A 10 -12.27 5.62 -11.61
C ALA A 10 -12.08 4.11 -11.68
N PRO A 11 -10.85 3.65 -11.43
CA PRO A 11 -10.51 2.23 -11.46
C PRO A 11 -11.13 1.46 -10.30
N SER A 12 -10.80 0.17 -10.19
CA SER A 12 -11.33 -0.67 -9.13
C SER A 12 -10.40 -0.64 -7.91
N GLN A 13 -11.00 -0.43 -6.74
CA GLN A 13 -10.23 -0.38 -5.50
C GLN A 13 -9.46 -1.67 -5.28
N VAL A 14 -8.14 -1.58 -5.43
CA VAL A 14 -7.26 -2.75 -5.26
C VAL A 14 -7.53 -3.44 -3.92
N VAL A 15 -8.26 -4.55 -3.98
CA VAL A 15 -8.59 -5.31 -2.77
C VAL A 15 -7.69 -6.52 -2.63
N VAL A 16 -6.82 -6.73 -3.62
CA VAL A 16 -5.90 -7.86 -3.60
C VAL A 16 -4.57 -7.47 -2.97
N ILE A 17 -4.35 -7.91 -1.73
CA ILE A 17 -3.12 -7.61 -1.02
C ILE A 17 -2.67 -8.80 -0.17
N ARG A 18 -1.44 -9.25 -0.40
CA ARG A 18 -0.89 -10.38 0.33
C ARG A 18 0.52 -10.07 0.83
N GLN A 19 0.97 -10.83 1.83
CA GLN A 19 2.30 -10.63 2.40
C GLN A 19 3.25 -11.73 1.95
N GLU A 20 4.11 -11.42 0.99
CA GLU A 20 5.08 -12.39 0.47
C GLU A 20 6.07 -12.78 1.55
N ARG A 21 6.80 -11.80 2.07
CA ARG A 21 7.79 -12.04 3.11
C ARG A 21 7.78 -10.91 4.14
N ALA A 22 8.49 -11.13 5.25
CA ALA A 22 8.57 -10.14 6.31
C ALA A 22 9.88 -10.26 7.08
N GLY A 23 10.64 -9.17 7.12
CA GLY A 23 11.91 -9.17 7.82
C GLY A 23 11.84 -8.45 9.15
N GLN A 24 12.94 -7.82 9.54
CA GLN A 24 13.00 -7.09 10.81
C GLN A 24 12.57 -5.64 10.61
N THR A 25 13.21 -4.96 9.66
CA THR A 25 12.88 -3.56 9.38
C THR A 25 12.35 -3.39 7.96
N SER A 26 11.92 -4.50 7.36
CA SER A 26 11.39 -4.47 6.00
C SER A 26 10.21 -5.42 5.86
N VAL A 27 9.41 -5.21 4.83
CA VAL A 27 8.24 -6.04 4.57
C VAL A 27 7.85 -6.03 3.10
N SER A 28 7.63 -7.21 2.54
CA SER A 28 7.25 -7.33 1.14
C SER A 28 5.74 -7.44 0.98
N LEU A 29 5.19 -6.72 0.02
CA LEU A 29 3.75 -6.74 -0.24
C LEU A 29 3.46 -7.17 -1.67
N LEU A 30 2.41 -7.97 -1.83
CA LEU A 30 2.02 -8.46 -3.15
C LEU A 30 0.55 -8.18 -3.42
N TRP A 31 0.27 -7.26 -4.33
CA TRP A 31 -1.10 -6.91 -4.67
C TRP A 31 -1.37 -7.13 -6.16
N GLN A 32 -2.58 -7.56 -6.48
CA GLN A 32 -2.95 -7.80 -7.88
C GLN A 32 -3.63 -6.58 -8.48
N GLU A 33 -3.69 -6.53 -9.80
CA GLU A 33 -4.32 -5.42 -10.50
C GLU A 33 -5.78 -5.26 -10.07
N PRO A 34 -6.34 -4.07 -10.33
CA PRO A 34 -7.72 -3.76 -9.97
C PRO A 34 -8.72 -4.52 -10.84
N GLU A 35 -9.59 -5.30 -10.19
CA GLU A 35 -10.59 -6.08 -10.92
C GLU A 35 -11.05 -5.35 -12.17
N GLN A 36 -11.13 -4.03 -12.09
CA GLN A 36 -11.55 -3.21 -13.22
C GLN A 36 -10.87 -1.84 -13.20
N PRO A 37 -9.84 -1.68 -14.04
CA PRO A 37 -9.09 -0.43 -14.13
C PRO A 37 -9.91 0.70 -14.76
N ASN A 38 -10.77 0.34 -15.71
CA ASN A 38 -11.61 1.33 -16.38
C ASN A 38 -10.77 2.41 -17.02
N GLY A 39 -9.59 2.04 -17.53
CA GLY A 39 -8.71 3.00 -18.16
C GLY A 39 -7.25 2.63 -18.02
N ILE A 40 -6.37 3.62 -18.11
CA ILE A 40 -4.94 3.39 -17.99
C ILE A 40 -4.44 3.78 -16.60
N ILE A 41 -3.51 3.00 -16.08
CA ILE A 41 -2.94 3.26 -14.76
C ILE A 41 -1.51 3.76 -14.87
N LEU A 42 -1.22 4.85 -14.15
CA LEU A 42 0.12 5.44 -14.17
C LEU A 42 1.05 4.69 -13.23
N GLU A 43 0.70 4.65 -11.95
CA GLU A 43 1.51 3.97 -10.95
C GLU A 43 0.70 3.68 -9.69
N TYR A 44 1.27 2.89 -8.79
CA TYR A 44 0.60 2.53 -7.55
C TYR A 44 1.27 3.21 -6.36
N GLU A 45 0.48 3.51 -5.33
CA GLU A 45 0.99 4.16 -4.13
C GLU A 45 0.77 3.29 -2.90
N ILE A 46 1.72 3.32 -1.98
CA ILE A 46 1.64 2.54 -0.76
C ILE A 46 1.81 3.41 0.48
N LYS A 47 0.78 3.46 1.31
CA LYS A 47 0.83 4.26 2.53
C LYS A 47 1.05 3.38 3.76
N TYR A 48 2.15 3.61 4.46
CA TYR A 48 2.48 2.83 5.65
C TYR A 48 2.68 3.74 6.86
N TYR A 49 2.05 3.39 7.98
CA TYR A 49 2.17 4.18 9.19
C TYR A 49 2.04 3.29 10.43
N GLU A 50 2.39 3.85 11.59
CA GLU A 50 2.32 3.10 12.84
C GLU A 50 0.86 2.86 13.24
N LYS A 51 0.39 1.64 13.01
CA LYS A 51 -0.99 1.28 13.35
C LYS A 51 -1.35 1.76 14.75
N ASP A 52 -0.35 1.80 15.63
CA ASP A 52 -0.57 2.23 17.00
C ASP A 52 -0.73 3.75 17.07
N LYS A 53 0.16 4.47 16.41
CA LYS A 53 0.11 5.93 16.39
C LYS A 53 -1.01 6.42 15.49
N GLU A 54 -0.87 6.17 14.18
CA GLU A 54 -1.88 6.58 13.22
C GLU A 54 -2.13 8.09 13.30
N MET A 55 -1.04 8.86 13.31
CA MET A 55 -1.12 10.31 13.38
C MET A 55 -1.29 10.91 11.99
N GLN A 56 -1.50 12.23 11.94
CA GLN A 56 -1.68 12.92 10.67
C GLN A 56 -0.47 12.70 9.77
N SER A 57 0.72 12.87 10.32
CA SER A 57 1.95 12.69 9.55
C SER A 57 2.10 11.25 9.10
N TYR A 58 1.83 11.00 7.81
CA TYR A 58 1.93 9.66 7.25
C TYR A 58 2.90 9.64 6.07
N SER A 59 3.55 8.50 5.88
CA SER A 59 4.50 8.34 4.78
C SER A 59 3.85 7.66 3.58
N THR A 60 4.38 7.94 2.38
CA THR A 60 3.85 7.35 1.16
C THR A 60 4.96 6.81 0.28
N LEU A 61 4.68 5.73 -0.42
CA LEU A 61 5.65 5.11 -1.32
C LEU A 61 5.13 5.04 -2.74
N LYS A 62 6.05 4.98 -3.70
CA LYS A 62 5.68 4.91 -5.11
C LYS A 62 6.24 3.64 -5.75
N ALA A 63 5.40 2.95 -6.50
CA ALA A 63 5.79 1.72 -7.17
C ALA A 63 5.14 1.59 -8.54
N VAL A 64 5.94 1.26 -9.55
CA VAL A 64 5.43 1.10 -10.91
C VAL A 64 4.91 -0.32 -11.14
N THR A 65 5.51 -1.29 -10.47
CA THR A 65 5.11 -2.68 -10.61
C THR A 65 4.18 -3.10 -9.47
N THR A 66 3.54 -4.25 -9.64
CA THR A 66 2.62 -4.75 -8.62
C THR A 66 3.38 -5.45 -7.49
N ARG A 67 4.67 -5.17 -7.40
CA ARG A 67 5.51 -5.77 -6.37
C ARG A 67 6.44 -4.74 -5.75
N ALA A 68 6.36 -4.59 -4.43
CA ALA A 68 7.19 -3.63 -3.72
C ALA A 68 7.47 -4.10 -2.29
N THR A 69 8.62 -3.70 -1.75
CA THR A 69 9.01 -4.07 -0.40
C THR A 69 9.30 -2.84 0.45
N VAL A 70 8.38 -2.53 1.36
CA VAL A 70 8.55 -1.37 2.24
C VAL A 70 9.73 -1.57 3.18
N SER A 71 10.80 -0.80 2.93
CA SER A 71 11.99 -0.89 3.76
C SER A 71 12.18 0.38 4.59
N GLY A 72 12.90 0.25 5.69
CA GLY A 72 13.13 1.40 6.56
C GLY A 72 12.10 1.52 7.66
N LEU A 73 11.71 0.39 8.24
CA LEU A 73 10.73 0.37 9.31
C LEU A 73 11.36 -0.06 10.63
N LYS A 74 10.65 0.19 11.73
CA LYS A 74 11.14 -0.18 13.05
C LYS A 74 10.73 -1.61 13.41
N PRO A 75 11.63 -2.32 14.08
CA PRO A 75 11.38 -3.71 14.50
C PRO A 75 10.33 -3.80 15.60
N GLY A 76 9.60 -4.91 15.63
CA GLY A 76 8.57 -5.11 16.64
C GLY A 76 7.59 -3.96 16.67
N THR A 77 7.13 -3.52 15.50
CA THR A 77 6.18 -2.43 15.41
C THR A 77 5.22 -2.62 14.25
N ARG A 78 3.97 -2.94 14.57
CA ARG A 78 2.96 -3.17 13.53
C ARG A 78 2.85 -1.96 12.62
N TYR A 79 2.54 -2.21 11.34
CA TYR A 79 2.42 -1.15 10.35
C TYR A 79 1.25 -1.41 9.42
N VAL A 80 0.40 -0.40 9.25
CA VAL A 80 -0.77 -0.52 8.38
C VAL A 80 -0.43 -0.10 6.95
N PHE A 81 -0.58 -1.02 6.01
CA PHE A 81 -0.29 -0.74 4.60
C PHE A 81 -1.57 -0.51 3.82
N GLN A 82 -1.48 0.29 2.77
CA GLN A 82 -2.64 0.59 1.93
C GLN A 82 -2.22 0.88 0.50
N VAL A 83 -2.65 0.01 -0.42
CA VAL A 83 -2.31 0.16 -1.83
C VAL A 83 -3.51 0.64 -2.63
N ARG A 84 -3.26 1.49 -3.62
CA ARG A 84 -4.32 2.02 -4.47
C ARG A 84 -3.80 2.39 -5.85
N ALA A 85 -4.67 2.36 -6.84
CA ALA A 85 -4.29 2.69 -8.21
C ALA A 85 -4.74 4.10 -8.58
N ARG A 86 -3.85 4.85 -9.22
CA ARG A 86 -4.15 6.21 -9.62
C ARG A 86 -4.08 6.36 -11.14
N THR A 87 -5.23 6.59 -11.76
CA THR A 87 -5.31 6.75 -13.21
C THR A 87 -5.44 8.21 -13.60
N SER A 88 -4.78 8.59 -14.69
CA SER A 88 -4.82 9.98 -15.16
C SER A 88 -6.18 10.60 -14.89
N ALA A 89 -7.24 9.84 -15.14
CA ALA A 89 -8.60 10.32 -14.92
C ALA A 89 -8.80 10.77 -13.48
N GLY A 90 -8.69 9.83 -12.54
CA GLY A 90 -8.86 10.15 -11.14
C GLY A 90 -8.06 9.23 -10.24
N CYS A 91 -8.14 9.47 -8.93
CA CYS A 91 -7.41 8.66 -7.96
C CYS A 91 -8.37 7.78 -7.17
N GLY A 92 -8.02 6.50 -7.05
CA GLY A 92 -8.86 5.57 -6.32
C GLY A 92 -8.71 5.71 -4.82
N ARG A 93 -9.57 5.02 -4.06
CA ARG A 93 -9.52 5.07 -2.61
C ARG A 93 -8.60 3.98 -2.06
N PHE A 94 -7.91 4.30 -0.96
CA PHE A 94 -7.00 3.36 -0.34
C PHE A 94 -7.73 2.07 0.05
N SER A 95 -7.15 0.94 -0.31
CA SER A 95 -7.74 -0.36 -0.01
C SER A 95 -7.94 -0.52 1.50
N GLN A 96 -8.55 -1.63 1.89
CA GLN A 96 -8.81 -1.91 3.30
C GLN A 96 -7.51 -1.80 4.11
N ALA A 97 -7.65 -1.34 5.35
CA ALA A 97 -6.50 -1.18 6.23
C ALA A 97 -5.80 -2.51 6.46
N MET A 98 -4.61 -2.66 5.88
CA MET A 98 -3.83 -3.89 6.03
C MET A 98 -3.14 -3.94 7.38
N GLU A 99 -2.99 -5.14 7.94
CA GLU A 99 -2.33 -5.31 9.23
C GLU A 99 -1.17 -6.30 9.12
N VAL A 100 0.01 -5.85 9.52
CA VAL A 100 1.20 -6.70 9.47
C VAL A 100 2.25 -6.23 10.48
N GLU A 101 2.91 -7.20 11.12
CA GLU A 101 3.93 -6.89 12.11
C GLU A 101 5.31 -7.23 11.59
N THR A 102 6.31 -6.46 12.02
CA THR A 102 7.68 -6.67 11.59
C THR A 102 8.42 -7.61 12.55
N GLY A 103 9.63 -8.00 12.18
CA GLY A 103 10.43 -8.89 13.02
C GLY A 103 10.86 -8.22 14.30
N LYS A 104 10.59 -8.88 15.43
CA LYS A 104 10.97 -8.35 16.74
C LYS A 104 12.49 -8.30 16.89
N PRO A 105 12.98 -7.32 17.66
CA PRO A 105 14.41 -7.15 17.91
C PRO A 105 15.00 -8.27 18.77
N SER A 106 14.15 -9.23 19.13
CA SER A 106 14.58 -10.35 19.96
C SER A 106 15.92 -10.91 19.47
N GLY A 107 16.00 -11.19 18.18
CA GLY A 107 17.22 -11.72 17.61
C GLY A 107 17.29 -11.55 16.11
N PRO A 108 18.51 -11.56 15.55
CA PRO A 108 18.73 -11.41 14.11
C PRO A 108 18.27 -12.63 13.33
N SER A 109 18.01 -13.72 14.04
CA SER A 109 17.56 -14.96 13.40
C SER A 109 16.25 -15.45 14.02
N SER A 110 15.54 -16.30 13.30
CA SER A 110 14.28 -16.84 13.78
C SER A 110 14.33 -17.12 15.28
N GLY A 111 15.28 -17.95 15.69
CA GLY A 111 15.43 -18.29 17.09
C GLY A 111 16.64 -17.61 17.72
N GLY A 1 -11.89 24.49 -18.24
CA GLY A 1 -10.99 25.01 -17.23
C GLY A 1 -10.87 24.11 -16.02
N SER A 2 -10.80 24.71 -14.84
CA SER A 2 -10.68 23.96 -13.60
C SER A 2 -11.60 22.75 -13.61
N SER A 3 -12.90 23.00 -13.73
CA SER A 3 -13.89 21.93 -13.75
C SER A 3 -13.59 20.94 -14.87
N GLY A 4 -13.44 19.67 -14.51
CA GLY A 4 -13.16 18.64 -15.49
C GLY A 4 -13.73 17.30 -15.10
N SER A 5 -15.06 17.18 -15.16
CA SER A 5 -15.74 15.95 -14.81
C SER A 5 -15.69 14.95 -15.97
N SER A 6 -16.23 15.36 -17.11
CA SER A 6 -16.25 14.50 -18.30
C SER A 6 -14.85 14.00 -18.63
N GLY A 7 -14.71 12.69 -18.71
CA GLY A 7 -13.41 12.11 -19.02
C GLY A 7 -13.43 10.58 -18.95
N GLN A 8 -12.55 10.02 -18.13
CA GLN A 8 -12.46 8.57 -17.98
C GLN A 8 -12.90 8.15 -16.58
N ALA A 9 -13.25 6.88 -16.45
CA ALA A 9 -13.69 6.34 -15.16
C ALA A 9 -12.50 5.99 -14.28
N ALA A 10 -12.72 5.96 -12.97
CA ALA A 10 -11.66 5.64 -12.02
C ALA A 10 -11.52 4.13 -11.85
N PRO A 11 -10.29 3.68 -11.53
CA PRO A 11 -10.00 2.27 -11.33
C PRO A 11 -10.65 1.71 -10.06
N SER A 12 -11.00 0.43 -10.09
CA SER A 12 -11.63 -0.22 -8.95
C SER A 12 -10.62 -0.42 -7.83
N GLN A 13 -11.00 -0.03 -6.61
CA GLN A 13 -10.13 -0.17 -5.45
C GLN A 13 -9.67 -1.62 -5.29
N VAL A 14 -8.35 -1.82 -5.31
CA VAL A 14 -7.77 -3.15 -5.17
C VAL A 14 -8.25 -3.81 -3.87
N VAL A 15 -8.92 -4.95 -4.01
CA VAL A 15 -9.42 -5.69 -2.86
C VAL A 15 -8.64 -6.98 -2.65
N VAL A 16 -7.46 -7.07 -3.25
CA VAL A 16 -6.61 -8.24 -3.13
C VAL A 16 -5.18 -7.87 -2.74
N ILE A 17 -4.78 -8.28 -1.55
CA ILE A 17 -3.44 -7.98 -1.05
C ILE A 17 -2.88 -9.16 -0.25
N ARG A 18 -1.61 -9.46 -0.47
CA ARG A 18 -0.95 -10.56 0.22
C ARG A 18 0.43 -10.15 0.71
N GLN A 19 0.78 -10.57 1.92
CA GLN A 19 2.08 -10.24 2.50
C GLN A 19 3.09 -11.35 2.23
N GLU A 20 3.99 -11.11 1.28
CA GLU A 20 5.01 -12.09 0.94
C GLU A 20 5.86 -12.44 2.15
N ARG A 21 6.59 -11.45 2.68
CA ARG A 21 7.44 -11.67 3.84
C ARG A 21 7.55 -10.39 4.68
N ALA A 22 7.68 -10.56 5.98
CA ALA A 22 7.80 -9.43 6.89
C ALA A 22 9.10 -9.49 7.69
N GLY A 23 10.07 -8.68 7.29
CA GLY A 23 11.35 -8.66 7.98
C GLY A 23 11.58 -7.36 8.73
N GLN A 24 12.69 -7.29 9.45
CA GLN A 24 13.03 -6.10 10.23
C GLN A 24 13.06 -4.86 9.34
N THR A 25 12.42 -3.79 9.80
CA THR A 25 12.38 -2.55 9.04
C THR A 25 12.18 -2.82 7.55
N SER A 26 11.46 -3.89 7.24
CA SER A 26 11.19 -4.26 5.85
C SER A 26 9.91 -5.08 5.74
N VAL A 27 9.20 -4.91 4.64
CA VAL A 27 7.95 -5.63 4.40
C VAL A 27 7.64 -5.72 2.92
N SER A 28 7.33 -6.93 2.46
CA SER A 28 7.01 -7.16 1.05
C SER A 28 5.50 -7.25 0.85
N LEU A 29 4.99 -6.50 -0.12
CA LEU A 29 3.56 -6.49 -0.42
C LEU A 29 3.30 -7.00 -1.84
N LEU A 30 2.33 -7.90 -1.97
CA LEU A 30 1.98 -8.47 -3.26
C LEU A 30 0.48 -8.31 -3.54
N TRP A 31 0.13 -7.34 -4.36
CA TRP A 31 -1.26 -7.09 -4.71
C TRP A 31 -1.52 -7.40 -6.18
N GLN A 32 -2.70 -7.94 -6.47
CA GLN A 32 -3.07 -8.29 -7.84
C GLN A 32 -3.80 -7.12 -8.51
N GLU A 33 -3.62 -7.00 -9.82
CA GLU A 33 -4.26 -5.93 -10.58
C GLU A 33 -5.76 -5.90 -10.32
N PRO A 34 -6.35 -4.70 -10.41
CA PRO A 34 -7.78 -4.51 -10.19
C PRO A 34 -8.63 -5.12 -11.29
N GLU A 35 -9.73 -5.76 -10.90
CA GLU A 35 -10.62 -6.40 -11.86
C GLU A 35 -11.01 -5.42 -12.98
N GLN A 36 -11.20 -4.16 -12.61
CA GLN A 36 -11.56 -3.13 -13.58
C GLN A 36 -10.71 -1.88 -13.39
N PRO A 37 -9.70 -1.71 -14.25
CA PRO A 37 -8.80 -0.55 -14.20
C PRO A 37 -9.49 0.75 -14.59
N ASN A 38 -10.41 0.65 -15.55
CA ASN A 38 -11.15 1.82 -16.02
C ASN A 38 -10.19 2.91 -16.49
N GLY A 39 -9.19 2.51 -17.27
CA GLY A 39 -8.22 3.47 -17.78
C GLY A 39 -6.79 2.96 -17.66
N ILE A 40 -5.84 3.88 -17.77
CA ILE A 40 -4.44 3.52 -17.68
C ILE A 40 -3.88 3.79 -16.28
N ILE A 41 -3.28 2.77 -15.68
CA ILE A 41 -2.70 2.90 -14.35
C ILE A 41 -1.24 3.31 -14.41
N LEU A 42 -0.95 4.54 -14.00
CA LEU A 42 0.42 5.05 -14.01
C LEU A 42 1.29 4.30 -13.02
N GLU A 43 0.94 4.39 -11.74
CA GLU A 43 1.70 3.71 -10.69
C GLU A 43 0.83 3.48 -9.45
N TYR A 44 1.23 2.53 -8.62
CA TYR A 44 0.49 2.21 -7.41
C TYR A 44 1.13 2.87 -6.20
N GLU A 45 0.29 3.45 -5.34
CA GLU A 45 0.77 4.12 -4.14
C GLU A 45 0.55 3.25 -2.90
N ILE A 46 1.55 3.19 -2.03
CA ILE A 46 1.47 2.40 -0.81
C ILE A 46 1.58 3.28 0.43
N LYS A 47 0.51 3.32 1.21
CA LYS A 47 0.49 4.11 2.44
C LYS A 47 0.74 3.23 3.66
N TYR A 48 1.85 3.49 4.34
CA TYR A 48 2.21 2.73 5.53
C TYR A 48 2.52 3.65 6.70
N TYR A 49 1.85 3.42 7.82
CA TYR A 49 2.06 4.24 9.02
C TYR A 49 1.96 3.38 10.29
N GLU A 50 2.41 3.94 11.40
CA GLU A 50 2.38 3.24 12.67
C GLU A 50 0.96 2.76 12.99
N LYS A 51 0.77 1.44 12.96
CA LYS A 51 -0.53 0.85 13.25
C LYS A 51 -1.20 1.54 14.43
N ASP A 52 -0.47 1.60 15.55
CA ASP A 52 -0.99 2.24 16.76
C ASP A 52 -1.00 3.75 16.61
N LYS A 53 0.04 4.29 16.00
CA LYS A 53 0.16 5.73 15.79
C LYS A 53 -0.20 6.11 14.36
N GLU A 54 -1.40 6.68 14.18
CA GLU A 54 -1.85 7.08 12.85
C GLU A 54 -1.59 8.56 12.61
N MET A 55 -2.16 9.41 13.47
CA MET A 55 -1.98 10.85 13.36
C MET A 55 -0.50 11.22 13.36
N GLN A 56 0.27 10.53 14.19
CA GLN A 56 1.70 10.79 14.29
C GLN A 56 2.27 11.21 12.94
N SER A 57 2.31 10.28 12.00
CA SER A 57 2.84 10.55 10.67
C SER A 57 2.51 9.41 9.71
N TYR A 58 2.40 9.74 8.42
CA TYR A 58 2.09 8.75 7.41
C TYR A 58 3.13 8.77 6.29
N SER A 59 3.55 7.60 5.86
CA SER A 59 4.53 7.48 4.79
C SER A 59 3.89 6.96 3.51
N THR A 60 4.41 7.41 2.36
CA THR A 60 3.88 7.00 1.07
C THR A 60 5.00 6.47 0.17
N LEU A 61 4.67 5.47 -0.64
CA LEU A 61 5.65 4.88 -1.55
C LEU A 61 5.04 4.65 -2.93
N LYS A 62 5.78 5.05 -3.96
CA LYS A 62 5.31 4.90 -5.33
C LYS A 62 5.95 3.68 -6.00
N ALA A 63 5.11 2.80 -6.54
CA ALA A 63 5.59 1.60 -7.20
C ALA A 63 4.99 1.46 -8.59
N VAL A 64 5.85 1.25 -9.58
CA VAL A 64 5.40 1.10 -10.96
C VAL A 64 4.82 -0.29 -11.20
N THR A 65 5.40 -1.30 -10.55
CA THR A 65 4.93 -2.67 -10.69
C THR A 65 4.03 -3.07 -9.52
N THR A 66 3.38 -4.22 -9.66
CA THR A 66 2.49 -4.71 -8.62
C THR A 66 3.26 -5.40 -7.50
N ARG A 67 4.57 -5.17 -7.48
CA ARG A 67 5.43 -5.76 -6.46
C ARG A 67 6.40 -4.72 -5.89
N ALA A 68 6.36 -4.55 -4.57
CA ALA A 68 7.23 -3.59 -3.90
C ALA A 68 7.44 -3.98 -2.44
N THR A 69 8.65 -3.71 -1.94
CA THR A 69 8.99 -4.03 -0.56
C THR A 69 9.23 -2.77 0.25
N VAL A 70 8.26 -2.41 1.08
CA VAL A 70 8.37 -1.22 1.92
C VAL A 70 9.51 -1.35 2.91
N SER A 71 10.63 -0.68 2.62
CA SER A 71 11.80 -0.73 3.49
C SER A 71 12.02 0.62 4.17
N GLY A 72 12.31 0.58 5.47
CA GLY A 72 12.53 1.80 6.21
C GLY A 72 11.55 1.98 7.35
N LEU A 73 11.20 0.88 8.01
CA LEU A 73 10.27 0.92 9.13
C LEU A 73 10.96 0.56 10.44
N LYS A 74 10.22 0.63 11.53
CA LYS A 74 10.76 0.31 12.85
C LYS A 74 10.53 -1.15 13.19
N PRO A 75 11.51 -1.77 13.87
CA PRO A 75 11.43 -3.17 14.28
C PRO A 75 10.40 -3.40 15.38
N GLY A 76 9.78 -4.57 15.37
CA GLY A 76 8.78 -4.89 16.38
C GLY A 76 7.73 -3.81 16.51
N THR A 77 7.32 -3.24 15.39
CA THR A 77 6.31 -2.18 15.39
C THR A 77 5.27 -2.42 14.30
N ARG A 78 4.04 -2.69 14.72
CA ARG A 78 2.96 -2.94 13.78
C ARG A 78 2.80 -1.77 12.81
N TYR A 79 2.30 -2.07 11.61
CA TYR A 79 2.11 -1.04 10.59
C TYR A 79 0.86 -1.32 9.77
N VAL A 80 0.27 -0.26 9.23
CA VAL A 80 -0.94 -0.40 8.41
C VAL A 80 -0.66 -0.05 6.96
N PHE A 81 -0.71 -1.06 6.10
CA PHE A 81 -0.46 -0.87 4.68
C PHE A 81 -1.77 -0.68 3.91
N GLN A 82 -1.71 0.08 2.82
CA GLN A 82 -2.89 0.33 2.01
C GLN A 82 -2.50 0.62 0.55
N VAL A 83 -2.79 -0.33 -0.33
CA VAL A 83 -2.47 -0.18 -1.74
C VAL A 83 -3.63 0.44 -2.50
N ARG A 84 -3.31 1.29 -3.48
CA ARG A 84 -4.33 1.95 -4.29
C ARG A 84 -3.84 2.16 -5.72
N ALA A 85 -4.78 2.33 -6.64
CA ALA A 85 -4.45 2.54 -8.04
C ALA A 85 -4.83 3.94 -8.49
N ARG A 86 -3.87 4.66 -9.07
CA ARG A 86 -4.09 6.01 -9.54
C ARG A 86 -3.97 6.08 -11.06
N THR A 87 -4.92 6.79 -11.69
CA THR A 87 -4.92 6.95 -13.14
C THR A 87 -5.04 8.40 -13.53
N SER A 88 -4.52 8.74 -14.72
CA SER A 88 -4.56 10.11 -15.22
C SER A 88 -5.90 10.76 -14.86
N ALA A 89 -6.99 10.02 -15.05
CA ALA A 89 -8.32 10.54 -14.75
C ALA A 89 -8.38 11.12 -13.35
N GLY A 90 -8.07 10.30 -12.35
CA GLY A 90 -8.11 10.75 -10.98
C GLY A 90 -7.31 9.86 -10.05
N CYS A 91 -7.89 9.54 -8.90
CA CYS A 91 -7.23 8.68 -7.91
C CYS A 91 -8.25 7.83 -7.17
N GLY A 92 -8.01 6.52 -7.15
CA GLY A 92 -8.91 5.61 -6.47
C GLY A 92 -8.80 5.71 -4.96
N ARG A 93 -9.51 4.83 -4.26
CA ARG A 93 -9.49 4.83 -2.80
C ARG A 93 -8.48 3.81 -2.28
N PHE A 94 -8.03 4.02 -1.04
CA PHE A 94 -7.06 3.12 -0.42
C PHE A 94 -7.70 1.78 -0.08
N SER A 95 -7.02 0.69 -0.45
CA SER A 95 -7.53 -0.65 -0.17
C SER A 95 -7.90 -0.80 1.29
N GLN A 96 -8.41 -1.98 1.65
CA GLN A 96 -8.81 -2.26 3.02
C GLN A 96 -7.62 -2.11 3.97
N ALA A 97 -7.90 -1.63 5.18
CA ALA A 97 -6.86 -1.44 6.18
C ALA A 97 -6.11 -2.75 6.45
N MET A 98 -4.88 -2.83 5.97
CA MET A 98 -4.06 -4.02 6.16
C MET A 98 -3.20 -3.89 7.41
N GLU A 99 -2.96 -5.02 8.08
CA GLU A 99 -2.16 -5.03 9.29
C GLU A 99 -0.95 -5.96 9.13
N VAL A 100 0.24 -5.40 9.34
CA VAL A 100 1.47 -6.18 9.23
C VAL A 100 2.51 -5.70 10.24
N GLU A 101 3.25 -6.65 10.81
CA GLU A 101 4.28 -6.34 11.79
C GLU A 101 5.67 -6.65 11.25
N THR A 102 6.66 -5.88 11.69
CA THR A 102 8.03 -6.07 11.24
C THR A 102 8.77 -7.06 12.15
N GLY A 103 10.03 -7.31 11.83
CA GLY A 103 10.83 -8.23 12.62
C GLY A 103 11.20 -7.66 13.97
N LYS A 104 11.08 -8.47 15.02
CA LYS A 104 11.40 -8.03 16.37
C LYS A 104 12.91 -8.11 16.62
N PRO A 105 13.43 -7.14 17.38
CA PRO A 105 14.86 -7.07 17.71
C PRO A 105 15.28 -8.19 18.67
N SER A 106 16.38 -8.85 18.35
CA SER A 106 16.89 -9.94 19.18
C SER A 106 16.74 -9.60 20.66
N GLY A 107 17.38 -8.51 21.08
CA GLY A 107 17.31 -8.10 22.47
C GLY A 107 16.77 -6.69 22.63
N PRO A 108 16.82 -6.16 23.86
CA PRO A 108 16.34 -4.82 24.17
C PRO A 108 17.23 -3.73 23.57
N SER A 109 16.86 -3.28 22.37
CA SER A 109 17.62 -2.24 21.68
C SER A 109 17.93 -1.08 22.63
N SER A 110 16.89 -0.50 23.20
CA SER A 110 17.05 0.62 24.12
C SER A 110 18.11 0.32 25.17
N GLY A 111 17.96 -0.82 25.85
CA GLY A 111 18.92 -1.21 26.86
C GLY A 111 18.32 -1.16 28.26
N GLY A 1 -15.53 24.97 -14.95
CA GLY A 1 -14.54 25.82 -14.31
C GLY A 1 -13.20 25.14 -14.15
N SER A 2 -12.41 25.61 -13.18
CA SER A 2 -11.08 25.04 -12.94
C SER A 2 -11.19 23.60 -12.49
N SER A 3 -12.15 23.33 -11.61
CA SER A 3 -12.36 21.97 -11.10
C SER A 3 -13.75 21.47 -11.45
N GLY A 4 -13.81 20.48 -12.34
CA GLY A 4 -15.09 19.93 -12.74
C GLY A 4 -14.94 18.60 -13.47
N SER A 5 -15.35 18.56 -14.73
CA SER A 5 -15.27 17.35 -15.52
C SER A 5 -13.83 17.07 -15.94
N SER A 6 -13.36 15.85 -15.67
CA SER A 6 -12.00 15.46 -16.00
C SER A 6 -11.96 14.75 -17.36
N GLY A 7 -12.84 13.77 -17.54
CA GLY A 7 -12.88 13.04 -18.78
C GLY A 7 -13.19 11.57 -18.58
N GLN A 8 -12.18 10.81 -18.17
CA GLN A 8 -12.34 9.38 -17.94
C GLN A 8 -12.80 9.11 -16.52
N ALA A 9 -13.22 7.88 -16.27
CA ALA A 9 -13.69 7.48 -14.94
C ALA A 9 -12.54 6.99 -14.07
N ALA A 10 -12.81 6.85 -12.77
CA ALA A 10 -11.79 6.38 -11.84
C ALA A 10 -11.76 4.86 -11.78
N PRO A 11 -10.58 4.30 -11.48
CA PRO A 11 -10.39 2.85 -11.37
C PRO A 11 -11.09 2.26 -10.16
N SER A 12 -11.05 0.93 -10.05
CA SER A 12 -11.69 0.24 -8.94
C SER A 12 -10.73 0.09 -7.77
N GLN A 13 -11.20 -0.50 -6.68
CA GLN A 13 -10.39 -0.70 -5.49
C GLN A 13 -9.87 -2.14 -5.43
N VAL A 14 -8.56 -2.29 -5.31
CA VAL A 14 -7.94 -3.60 -5.22
C VAL A 14 -8.18 -4.25 -3.86
N VAL A 15 -8.97 -5.32 -3.84
CA VAL A 15 -9.27 -6.02 -2.60
C VAL A 15 -8.41 -7.27 -2.45
N VAL A 16 -7.32 -7.32 -3.21
CA VAL A 16 -6.41 -8.46 -3.16
C VAL A 16 -5.02 -8.04 -2.69
N ILE A 17 -4.70 -8.37 -1.44
CA ILE A 17 -3.42 -8.02 -0.86
C ILE A 17 -2.88 -9.15 0.02
N ARG A 18 -1.65 -9.58 -0.23
CA ARG A 18 -1.04 -10.65 0.54
C ARG A 18 0.39 -10.28 0.92
N GLN A 19 0.82 -10.72 2.10
CA GLN A 19 2.16 -10.43 2.59
C GLN A 19 3.13 -11.54 2.17
N GLU A 20 4.06 -11.20 1.29
CA GLU A 20 5.04 -12.17 0.82
C GLU A 20 6.03 -12.53 1.92
N ARG A 21 6.68 -11.52 2.48
CA ARG A 21 7.65 -11.73 3.55
C ARG A 21 7.75 -10.50 4.44
N ALA A 22 8.19 -10.71 5.68
CA ALA A 22 8.33 -9.61 6.63
C ALA A 22 9.61 -9.75 7.45
N GLY A 23 10.46 -8.74 7.38
CA GLY A 23 11.71 -8.77 8.12
C GLY A 23 11.94 -7.52 8.94
N GLN A 24 13.18 -7.26 9.30
CA GLN A 24 13.52 -6.08 10.10
C GLN A 24 13.30 -4.81 9.32
N THR A 25 12.46 -3.93 9.86
CA THR A 25 12.15 -2.65 9.20
C THR A 25 11.94 -2.85 7.70
N SER A 26 11.43 -4.01 7.33
CA SER A 26 11.18 -4.32 5.92
C SER A 26 9.97 -5.24 5.77
N VAL A 27 9.10 -4.91 4.82
CA VAL A 27 7.91 -5.71 4.57
C VAL A 27 7.56 -5.72 3.08
N SER A 28 7.10 -6.87 2.60
CA SER A 28 6.73 -7.02 1.20
C SER A 28 5.23 -7.14 1.04
N LEU A 29 4.69 -6.52 -0.01
CA LEU A 29 3.26 -6.57 -0.27
C LEU A 29 2.97 -7.15 -1.64
N LEU A 30 1.81 -7.77 -1.79
CA LEU A 30 1.42 -8.38 -3.06
C LEU A 30 -0.04 -8.05 -3.39
N TRP A 31 -0.23 -7.27 -4.45
CA TRP A 31 -1.58 -6.90 -4.87
C TRP A 31 -1.74 -7.07 -6.38
N GLN A 32 -3.00 -7.07 -6.84
CA GLN A 32 -3.29 -7.24 -8.26
C GLN A 32 -4.11 -6.07 -8.78
N GLU A 33 -4.16 -5.94 -10.11
CA GLU A 33 -4.92 -4.86 -10.73
C GLU A 33 -6.36 -4.86 -10.25
N PRO A 34 -6.94 -3.65 -10.14
CA PRO A 34 -8.33 -3.49 -9.69
C PRO A 34 -9.34 -3.99 -10.73
N GLU A 35 -10.45 -4.53 -10.24
CA GLU A 35 -11.49 -5.05 -11.12
C GLU A 35 -11.56 -4.24 -12.42
N GLN A 36 -11.89 -2.96 -12.29
CA GLN A 36 -12.00 -2.08 -13.45
C GLN A 36 -11.07 -0.89 -13.30
N PRO A 37 -9.92 -0.94 -14.00
CA PRO A 37 -8.93 0.14 -13.98
C PRO A 37 -9.42 1.40 -14.67
N ASN A 38 -10.33 1.24 -15.62
CA ASN A 38 -10.88 2.36 -16.36
C ASN A 38 -9.78 3.20 -16.98
N GLY A 39 -8.73 2.52 -17.47
CA GLY A 39 -7.62 3.23 -18.08
C GLY A 39 -6.28 2.70 -17.61
N ILE A 40 -5.21 3.16 -18.25
CA ILE A 40 -3.86 2.73 -17.89
C ILE A 40 -3.47 3.25 -16.50
N ILE A 41 -2.91 2.36 -15.69
CA ILE A 41 -2.49 2.74 -14.34
C ILE A 41 -1.03 3.17 -14.33
N LEU A 42 -0.81 4.48 -14.16
CA LEU A 42 0.54 5.03 -14.12
C LEU A 42 1.41 4.28 -13.11
N GLU A 43 0.95 4.23 -11.86
CA GLU A 43 1.69 3.54 -10.82
C GLU A 43 0.82 3.38 -9.57
N TYR A 44 1.22 2.44 -8.70
CA TYR A 44 0.48 2.19 -7.47
C TYR A 44 1.15 2.88 -6.27
N GLU A 45 0.35 3.20 -5.27
CA GLU A 45 0.87 3.86 -4.07
C GLU A 45 0.49 3.07 -2.81
N ILE A 46 1.48 2.84 -1.96
CA ILE A 46 1.25 2.10 -0.72
C ILE A 46 1.35 3.03 0.49
N LYS A 47 0.41 2.88 1.42
CA LYS A 47 0.40 3.69 2.63
C LYS A 47 0.71 2.84 3.86
N TYR A 48 1.83 3.13 4.51
CA TYR A 48 2.24 2.39 5.69
C TYR A 48 2.45 3.33 6.88
N TYR A 49 1.68 3.13 7.94
CA TYR A 49 1.78 3.96 9.13
C TYR A 49 1.81 3.10 10.39
N GLU A 50 2.34 3.67 11.48
CA GLU A 50 2.44 2.95 12.74
C GLU A 50 1.07 2.45 13.19
N LYS A 51 0.87 1.15 13.12
CA LYS A 51 -0.40 0.54 13.52
C LYS A 51 -0.85 1.06 14.89
N ASP A 52 0.04 0.95 15.87
CA ASP A 52 -0.26 1.41 17.22
C ASP A 52 -0.33 2.93 17.28
N LYS A 53 0.61 3.59 16.61
CA LYS A 53 0.66 5.04 16.58
C LYS A 53 0.10 5.58 15.26
N GLU A 54 -1.11 6.14 15.33
CA GLU A 54 -1.75 6.69 14.13
C GLU A 54 -1.66 8.21 14.13
N MET A 55 -0.93 8.75 13.15
CA MET A 55 -0.77 10.20 13.03
C MET A 55 -1.11 10.67 11.62
N GLN A 56 -1.62 11.89 11.52
CA GLN A 56 -1.98 12.46 10.22
C GLN A 56 -0.87 12.26 9.21
N SER A 57 0.38 12.47 9.65
CA SER A 57 1.53 12.32 8.77
C SER A 57 1.83 10.84 8.51
N TYR A 58 1.61 10.41 7.27
CA TYR A 58 1.85 9.03 6.90
C TYR A 58 2.84 8.94 5.74
N SER A 59 3.53 7.81 5.65
CA SER A 59 4.51 7.59 4.59
C SER A 59 3.89 6.83 3.42
N THR A 60 4.15 7.30 2.21
CA THR A 60 3.63 6.67 1.00
C THR A 60 4.75 6.19 0.09
N LEU A 61 4.59 5.01 -0.48
CA LEU A 61 5.59 4.44 -1.36
C LEU A 61 5.05 4.33 -2.79
N LYS A 62 5.90 4.63 -3.76
CA LYS A 62 5.51 4.56 -5.17
C LYS A 62 6.05 3.28 -5.82
N ALA A 63 5.13 2.44 -6.28
CA ALA A 63 5.51 1.18 -6.92
C ALA A 63 4.95 1.11 -8.34
N VAL A 64 5.81 0.81 -9.31
CA VAL A 64 5.41 0.70 -10.70
C VAL A 64 4.82 -0.66 -11.00
N THR A 65 5.36 -1.69 -10.35
CA THR A 65 4.88 -3.06 -10.55
C THR A 65 3.93 -3.47 -9.44
N THR A 66 3.36 -4.66 -9.56
CA THR A 66 2.43 -5.18 -8.57
C THR A 66 3.17 -5.79 -7.38
N ARG A 67 4.46 -5.49 -7.28
CA ARG A 67 5.28 -6.01 -6.20
C ARG A 67 6.24 -4.94 -5.66
N ALA A 68 6.22 -4.75 -4.34
CA ALA A 68 7.09 -3.76 -3.71
C ALA A 68 7.40 -4.14 -2.27
N THR A 69 8.54 -3.69 -1.77
CA THR A 69 8.95 -3.98 -0.40
C THR A 69 9.16 -2.70 0.39
N VAL A 70 8.21 -2.40 1.28
CA VAL A 70 8.30 -1.21 2.11
C VAL A 70 9.42 -1.32 3.12
N SER A 71 10.54 -0.64 2.85
CA SER A 71 11.68 -0.67 3.73
C SER A 71 11.84 0.66 4.48
N GLY A 72 12.59 0.64 5.57
CA GLY A 72 12.80 1.85 6.34
C GLY A 72 11.70 2.08 7.36
N LEU A 73 11.21 1.00 7.96
CA LEU A 73 10.15 1.09 8.95
C LEU A 73 10.69 0.91 10.35
N LYS A 74 9.81 0.99 11.35
CA LYS A 74 10.21 0.84 12.74
C LYS A 74 10.19 -0.64 13.15
N PRO A 75 11.26 -1.09 13.82
CA PRO A 75 11.38 -2.48 14.27
C PRO A 75 10.41 -2.80 15.41
N GLY A 76 9.91 -4.04 15.42
CA GLY A 76 8.99 -4.44 16.46
C GLY A 76 7.82 -3.50 16.60
N THR A 77 7.28 -3.05 15.47
CA THR A 77 6.15 -2.13 15.48
C THR A 77 5.20 -2.42 14.33
N ARG A 78 3.97 -2.81 14.67
CA ARG A 78 2.96 -3.11 13.67
C ARG A 78 2.72 -1.92 12.74
N TYR A 79 2.51 -2.21 11.47
CA TYR A 79 2.27 -1.17 10.48
C TYR A 79 1.07 -1.51 9.60
N VAL A 80 0.26 -0.49 9.30
CA VAL A 80 -0.91 -0.68 8.46
C VAL A 80 -0.63 -0.33 7.01
N PHE A 81 -0.61 -1.35 6.15
CA PHE A 81 -0.35 -1.15 4.73
C PHE A 81 -1.64 -0.94 3.96
N GLN A 82 -1.55 -0.23 2.84
CA GLN A 82 -2.72 0.04 2.01
C GLN A 82 -2.31 0.35 0.57
N VAL A 83 -2.73 -0.50 -0.35
CA VAL A 83 -2.41 -0.31 -1.76
C VAL A 83 -3.45 0.56 -2.45
N ARG A 84 -3.02 1.32 -3.46
CA ARG A 84 -3.92 2.20 -4.20
C ARG A 84 -3.42 2.41 -5.62
N ALA A 85 -4.31 2.82 -6.51
CA ALA A 85 -3.96 3.07 -7.90
C ALA A 85 -3.82 4.56 -8.17
N ARG A 86 -3.30 4.90 -9.35
CA ARG A 86 -3.11 6.29 -9.73
C ARG A 86 -3.30 6.48 -11.24
N THR A 87 -4.41 7.10 -11.62
CA THR A 87 -4.71 7.33 -13.03
C THR A 87 -4.96 8.81 -13.30
N SER A 88 -4.61 9.25 -14.50
CA SER A 88 -4.79 10.64 -14.89
C SER A 88 -6.11 11.19 -14.34
N ALA A 89 -7.19 10.47 -14.59
CA ALA A 89 -8.52 10.87 -14.12
C ALA A 89 -8.53 11.05 -12.61
N GLY A 90 -8.24 9.98 -11.89
CA GLY A 90 -8.22 10.03 -10.44
C GLY A 90 -7.19 9.11 -9.82
N CYS A 91 -7.16 9.05 -8.50
CA CYS A 91 -6.20 8.20 -7.79
C CYS A 91 -6.93 7.06 -7.08
N GLY A 92 -8.17 6.82 -7.47
CA GLY A 92 -8.95 5.76 -6.85
C GLY A 92 -8.82 5.75 -5.34
N ARG A 93 -9.32 4.70 -4.71
CA ARG A 93 -9.27 4.58 -3.26
C ARG A 93 -8.34 3.44 -2.85
N PHE A 94 -7.86 3.47 -1.61
CA PHE A 94 -6.97 2.45 -1.09
C PHE A 94 -7.64 1.08 -1.14
N SER A 95 -6.86 0.03 -0.87
CA SER A 95 -7.37 -1.33 -0.88
C SER A 95 -8.13 -1.64 0.40
N GLN A 96 -7.40 -1.91 1.47
CA GLN A 96 -8.01 -2.23 2.76
C GLN A 96 -6.99 -2.11 3.89
N ALA A 97 -7.49 -1.97 5.12
CA ALA A 97 -6.63 -1.84 6.27
C ALA A 97 -5.89 -3.14 6.56
N MET A 98 -4.62 -3.20 6.18
CA MET A 98 -3.81 -4.39 6.39
C MET A 98 -3.03 -4.30 7.71
N GLU A 99 -2.79 -5.45 8.34
CA GLU A 99 -2.06 -5.48 9.60
C GLU A 99 -0.86 -6.42 9.49
N VAL A 100 0.32 -5.89 9.80
CA VAL A 100 1.55 -6.68 9.75
C VAL A 100 2.60 -6.14 10.72
N GLU A 101 3.43 -7.02 11.24
CA GLU A 101 4.47 -6.63 12.18
C GLU A 101 5.86 -6.90 11.59
N THR A 102 6.79 -5.98 11.86
CA THR A 102 8.15 -6.11 11.36
C THR A 102 8.97 -7.03 12.24
N GLY A 103 10.22 -7.29 11.84
CA GLY A 103 11.09 -8.16 12.61
C GLY A 103 11.72 -7.44 13.78
N LYS A 104 11.41 -7.89 14.99
CA LYS A 104 11.96 -7.29 16.21
C LYS A 104 13.47 -7.35 16.20
N PRO A 105 14.10 -6.41 16.93
CA PRO A 105 15.57 -6.34 17.03
C PRO A 105 16.16 -7.49 17.82
N SER A 106 17.23 -8.07 17.30
CA SER A 106 17.89 -9.19 17.97
C SER A 106 19.35 -8.85 18.29
N GLY A 107 19.85 -9.41 19.38
CA GLY A 107 21.23 -9.17 19.78
C GLY A 107 21.76 -10.23 20.73
N PRO A 108 23.06 -10.52 20.61
CA PRO A 108 23.72 -11.53 21.44
C PRO A 108 23.86 -11.08 22.89
N SER A 109 23.33 -11.88 23.81
CA SER A 109 23.38 -11.56 25.24
C SER A 109 24.04 -12.70 26.01
N SER A 110 25.19 -12.40 26.62
CA SER A 110 25.93 -13.39 27.40
C SER A 110 25.17 -13.74 28.68
N GLY A 111 25.26 -15.01 29.08
CA GLY A 111 24.59 -15.46 30.27
C GLY A 111 23.14 -15.82 30.02
#